data_2YR3
#
_entry.id   2YR3
#
_entity_poly.entity_id   1
_entity_poly.type   'polypeptide(L)'
_entity_poly.pdbx_seq_one_letter_code
;GSSGSSGMEVAPSFSSVLKDCAVIEGQDFVLQCSVRGTPVPRITWLLNGQPIQYARSTCEAGVAELHIQDALPEDHGTYT
CLAENALGQVSCSAWVTVH
;
_entity_poly.pdbx_strand_id   A
#
# COMPACT_ATOMS: atom_id res chain seq x y z
N GLY A 1 -37.08 16.87 9.80
CA GLY A 1 -35.87 16.97 9.01
C GLY A 1 -34.63 17.11 9.88
N SER A 2 -33.46 17.15 9.23
CA SER A 2 -32.20 17.28 9.94
C SER A 2 -31.13 17.92 9.06
N SER A 3 -30.52 18.99 9.55
CA SER A 3 -29.49 19.70 8.80
C SER A 3 -28.37 18.74 8.40
N GLY A 4 -27.89 18.89 7.16
CA GLY A 4 -26.83 18.03 6.67
C GLY A 4 -26.14 18.60 5.45
N SER A 5 -24.94 18.14 5.17
CA SER A 5 -24.17 18.60 4.02
C SER A 5 -23.65 17.43 3.21
N SER A 6 -23.78 17.52 1.88
CA SER A 6 -23.32 16.47 1.00
C SER A 6 -21.79 16.46 0.91
N GLY A 7 -21.22 15.26 0.74
CA GLY A 7 -19.78 15.15 0.65
C GLY A 7 -19.13 14.90 1.99
N MET A 8 -19.53 13.83 2.66
CA MET A 8 -18.98 13.48 3.97
C MET A 8 -17.78 12.55 3.83
N GLU A 9 -16.93 12.52 4.86
CA GLU A 9 -15.75 11.68 4.85
C GLU A 9 -16.15 10.20 4.77
N VAL A 10 -15.14 9.32 4.85
CA VAL A 10 -15.38 7.88 4.80
C VAL A 10 -14.25 7.11 5.47
N ALA A 11 -14.53 5.87 5.85
CA ALA A 11 -13.53 5.03 6.49
C ALA A 11 -12.64 4.34 5.46
N PRO A 12 -11.41 4.00 5.88
CA PRO A 12 -10.44 3.34 5.01
C PRO A 12 -10.83 1.92 4.68
N SER A 13 -10.48 1.48 3.47
CA SER A 13 -10.81 0.12 3.02
C SER A 13 -9.99 -0.26 1.79
N PHE A 14 -9.84 -1.56 1.57
CA PHE A 14 -9.08 -2.06 0.44
C PHE A 14 -9.98 -2.77 -0.56
N SER A 15 -10.19 -2.14 -1.71
CA SER A 15 -11.04 -2.71 -2.75
C SER A 15 -10.36 -3.90 -3.42
N SER A 16 -9.06 -3.77 -3.65
CA SER A 16 -8.29 -4.83 -4.30
C SER A 16 -6.98 -5.09 -3.55
N VAL A 17 -7.04 -5.98 -2.56
CA VAL A 17 -5.86 -6.31 -1.77
C VAL A 17 -4.72 -6.78 -2.65
N LEU A 18 -3.51 -6.76 -2.12
CA LEU A 18 -2.33 -7.19 -2.86
C LEU A 18 -2.37 -8.69 -3.12
N LYS A 19 -1.75 -9.12 -4.22
CA LYS A 19 -1.71 -10.52 -4.58
C LYS A 19 -0.28 -11.01 -4.77
N ASP A 20 -0.09 -12.32 -4.78
CA ASP A 20 1.24 -12.90 -4.95
C ASP A 20 1.87 -12.44 -6.26
N CYS A 21 3.19 -12.39 -6.29
CA CYS A 21 3.92 -11.96 -7.48
C CYS A 21 5.36 -12.47 -7.45
N ALA A 22 5.87 -12.86 -8.62
CA ALA A 22 7.23 -13.36 -8.71
C ALA A 22 8.08 -12.46 -9.62
N VAL A 23 9.37 -12.36 -9.31
CA VAL A 23 10.29 -11.53 -10.08
C VAL A 23 11.68 -12.12 -10.09
N ILE A 24 12.48 -11.76 -11.10
CA ILE A 24 13.84 -12.25 -11.21
C ILE A 24 14.83 -11.32 -10.51
N GLU A 25 15.83 -11.91 -9.87
CA GLU A 25 16.85 -11.13 -9.16
C GLU A 25 17.45 -10.08 -10.08
N GLY A 26 17.30 -8.81 -9.70
CA GLY A 26 17.84 -7.73 -10.50
C GLY A 26 16.78 -6.99 -11.29
N GLN A 27 15.57 -7.55 -11.31
CA GLN A 27 14.46 -6.95 -12.04
C GLN A 27 13.69 -5.98 -11.15
N ASP A 28 12.79 -5.21 -11.76
CA ASP A 28 11.99 -4.24 -11.02
C ASP A 28 10.54 -4.71 -10.92
N PHE A 29 9.93 -4.41 -9.77
CA PHE A 29 8.54 -4.80 -9.54
C PHE A 29 7.84 -3.80 -8.61
N VAL A 30 6.69 -3.30 -9.06
CA VAL A 30 5.93 -2.34 -8.27
C VAL A 30 4.60 -2.94 -7.80
N LEU A 31 4.38 -2.92 -6.50
CA LEU A 31 3.15 -3.46 -5.92
C LEU A 31 2.02 -2.44 -6.00
N GLN A 32 1.05 -2.71 -6.87
CA GLN A 32 -0.09 -1.81 -7.03
C GLN A 32 -1.35 -2.42 -6.44
N CYS A 33 -2.10 -1.61 -5.70
CA CYS A 33 -3.34 -2.07 -5.07
C CYS A 33 -4.39 -0.97 -5.09
N SER A 34 -5.55 -1.27 -4.52
CA SER A 34 -6.65 -0.31 -4.47
C SER A 34 -7.13 -0.09 -3.03
N VAL A 35 -7.19 1.17 -2.63
CA VAL A 35 -7.62 1.52 -1.28
C VAL A 35 -8.44 2.80 -1.27
N ARG A 36 -9.60 2.75 -0.62
CA ARG A 36 -10.48 3.91 -0.55
C ARG A 36 -10.52 4.47 0.88
N GLY A 37 -11.08 5.67 1.01
CA GLY A 37 -11.17 6.30 2.32
C GLY A 37 -11.13 7.82 2.24
N THR A 38 -11.47 8.46 3.35
CA THR A 38 -11.48 9.92 3.40
C THR A 38 -11.45 10.43 4.84
N PRO A 39 -10.45 11.25 5.16
CA PRO A 39 -9.43 11.67 4.19
C PRO A 39 -8.50 10.53 3.81
N VAL A 40 -7.64 10.77 2.81
CA VAL A 40 -6.70 9.76 2.36
C VAL A 40 -5.91 9.17 3.52
N PRO A 41 -6.00 7.84 3.68
CA PRO A 41 -5.30 7.12 4.75
C PRO A 41 -3.79 7.11 4.56
N ARG A 42 -3.05 7.06 5.66
CA ARG A 42 -1.60 7.04 5.61
C ARG A 42 -1.10 5.74 5.00
N ILE A 43 -0.24 5.86 3.98
CA ILE A 43 0.31 4.70 3.31
C ILE A 43 1.73 4.41 3.78
N THR A 44 1.90 3.31 4.50
CA THR A 44 3.21 2.92 5.02
C THR A 44 3.48 1.44 4.77
N TRP A 45 4.51 1.17 3.97
CA TRP A 45 4.89 -0.20 3.65
C TRP A 45 5.95 -0.72 4.61
N LEU A 46 5.86 -1.98 4.98
CA LEU A 46 6.83 -2.59 5.89
C LEU A 46 7.19 -4.01 5.43
N LEU A 47 8.43 -4.41 5.69
CA LEU A 47 8.90 -5.73 5.30
C LEU A 47 8.76 -6.71 6.46
N ASN A 48 7.61 -7.36 6.56
CA ASN A 48 7.36 -8.33 7.62
C ASN A 48 8.04 -7.90 8.91
N GLY A 49 7.93 -6.62 9.24
CA GLY A 49 8.53 -6.11 10.46
C GLY A 49 8.48 -4.60 10.54
N GLN A 50 9.62 -3.95 10.26
CA GLN A 50 9.71 -2.49 10.31
C GLN A 50 9.36 -1.89 8.95
N PRO A 51 8.93 -0.62 8.97
CA PRO A 51 8.55 0.10 7.75
C PRO A 51 9.76 0.42 6.88
N ILE A 52 9.53 0.50 5.57
CA ILE A 52 10.60 0.80 4.62
C ILE A 52 10.97 2.29 4.66
N GLN A 53 12.23 2.58 4.39
CA GLN A 53 12.71 3.96 4.39
C GLN A 53 13.04 4.43 2.98
N TYR A 54 13.39 3.49 2.11
CA TYR A 54 13.72 3.80 0.73
C TYR A 54 12.58 3.43 -0.21
N ALA A 55 11.35 3.59 0.28
CA ALA A 55 10.17 3.28 -0.52
C ALA A 55 9.56 4.53 -1.13
N ARG A 56 9.60 4.63 -2.45
CA ARG A 56 9.05 5.78 -3.16
C ARG A 56 7.59 5.54 -3.52
N SER A 57 6.82 5.05 -2.57
CA SER A 57 5.40 4.77 -2.80
C SER A 57 4.70 6.00 -3.39
N THR A 58 3.64 5.74 -4.16
CA THR A 58 2.87 6.81 -4.78
C THR A 58 1.39 6.49 -4.81
N CYS A 59 0.61 7.27 -4.06
CA CYS A 59 -0.83 7.06 -3.99
C CYS A 59 -1.56 8.06 -4.89
N GLU A 60 -2.16 7.56 -5.96
CA GLU A 60 -2.90 8.40 -6.90
C GLU A 60 -4.30 7.86 -7.15
N ALA A 61 -5.28 8.75 -7.12
CA ALA A 61 -6.68 8.36 -7.35
C ALA A 61 -7.04 7.13 -6.53
N GLY A 62 -6.62 7.12 -5.26
CA GLY A 62 -6.92 6.01 -4.39
C GLY A 62 -6.21 4.74 -4.82
N VAL A 63 -5.01 4.89 -5.38
CA VAL A 63 -4.23 3.74 -5.84
C VAL A 63 -2.83 3.76 -5.23
N ALA A 64 -2.62 2.91 -4.21
CA ALA A 64 -1.33 2.83 -3.55
C ALA A 64 -0.36 1.95 -4.34
N GLU A 65 0.80 2.52 -4.67
CA GLU A 65 1.82 1.79 -5.42
C GLU A 65 3.17 1.87 -4.73
N LEU A 66 3.95 0.80 -4.84
CA LEU A 66 5.28 0.75 -4.23
C LEU A 66 6.31 0.22 -5.21
N HIS A 67 7.11 1.12 -5.77
CA HIS A 67 8.14 0.74 -6.72
C HIS A 67 9.36 0.16 -6.01
N ILE A 68 9.73 -1.06 -6.38
CA ILE A 68 10.87 -1.73 -5.78
C ILE A 68 11.89 -2.15 -6.83
N GLN A 69 12.99 -1.40 -6.92
CA GLN A 69 14.03 -1.72 -7.89
C GLN A 69 15.12 -2.56 -7.26
N ASP A 70 15.85 -3.30 -8.10
CA ASP A 70 16.93 -4.16 -7.62
C ASP A 70 16.39 -5.25 -6.70
N ALA A 71 15.37 -5.96 -7.17
CA ALA A 71 14.77 -7.03 -6.39
C ALA A 71 15.83 -8.01 -5.89
N LEU A 72 16.13 -7.92 -4.60
CA LEU A 72 17.13 -8.80 -3.99
C LEU A 72 16.48 -10.05 -3.39
N PRO A 73 17.26 -11.12 -3.24
CA PRO A 73 16.78 -12.39 -2.68
C PRO A 73 16.48 -12.28 -1.19
N GLU A 74 16.82 -11.14 -0.60
CA GLU A 74 16.59 -10.91 0.82
C GLU A 74 15.30 -10.12 1.03
N ASP A 75 14.62 -9.79 -0.05
CA ASP A 75 13.38 -9.04 0.01
C ASP A 75 12.17 -9.98 0.05
N HIS A 76 12.37 -11.19 -0.45
CA HIS A 76 11.30 -12.18 -0.49
C HIS A 76 10.66 -12.33 0.88
N GLY A 77 9.49 -11.70 1.05
CA GLY A 77 8.79 -11.78 2.32
C GLY A 77 7.33 -11.42 2.19
N THR A 78 6.82 -10.66 3.16
CA THR A 78 5.42 -10.26 3.16
C THR A 78 5.28 -8.76 3.37
N TYR A 79 4.93 -8.04 2.31
CA TYR A 79 4.78 -6.59 2.39
C TYR A 79 3.42 -6.23 3.00
N THR A 80 3.45 -5.35 4.01
CA THR A 80 2.24 -4.92 4.68
C THR A 80 1.97 -3.44 4.44
N CYS A 81 0.82 -3.14 3.86
CA CYS A 81 0.45 -1.75 3.57
C CYS A 81 -0.65 -1.28 4.52
N LEU A 82 -0.25 -0.51 5.54
CA LEU A 82 -1.21 0.00 6.52
C LEU A 82 -1.87 1.28 6.01
N ALA A 83 -3.18 1.36 6.16
CA ALA A 83 -3.93 2.53 5.72
C ALA A 83 -5.00 2.92 6.74
N GLU A 84 -4.74 4.00 7.46
CA GLU A 84 -5.68 4.48 8.48
C GLU A 84 -5.89 5.98 8.36
N ASN A 85 -7.06 6.44 8.78
CA ASN A 85 -7.39 7.86 8.74
C ASN A 85 -8.19 8.29 9.97
N ALA A 86 -8.62 9.54 9.98
CA ALA A 86 -9.40 10.07 11.10
C ALA A 86 -10.70 9.31 11.27
N LEU A 87 -11.12 8.60 10.21
CA LEU A 87 -12.35 7.84 10.25
C LEU A 87 -12.11 6.44 10.82
N GLY A 88 -11.49 5.57 10.03
CA GLY A 88 -11.21 4.22 10.48
C GLY A 88 -9.77 3.82 10.24
N GLN A 89 -9.48 2.53 10.38
CA GLN A 89 -8.13 2.03 10.17
C GLN A 89 -8.15 0.61 9.63
N VAL A 90 -7.37 0.37 8.57
CA VAL A 90 -7.29 -0.95 7.95
C VAL A 90 -5.88 -1.26 7.48
N SER A 91 -5.59 -2.55 7.32
CA SER A 91 -4.27 -2.98 6.87
C SER A 91 -4.37 -4.26 6.04
N CYS A 92 -3.43 -4.43 5.12
CA CYS A 92 -3.39 -5.61 4.27
C CYS A 92 -1.98 -6.14 4.12
N SER A 93 -1.87 -7.42 3.72
CA SER A 93 -0.57 -8.05 3.54
C SER A 93 -0.39 -8.54 2.11
N ALA A 94 0.82 -8.98 1.79
CA ALA A 94 1.11 -9.48 0.45
C ALA A 94 2.25 -10.51 0.49
N TRP A 95 2.46 -11.19 -0.64
CA TRP A 95 3.50 -12.20 -0.73
C TRP A 95 4.30 -12.04 -2.01
N VAL A 96 5.50 -11.47 -1.90
CA VAL A 96 6.36 -11.27 -3.06
C VAL A 96 7.50 -12.28 -3.09
N THR A 97 7.70 -12.90 -4.24
CA THR A 97 8.76 -13.89 -4.41
C THR A 97 9.84 -13.39 -5.37
N VAL A 98 11.10 -13.69 -5.04
CA VAL A 98 12.21 -13.28 -5.87
C VAL A 98 13.04 -14.48 -6.32
N HIS A 99 12.88 -14.87 -7.57
CA HIS A 99 13.61 -16.01 -8.12
C HIS A 99 15.11 -15.86 -7.88
N GLY A 1 -26.71 30.98 3.41
CA GLY A 1 -26.76 30.76 1.97
C GLY A 1 -25.37 30.58 1.37
N SER A 2 -24.65 29.58 1.87
CA SER A 2 -23.30 29.31 1.38
C SER A 2 -23.23 27.94 0.72
N SER A 3 -22.26 27.77 -0.18
CA SER A 3 -22.08 26.51 -0.89
C SER A 3 -21.89 25.36 0.09
N GLY A 4 -22.96 24.62 0.34
CA GLY A 4 -22.90 23.49 1.25
C GLY A 4 -22.57 22.19 0.55
N SER A 5 -21.51 21.53 0.98
CA SER A 5 -21.09 20.27 0.38
C SER A 5 -21.77 19.09 1.08
N SER A 6 -21.73 19.10 2.41
CA SER A 6 -22.33 18.03 3.20
C SER A 6 -21.78 16.67 2.78
N GLY A 7 -20.55 16.66 2.30
CA GLY A 7 -19.93 15.43 1.86
C GLY A 7 -19.34 14.63 3.02
N MET A 8 -20.14 13.71 3.56
CA MET A 8 -19.70 12.88 4.67
C MET A 8 -18.40 12.16 4.34
N GLU A 9 -17.51 12.07 5.31
CA GLU A 9 -16.22 11.40 5.12
C GLU A 9 -16.41 9.90 4.93
N VAL A 10 -15.31 9.18 4.78
CA VAL A 10 -15.35 7.73 4.59
C VAL A 10 -14.21 7.04 5.32
N ALA A 11 -14.42 5.80 5.71
CA ALA A 11 -13.40 5.03 6.42
C ALA A 11 -12.45 4.36 5.44
N PRO A 12 -11.27 3.95 5.94
CA PRO A 12 -10.25 3.28 5.12
C PRO A 12 -10.67 1.89 4.70
N SER A 13 -10.54 1.61 3.40
CA SER A 13 -10.91 0.32 2.85
C SER A 13 -10.00 -0.06 1.67
N PHE A 14 -9.82 -1.36 1.46
CA PHE A 14 -8.99 -1.85 0.37
C PHE A 14 -9.84 -2.45 -0.75
N SER A 15 -10.13 -1.63 -1.76
CA SER A 15 -10.95 -2.08 -2.89
C SER A 15 -10.32 -3.30 -3.56
N SER A 16 -9.00 -3.26 -3.74
CA SER A 16 -8.27 -4.34 -4.37
C SER A 16 -7.01 -4.69 -3.59
N VAL A 17 -7.12 -5.68 -2.72
CA VAL A 17 -5.98 -6.11 -1.91
C VAL A 17 -4.86 -6.66 -2.77
N LEU A 18 -3.63 -6.47 -2.33
CA LEU A 18 -2.46 -6.95 -3.06
C LEU A 18 -2.56 -8.44 -3.34
N LYS A 19 -1.81 -8.90 -4.33
CA LYS A 19 -1.82 -10.32 -4.70
C LYS A 19 -0.39 -10.83 -4.89
N ASP A 20 -0.20 -12.13 -4.68
CA ASP A 20 1.11 -12.74 -4.83
C ASP A 20 1.72 -12.38 -6.18
N CYS A 21 3.03 -12.14 -6.18
CA CYS A 21 3.74 -11.79 -7.41
C CYS A 21 5.17 -12.32 -7.39
N ALA A 22 5.71 -12.59 -8.57
CA ALA A 22 7.07 -13.11 -8.70
C ALA A 22 7.95 -12.17 -9.51
N VAL A 23 9.25 -12.18 -9.23
CA VAL A 23 10.20 -11.34 -9.93
C VAL A 23 11.57 -11.99 -10.01
N ILE A 24 12.31 -11.67 -11.06
CA ILE A 24 13.64 -12.23 -11.25
C ILE A 24 14.70 -11.38 -10.54
N GLU A 25 15.75 -12.04 -10.06
CA GLU A 25 16.82 -11.35 -9.36
C GLU A 25 17.36 -10.19 -10.19
N GLY A 26 17.08 -8.97 -9.75
CA GLY A 26 17.55 -7.79 -10.46
C GLY A 26 16.43 -7.08 -11.19
N GLN A 27 15.39 -7.82 -11.56
CA GLN A 27 14.26 -7.26 -12.26
C GLN A 27 13.56 -6.20 -11.42
N ASP A 28 12.52 -5.58 -11.97
CA ASP A 28 11.77 -4.55 -11.27
C ASP A 28 10.30 -4.93 -11.16
N PHE A 29 9.69 -4.59 -10.03
CA PHE A 29 8.29 -4.90 -9.79
C PHE A 29 7.66 -3.90 -8.81
N VAL A 30 6.47 -3.41 -9.15
CA VAL A 30 5.77 -2.45 -8.31
C VAL A 30 4.39 -2.97 -7.92
N LEU A 31 4.23 -3.30 -6.64
CA LEU A 31 2.96 -3.81 -6.14
C LEU A 31 1.88 -2.74 -6.22
N GLN A 32 0.91 -2.94 -7.10
CA GLN A 32 -0.19 -1.99 -7.27
C GLN A 32 -1.46 -2.51 -6.61
N CYS A 33 -2.10 -1.64 -5.82
CA CYS A 33 -3.33 -2.01 -5.13
C CYS A 33 -4.32 -0.86 -5.12
N SER A 34 -5.57 -1.15 -4.80
CA SER A 34 -6.62 -0.13 -4.76
C SER A 34 -7.04 0.16 -3.32
N VAL A 35 -6.79 1.40 -2.89
CA VAL A 35 -7.15 1.81 -1.54
C VAL A 35 -7.89 3.15 -1.54
N ARG A 36 -9.10 3.15 -1.00
CA ARG A 36 -9.90 4.37 -0.94
C ARG A 36 -10.19 4.77 0.51
N GLY A 37 -10.45 6.05 0.72
CA GLY A 37 -10.74 6.53 2.06
C GLY A 37 -10.70 8.04 2.16
N THR A 38 -11.57 8.61 2.98
CA THR A 38 -11.61 10.06 3.16
C THR A 38 -11.72 10.42 4.64
N PRO A 39 -10.75 11.24 5.11
CA PRO A 39 -9.67 11.75 4.27
C PRO A 39 -8.68 10.66 3.86
N VAL A 40 -7.82 10.97 2.90
CA VAL A 40 -6.83 10.03 2.43
C VAL A 40 -6.08 9.38 3.60
N PRO A 41 -6.17 8.04 3.68
CA PRO A 41 -5.50 7.28 4.74
C PRO A 41 -3.99 7.26 4.60
N ARG A 42 -3.30 6.96 5.69
CA ARG A 42 -1.84 6.92 5.68
C ARG A 42 -1.34 5.65 4.99
N ILE A 43 -0.49 5.82 3.99
CA ILE A 43 0.06 4.69 3.25
C ILE A 43 1.50 4.40 3.67
N THR A 44 1.71 3.27 4.33
CA THR A 44 3.04 2.88 4.78
C THR A 44 3.30 1.39 4.51
N TRP A 45 4.46 1.11 3.91
CA TRP A 45 4.83 -0.26 3.59
C TRP A 45 5.89 -0.77 4.55
N LEU A 46 5.68 -1.98 5.08
CA LEU A 46 6.62 -2.59 6.01
C LEU A 46 6.91 -4.04 5.63
N LEU A 47 8.14 -4.47 5.89
CA LEU A 47 8.54 -5.84 5.58
C LEU A 47 8.47 -6.72 6.82
N ASN A 48 7.31 -7.32 7.05
CA ASN A 48 7.10 -8.20 8.20
C ASN A 48 7.86 -7.68 9.41
N GLY A 49 7.70 -6.40 9.71
CA GLY A 49 8.38 -5.81 10.85
C GLY A 49 8.24 -4.30 10.88
N GLN A 50 9.33 -3.60 10.57
CA GLN A 50 9.34 -2.15 10.57
C GLN A 50 9.07 -1.60 9.17
N PRO A 51 8.59 -0.35 9.11
CA PRO A 51 8.27 0.32 7.84
C PRO A 51 9.53 0.65 7.03
N ILE A 52 9.45 0.47 5.71
CA ILE A 52 10.56 0.75 4.83
C ILE A 52 10.91 2.24 4.83
N GLN A 53 12.20 2.54 4.85
CA GLN A 53 12.66 3.92 4.85
C GLN A 53 12.82 4.44 3.42
N TYR A 54 13.42 3.62 2.56
CA TYR A 54 13.63 3.99 1.17
C TYR A 54 12.49 3.50 0.29
N ALA A 55 11.26 3.76 0.73
CA ALA A 55 10.08 3.34 -0.02
C ALA A 55 9.53 4.49 -0.86
N ARG A 56 9.77 4.41 -2.17
CA ARG A 56 9.29 5.45 -3.09
C ARG A 56 7.86 5.17 -3.53
N SER A 57 7.03 4.76 -2.59
CA SER A 57 5.63 4.45 -2.88
C SER A 57 4.87 5.72 -3.24
N THR A 58 3.92 5.59 -4.17
CA THR A 58 3.12 6.73 -4.61
C THR A 58 1.66 6.33 -4.79
N CYS A 59 0.78 6.91 -3.98
CA CYS A 59 -0.65 6.61 -4.05
C CYS A 59 -1.38 7.68 -4.85
N GLU A 60 -2.03 7.27 -5.94
CA GLU A 60 -2.78 8.20 -6.78
C GLU A 60 -4.19 7.69 -7.03
N ALA A 61 -5.15 8.61 -6.99
CA ALA A 61 -6.55 8.26 -7.22
C ALA A 61 -6.92 7.01 -6.44
N GLY A 62 -6.37 6.86 -5.24
CA GLY A 62 -6.67 5.71 -4.41
C GLY A 62 -5.96 4.46 -4.91
N VAL A 63 -4.79 4.64 -5.51
CA VAL A 63 -4.02 3.51 -6.02
C VAL A 63 -2.61 3.51 -5.45
N ALA A 64 -2.43 2.80 -4.35
CA ALA A 64 -1.13 2.71 -3.69
C ALA A 64 -0.18 1.82 -4.47
N GLU A 65 1.04 2.28 -4.68
CA GLU A 65 2.04 1.52 -5.42
C GLU A 65 3.41 1.64 -4.76
N LEU A 66 4.21 0.59 -4.91
CA LEU A 66 5.55 0.56 -4.31
C LEU A 66 6.57 0.04 -5.31
N HIS A 67 7.32 0.96 -5.93
CA HIS A 67 8.33 0.60 -6.91
C HIS A 67 9.56 0.01 -6.22
N ILE A 68 9.92 -1.21 -6.60
CA ILE A 68 11.08 -1.88 -6.01
C ILE A 68 12.05 -2.35 -7.10
N GLN A 69 13.10 -1.57 -7.32
CA GLN A 69 14.10 -1.91 -8.33
C GLN A 69 15.21 -2.77 -7.73
N ASP A 70 15.87 -3.55 -8.58
CA ASP A 70 16.95 -4.43 -8.13
C ASP A 70 16.44 -5.46 -7.13
N ALA A 71 15.25 -6.00 -7.39
CA ALA A 71 14.66 -6.99 -6.51
C ALA A 71 15.68 -8.03 -6.08
N LEU A 72 16.17 -7.92 -4.85
CA LEU A 72 17.16 -8.85 -4.32
C LEU A 72 16.47 -10.05 -3.68
N PRO A 73 17.21 -11.18 -3.61
CA PRO A 73 16.69 -12.43 -3.04
C PRO A 73 16.53 -12.33 -1.53
N GLU A 74 17.19 -11.35 -0.92
CA GLU A 74 17.12 -11.16 0.52
C GLU A 74 16.03 -10.14 0.88
N ASP A 75 15.44 -9.53 -0.14
CA ASP A 75 14.39 -8.54 0.06
C ASP A 75 13.03 -9.21 0.15
N HIS A 76 12.86 -10.30 -0.59
CA HIS A 76 11.60 -11.04 -0.59
C HIS A 76 11.10 -11.25 0.85
N GLY A 77 9.79 -11.15 1.03
CA GLY A 77 9.21 -11.34 2.35
C GLY A 77 7.71 -11.15 2.35
N THR A 78 7.22 -10.29 3.26
CA THR A 78 5.80 -10.02 3.37
C THR A 78 5.53 -8.52 3.47
N TYR A 79 5.15 -7.91 2.35
CA TYR A 79 4.87 -6.49 2.31
C TYR A 79 3.51 -6.18 2.92
N THR A 80 3.48 -5.30 3.91
CA THR A 80 2.24 -4.93 4.58
C THR A 80 1.92 -3.45 4.37
N CYS A 81 0.74 -3.18 3.80
CA CYS A 81 0.32 -1.81 3.53
C CYS A 81 -0.77 -1.38 4.52
N LEU A 82 -0.40 -0.55 5.49
CA LEU A 82 -1.35 -0.07 6.48
C LEU A 82 -2.03 1.21 6.02
N ALA A 83 -3.36 1.21 6.03
CA ALA A 83 -4.13 2.37 5.61
C ALA A 83 -5.20 2.72 6.65
N GLU A 84 -4.92 3.74 7.44
CA GLU A 84 -5.85 4.19 8.48
C GLU A 84 -6.02 5.70 8.43
N ASN A 85 -7.24 6.16 8.74
CA ASN A 85 -7.54 7.59 8.74
C ASN A 85 -8.21 8.00 10.04
N ALA A 86 -8.60 9.27 10.12
CA ALA A 86 -9.25 9.79 11.32
C ALA A 86 -10.56 9.06 11.59
N LEU A 87 -11.09 8.40 10.57
CA LEU A 87 -12.34 7.66 10.69
C LEU A 87 -12.09 6.24 11.18
N GLY A 88 -11.60 5.40 10.28
CA GLY A 88 -11.33 4.02 10.64
C GLY A 88 -9.87 3.65 10.45
N GLN A 89 -9.57 2.35 10.48
CA GLN A 89 -8.21 1.88 10.31
C GLN A 89 -8.20 0.44 9.81
N VAL A 90 -7.48 0.21 8.71
CA VAL A 90 -7.37 -1.12 8.13
C VAL A 90 -5.94 -1.45 7.73
N SER A 91 -5.65 -2.72 7.54
CA SER A 91 -4.32 -3.17 7.17
C SER A 91 -4.38 -4.43 6.30
N CYS A 92 -3.43 -4.56 5.38
CA CYS A 92 -3.38 -5.71 4.49
C CYS A 92 -1.94 -6.16 4.26
N SER A 93 -1.75 -7.47 4.15
CA SER A 93 -0.41 -8.03 3.94
C SER A 93 -0.33 -8.71 2.58
N ALA A 94 0.89 -8.82 2.06
CA ALA A 94 1.13 -9.45 0.78
C ALA A 94 2.42 -10.25 0.76
N TRP A 95 2.49 -11.25 -0.10
CA TRP A 95 3.68 -12.10 -0.20
C TRP A 95 4.37 -11.90 -1.55
N VAL A 96 5.66 -11.60 -1.51
CA VAL A 96 6.44 -11.39 -2.72
C VAL A 96 7.53 -12.43 -2.86
N THR A 97 7.74 -12.91 -4.08
CA THR A 97 8.77 -13.92 -4.35
C THR A 97 9.79 -13.41 -5.36
N VAL A 98 11.06 -13.73 -5.12
CA VAL A 98 12.12 -13.31 -6.02
C VAL A 98 12.89 -14.51 -6.56
N HIS A 99 12.62 -14.87 -7.81
CA HIS A 99 13.28 -15.99 -8.44
C HIS A 99 14.80 -15.91 -8.27
N GLY A 1 -35.75 22.74 1.85
CA GLY A 1 -36.61 22.53 3.01
C GLY A 1 -36.44 21.16 3.62
N SER A 2 -35.20 20.71 3.71
CA SER A 2 -34.90 19.40 4.29
C SER A 2 -34.00 19.53 5.50
N SER A 3 -33.94 18.47 6.31
CA SER A 3 -33.11 18.46 7.51
C SER A 3 -31.70 18.97 7.20
N GLY A 4 -31.15 18.51 6.09
CA GLY A 4 -29.82 18.92 5.70
C GLY A 4 -28.91 17.74 5.38
N SER A 5 -29.35 16.91 4.43
CA SER A 5 -28.57 15.74 4.04
C SER A 5 -27.39 16.14 3.15
N SER A 6 -26.18 15.97 3.67
CA SER A 6 -24.98 16.32 2.93
C SER A 6 -23.95 15.19 3.01
N GLY A 7 -22.94 15.26 2.16
CA GLY A 7 -21.90 14.24 2.15
C GLY A 7 -21.27 14.04 3.52
N MET A 8 -20.81 12.82 3.78
CA MET A 8 -20.19 12.50 5.07
C MET A 8 -18.84 11.80 4.86
N GLU A 9 -17.95 11.95 5.82
CA GLU A 9 -16.63 11.34 5.75
C GLU A 9 -16.75 9.86 5.38
N VAL A 10 -15.60 9.21 5.18
CA VAL A 10 -15.57 7.80 4.84
C VAL A 10 -14.38 7.10 5.49
N ALA A 11 -14.56 5.81 5.77
CA ALA A 11 -13.49 5.02 6.40
C ALA A 11 -12.58 4.41 5.36
N PRO A 12 -11.39 3.95 5.80
CA PRO A 12 -10.41 3.32 4.92
C PRO A 12 -10.85 1.95 4.41
N SER A 13 -10.38 1.58 3.22
CA SER A 13 -10.74 0.30 2.63
C SER A 13 -9.78 -0.06 1.50
N PHE A 14 -9.77 -1.33 1.13
CA PHE A 14 -8.89 -1.80 0.06
C PHE A 14 -9.71 -2.41 -1.09
N SER A 15 -10.09 -1.58 -2.05
CA SER A 15 -10.87 -2.02 -3.19
C SER A 15 -10.21 -3.23 -3.86
N SER A 16 -8.90 -3.35 -3.69
CA SER A 16 -8.15 -4.45 -4.29
C SER A 16 -6.88 -4.74 -3.49
N VAL A 17 -6.88 -5.85 -2.76
CA VAL A 17 -5.74 -6.23 -1.95
C VAL A 17 -4.63 -6.82 -2.83
N LEU A 18 -3.41 -6.85 -2.28
CA LEU A 18 -2.26 -7.39 -3.00
C LEU A 18 -2.35 -8.91 -3.11
N LYS A 19 -1.74 -9.46 -4.15
CA LYS A 19 -1.75 -10.90 -4.37
C LYS A 19 -0.33 -11.42 -4.64
N ASP A 20 -0.07 -12.65 -4.23
CA ASP A 20 1.24 -13.26 -4.43
C ASP A 20 1.78 -12.96 -5.82
N CYS A 21 3.09 -12.75 -5.91
CA CYS A 21 3.72 -12.45 -7.18
C CYS A 21 5.16 -12.97 -7.20
N ALA A 22 5.70 -13.14 -8.41
CA ALA A 22 7.07 -13.62 -8.57
C ALA A 22 7.88 -12.69 -9.45
N VAL A 23 9.17 -12.54 -9.12
CA VAL A 23 10.06 -11.68 -9.89
C VAL A 23 11.46 -12.27 -9.99
N ILE A 24 12.13 -12.01 -11.10
CA ILE A 24 13.48 -12.52 -11.31
C ILE A 24 14.52 -11.62 -10.65
N GLU A 25 15.53 -12.24 -10.05
CA GLU A 25 16.59 -11.49 -9.38
C GLU A 25 17.22 -10.48 -10.33
N GLY A 26 16.85 -9.21 -10.15
CA GLY A 26 17.40 -8.17 -11.00
C GLY A 26 16.33 -7.44 -11.79
N GLN A 27 15.10 -7.94 -11.70
CA GLN A 27 13.98 -7.33 -12.42
C GLN A 27 13.30 -6.26 -11.56
N ASP A 28 12.40 -5.50 -12.17
CA ASP A 28 11.68 -4.46 -11.47
C ASP A 28 10.22 -4.83 -11.26
N PHE A 29 9.71 -4.58 -10.06
CA PHE A 29 8.32 -4.90 -9.73
C PHE A 29 7.71 -3.83 -8.83
N VAL A 30 6.51 -3.38 -9.18
CA VAL A 30 5.82 -2.36 -8.40
C VAL A 30 4.46 -2.86 -7.93
N LEU A 31 4.37 -3.20 -6.65
CA LEU A 31 3.12 -3.69 -6.08
C LEU A 31 2.05 -2.61 -6.10
N GLN A 32 1.11 -2.74 -7.03
CA GLN A 32 0.02 -1.78 -7.16
C GLN A 32 -1.28 -2.33 -6.56
N CYS A 33 -2.01 -1.48 -5.85
CA CYS A 33 -3.26 -1.88 -5.23
C CYS A 33 -4.25 -0.72 -5.22
N SER A 34 -5.43 -0.96 -4.65
CA SER A 34 -6.47 0.06 -4.58
C SER A 34 -6.82 0.37 -3.12
N VAL A 35 -6.79 1.65 -2.78
CA VAL A 35 -7.11 2.08 -1.42
C VAL A 35 -7.78 3.45 -1.42
N ARG A 36 -9.00 3.51 -0.89
CA ARG A 36 -9.75 4.76 -0.83
C ARG A 36 -10.16 5.07 0.61
N GLY A 37 -10.58 6.32 0.84
CA GLY A 37 -10.99 6.73 2.16
C GLY A 37 -10.89 8.23 2.36
N THR A 38 -11.87 8.78 3.08
CA THR A 38 -11.89 10.22 3.35
C THR A 38 -11.87 10.50 4.84
N PRO A 39 -10.87 11.28 5.29
CA PRO A 39 -9.84 11.84 4.40
C PRO A 39 -8.91 10.76 3.87
N VAL A 40 -7.86 11.21 3.17
CA VAL A 40 -6.88 10.29 2.61
C VAL A 40 -6.10 9.57 3.71
N PRO A 41 -6.16 8.22 3.69
CA PRO A 41 -5.47 7.39 4.68
C PRO A 41 -3.95 7.42 4.51
N ARG A 42 -3.24 7.10 5.57
CA ARG A 42 -1.78 7.08 5.54
C ARG A 42 -1.26 5.79 4.92
N ILE A 43 -0.48 5.92 3.86
CA ILE A 43 0.09 4.77 3.18
C ILE A 43 1.48 4.44 3.71
N THR A 44 1.58 3.35 4.47
CA THR A 44 2.85 2.93 5.04
C THR A 44 3.14 1.47 4.71
N TRP A 45 4.29 1.23 4.08
CA TRP A 45 4.68 -0.12 3.71
C TRP A 45 5.66 -0.71 4.72
N LEU A 46 5.33 -1.87 5.26
CA LEU A 46 6.18 -2.53 6.24
C LEU A 46 6.78 -3.81 5.67
N LEU A 47 8.07 -4.02 5.91
CA LEU A 47 8.76 -5.21 5.42
C LEU A 47 9.25 -6.06 6.59
N ASN A 48 8.58 -7.18 6.82
CA ASN A 48 8.95 -8.09 7.90
C ASN A 48 8.57 -7.50 9.26
N GLY A 49 7.40 -6.87 9.31
CA GLY A 49 6.94 -6.28 10.55
C GLY A 49 7.46 -4.87 10.76
N GLN A 50 8.71 -4.64 10.35
CA GLN A 50 9.32 -3.32 10.50
C GLN A 50 9.04 -2.46 9.27
N PRO A 51 8.94 -1.14 9.50
CA PRO A 51 8.67 -0.17 8.43
C PRO A 51 9.86 -0.02 7.48
N ILE A 52 9.58 0.46 6.26
CA ILE A 52 10.63 0.65 5.26
C ILE A 52 11.11 2.10 5.26
N GLN A 53 12.38 2.29 4.91
CA GLN A 53 12.97 3.62 4.86
C GLN A 53 13.16 4.08 3.42
N TYR A 54 13.70 3.19 2.59
CA TYR A 54 13.93 3.50 1.18
C TYR A 54 12.75 3.07 0.32
N ALA A 55 11.54 3.35 0.80
CA ALA A 55 10.33 2.99 0.08
C ALA A 55 9.80 4.17 -0.73
N ARG A 56 9.91 4.06 -2.05
CA ARG A 56 9.45 5.12 -2.95
C ARG A 56 8.04 4.84 -3.44
N SER A 57 7.08 4.84 -2.52
CA SER A 57 5.68 4.59 -2.86
C SER A 57 5.01 5.85 -3.38
N THR A 58 3.98 5.67 -4.20
CA THR A 58 3.25 6.79 -4.77
C THR A 58 1.76 6.49 -4.87
N CYS A 59 0.95 7.25 -4.15
CA CYS A 59 -0.49 7.07 -4.16
C CYS A 59 -1.16 8.03 -5.12
N GLU A 60 -1.91 7.49 -6.08
CA GLU A 60 -2.60 8.31 -7.07
C GLU A 60 -4.07 7.89 -7.19
N ALA A 61 -4.96 8.86 -7.06
CA ALA A 61 -6.39 8.60 -7.17
C ALA A 61 -6.79 7.38 -6.33
N GLY A 62 -6.16 7.23 -5.17
CA GLY A 62 -6.45 6.11 -4.31
C GLY A 62 -5.82 4.82 -4.80
N VAL A 63 -4.67 4.93 -5.43
CA VAL A 63 -3.96 3.77 -5.95
C VAL A 63 -2.54 3.69 -5.41
N ALA A 64 -2.38 2.99 -4.30
CA ALA A 64 -1.06 2.84 -3.67
C ALA A 64 -0.16 1.95 -4.51
N GLU A 65 1.10 2.35 -4.63
CA GLU A 65 2.08 1.58 -5.42
C GLU A 65 3.48 1.73 -4.83
N LEU A 66 4.28 0.68 -4.95
CA LEU A 66 5.65 0.68 -4.45
C LEU A 66 6.63 0.25 -5.52
N HIS A 67 7.24 1.23 -6.19
CA HIS A 67 8.20 0.95 -7.23
C HIS A 67 9.52 0.43 -6.65
N ILE A 68 9.74 -0.87 -6.78
CA ILE A 68 10.96 -1.49 -6.26
C ILE A 68 11.85 -1.97 -7.40
N GLN A 69 13.04 -1.37 -7.49
CA GLN A 69 13.99 -1.75 -8.53
C GLN A 69 15.08 -2.67 -7.97
N ASP A 70 15.78 -3.35 -8.87
CA ASP A 70 16.84 -4.27 -8.46
C ASP A 70 16.32 -5.29 -7.45
N ALA A 71 15.12 -5.79 -7.69
CA ALA A 71 14.51 -6.77 -6.81
C ALA A 71 15.51 -7.85 -6.41
N LEU A 72 16.11 -7.69 -5.23
CA LEU A 72 17.08 -8.65 -4.74
C LEU A 72 16.42 -9.73 -3.89
N PRO A 73 17.09 -10.89 -3.78
CA PRO A 73 16.57 -12.02 -2.99
C PRO A 73 16.59 -11.75 -1.49
N GLU A 74 17.13 -10.60 -1.11
CA GLU A 74 17.22 -10.22 0.29
C GLU A 74 16.07 -9.28 0.66
N ASP A 75 15.41 -8.73 -0.34
CA ASP A 75 14.30 -7.81 -0.13
C ASP A 75 13.00 -8.57 0.11
N HIS A 76 12.87 -9.73 -0.54
CA HIS A 76 11.68 -10.55 -0.41
C HIS A 76 11.23 -10.64 1.05
N GLY A 77 9.92 -10.66 1.28
CA GLY A 77 9.41 -10.73 2.62
C GLY A 77 7.89 -10.65 2.67
N THR A 78 7.38 -9.76 3.52
CA THR A 78 5.94 -9.58 3.65
C THR A 78 5.57 -8.10 3.66
N TYR A 79 5.12 -7.60 2.52
CA TYR A 79 4.74 -6.20 2.39
C TYR A 79 3.36 -5.95 3.01
N THR A 80 3.33 -5.11 4.04
CA THR A 80 2.08 -4.79 4.72
C THR A 80 1.74 -3.32 4.57
N CYS A 81 0.72 -3.02 3.78
CA CYS A 81 0.28 -1.65 3.56
C CYS A 81 -0.80 -1.25 4.55
N LEU A 82 -0.43 -0.42 5.52
CA LEU A 82 -1.37 0.05 6.54
C LEU A 82 -2.00 1.37 6.14
N ALA A 83 -3.32 1.37 5.98
CA ALA A 83 -4.04 2.58 5.59
C ALA A 83 -5.13 2.90 6.61
N GLU A 84 -4.86 3.86 7.49
CA GLU A 84 -5.82 4.27 8.51
C GLU A 84 -6.06 5.77 8.47
N ASN A 85 -7.26 6.17 8.85
CA ASN A 85 -7.63 7.58 8.86
C ASN A 85 -8.42 7.94 10.11
N ALA A 86 -8.89 9.18 10.18
CA ALA A 86 -9.66 9.65 11.31
C ALA A 86 -10.97 8.87 11.45
N LEU A 87 -11.38 8.22 10.37
CA LEU A 87 -12.61 7.44 10.37
C LEU A 87 -12.36 6.02 10.87
N GLY A 88 -11.73 5.20 10.03
CA GLY A 88 -11.43 3.83 10.41
C GLY A 88 -9.97 3.48 10.23
N GLN A 89 -9.67 2.19 10.17
CA GLN A 89 -8.30 1.72 10.00
C GLN A 89 -8.27 0.30 9.47
N VAL A 90 -7.54 0.09 8.38
CA VAL A 90 -7.43 -1.23 7.77
C VAL A 90 -5.97 -1.58 7.48
N SER A 91 -5.70 -2.87 7.30
CA SER A 91 -4.35 -3.34 7.03
C SER A 91 -4.38 -4.62 6.19
N CYS A 92 -3.48 -4.68 5.21
CA CYS A 92 -3.40 -5.84 4.33
C CYS A 92 -1.96 -6.33 4.21
N SER A 93 -1.80 -7.55 3.70
CA SER A 93 -0.48 -8.14 3.53
C SER A 93 -0.45 -9.09 2.34
N ALA A 94 0.72 -9.26 1.75
CA ALA A 94 0.88 -10.13 0.60
C ALA A 94 2.25 -10.80 0.61
N TRP A 95 2.30 -12.05 0.14
CA TRP A 95 3.55 -12.81 0.10
C TRP A 95 4.23 -12.64 -1.25
N VAL A 96 5.50 -12.20 -1.22
CA VAL A 96 6.27 -12.01 -2.44
C VAL A 96 7.50 -12.90 -2.47
N THR A 97 7.79 -13.48 -3.63
CA THR A 97 8.93 -14.36 -3.78
C THR A 97 9.81 -13.92 -4.95
N VAL A 98 11.12 -13.89 -4.73
CA VAL A 98 12.06 -13.50 -5.77
C VAL A 98 12.90 -14.68 -6.25
N HIS A 99 12.78 -15.00 -7.53
CA HIS A 99 13.53 -16.11 -8.11
C HIS A 99 15.03 -15.87 -8.01
N GLY A 1 -28.26 27.41 8.41
CA GLY A 1 -27.41 26.99 7.31
C GLY A 1 -25.96 27.35 7.53
N SER A 2 -25.07 26.37 7.38
CA SER A 2 -23.64 26.59 7.57
C SER A 2 -22.85 26.10 6.36
N SER A 3 -21.57 26.45 6.32
CA SER A 3 -20.71 26.05 5.22
C SER A 3 -19.79 24.90 5.62
N GLY A 4 -19.21 24.23 4.64
CA GLY A 4 -18.32 23.10 4.92
C GLY A 4 -17.57 22.65 3.69
N SER A 5 -17.34 21.34 3.60
CA SER A 5 -16.61 20.77 2.47
C SER A 5 -17.52 19.88 1.63
N SER A 6 -17.48 20.09 0.32
CA SER A 6 -18.31 19.30 -0.59
C SER A 6 -17.82 17.86 -0.67
N GLY A 7 -18.53 16.97 0.00
CA GLY A 7 -18.15 15.55 -0.01
C GLY A 7 -18.00 14.99 1.39
N MET A 8 -18.90 14.10 1.77
CA MET A 8 -18.85 13.49 3.09
C MET A 8 -17.62 12.60 3.24
N GLU A 9 -17.23 12.33 4.48
CA GLU A 9 -16.07 11.50 4.76
C GLU A 9 -16.42 10.02 4.68
N VAL A 10 -15.41 9.16 4.76
CA VAL A 10 -15.62 7.72 4.71
C VAL A 10 -14.51 6.97 5.43
N ALA A 11 -14.70 5.67 5.60
CA ALA A 11 -13.71 4.84 6.27
C ALA A 11 -12.76 4.19 5.27
N PRO A 12 -11.53 3.91 5.72
CA PRO A 12 -10.50 3.29 4.87
C PRO A 12 -10.82 1.84 4.54
N SER A 13 -10.54 1.45 3.30
CA SER A 13 -10.81 0.08 2.84
C SER A 13 -10.00 -0.23 1.59
N PHE A 14 -9.87 -1.53 1.29
CA PHE A 14 -9.11 -1.96 0.12
C PHE A 14 -10.04 -2.60 -0.90
N SER A 15 -10.03 -2.07 -2.12
CA SER A 15 -10.87 -2.58 -3.20
C SER A 15 -10.11 -3.60 -4.04
N SER A 16 -8.81 -3.41 -4.17
CA SER A 16 -7.97 -4.30 -4.95
C SER A 16 -6.77 -4.79 -4.13
N VAL A 17 -7.06 -5.29 -2.93
CA VAL A 17 -6.01 -5.78 -2.06
C VAL A 17 -4.90 -6.47 -2.85
N LEU A 18 -3.69 -6.47 -2.28
CA LEU A 18 -2.54 -7.08 -2.94
C LEU A 18 -2.78 -8.58 -3.16
N LYS A 19 -2.22 -9.11 -4.24
CA LYS A 19 -2.36 -10.52 -4.56
C LYS A 19 -0.99 -11.16 -4.83
N ASP A 20 -0.95 -12.49 -4.80
CA ASP A 20 0.28 -13.21 -5.04
C ASP A 20 1.10 -12.54 -6.14
N CYS A 21 2.42 -12.66 -6.04
CA CYS A 21 3.32 -12.05 -7.01
C CYS A 21 4.58 -12.89 -7.20
N ALA A 22 5.26 -12.69 -8.32
CA ALA A 22 6.48 -13.44 -8.62
C ALA A 22 7.43 -12.62 -9.49
N VAL A 23 8.71 -12.61 -9.12
CA VAL A 23 9.72 -11.87 -9.87
C VAL A 23 11.06 -12.57 -9.82
N ILE A 24 11.96 -12.18 -10.71
CA ILE A 24 13.30 -12.77 -10.76
C ILE A 24 14.36 -11.76 -10.35
N GLU A 25 15.52 -12.26 -9.95
CA GLU A 25 16.62 -11.41 -9.53
C GLU A 25 17.00 -10.42 -10.63
N GLY A 26 17.22 -9.17 -10.26
CA GLY A 26 17.59 -8.15 -11.23
C GLY A 26 16.37 -7.49 -11.86
N GLN A 27 15.28 -8.23 -11.97
CA GLN A 27 14.06 -7.72 -12.56
C GLN A 27 13.45 -6.64 -11.68
N ASP A 28 12.33 -6.07 -12.12
CA ASP A 28 11.65 -5.02 -11.37
C ASP A 28 10.18 -5.39 -11.16
N PHE A 29 9.63 -4.96 -10.01
CA PHE A 29 8.24 -5.23 -9.68
C PHE A 29 7.67 -4.15 -8.77
N VAL A 30 6.49 -3.66 -9.11
CA VAL A 30 5.84 -2.62 -8.32
C VAL A 30 4.46 -3.08 -7.84
N LEU A 31 4.34 -3.30 -6.54
CA LEU A 31 3.08 -3.74 -5.95
C LEU A 31 2.03 -2.63 -6.00
N GLN A 32 1.05 -2.80 -6.87
CA GLN A 32 -0.01 -1.80 -7.02
C GLN A 32 -1.30 -2.29 -6.38
N CYS A 33 -1.95 -1.42 -5.61
CA CYS A 33 -3.20 -1.77 -4.94
C CYS A 33 -4.13 -0.55 -4.87
N SER A 34 -5.42 -0.82 -4.72
CA SER A 34 -6.41 0.25 -4.64
C SER A 34 -6.98 0.36 -3.23
N VAL A 35 -7.01 1.58 -2.71
CA VAL A 35 -7.53 1.84 -1.38
C VAL A 35 -8.44 3.06 -1.34
N ARG A 36 -9.61 2.90 -0.75
CA ARG A 36 -10.57 3.99 -0.66
C ARG A 36 -10.67 4.52 0.76
N GLY A 37 -11.13 5.76 0.90
CA GLY A 37 -11.26 6.36 2.22
C GLY A 37 -11.33 7.87 2.16
N THR A 38 -11.67 8.49 3.29
CA THR A 38 -11.78 9.94 3.37
C THR A 38 -11.82 10.42 4.81
N PRO A 39 -10.84 11.25 5.19
CA PRO A 39 -9.78 11.69 4.28
C PRO A 39 -8.82 10.57 3.93
N VAL A 40 -8.18 10.68 2.76
CA VAL A 40 -7.24 9.67 2.31
C VAL A 40 -6.42 9.12 3.47
N PRO A 41 -6.38 7.79 3.58
CA PRO A 41 -5.65 7.10 4.64
C PRO A 41 -4.13 7.23 4.48
N ARG A 42 -3.40 6.83 5.51
CA ARG A 42 -1.94 6.90 5.47
C ARG A 42 -1.34 5.62 4.91
N ILE A 43 -0.45 5.76 3.93
CA ILE A 43 0.18 4.61 3.31
C ILE A 43 1.59 4.38 3.88
N THR A 44 1.75 3.29 4.62
CA THR A 44 3.03 2.95 5.22
C THR A 44 3.37 1.48 5.01
N TRP A 45 4.44 1.22 4.27
CA TRP A 45 4.86 -0.15 4.00
C TRP A 45 5.95 -0.58 4.98
N LEU A 46 5.94 -1.86 5.35
CA LEU A 46 6.92 -2.40 6.28
C LEU A 46 7.33 -3.81 5.87
N LEU A 47 8.56 -4.17 6.23
CA LEU A 47 9.09 -5.50 5.90
C LEU A 47 9.07 -6.41 7.13
N ASN A 48 7.95 -7.09 7.34
CA ASN A 48 7.82 -7.99 8.48
C ASN A 48 8.48 -7.41 9.72
N GLY A 49 8.15 -6.15 10.03
CA GLY A 49 8.73 -5.50 11.19
C GLY A 49 8.57 -4.00 11.15
N GLN A 50 9.66 -3.29 10.82
CA GLN A 50 9.64 -1.84 10.73
C GLN A 50 9.29 -1.38 9.33
N PRO A 51 8.86 -0.11 9.21
CA PRO A 51 8.48 0.48 7.92
C PRO A 51 9.68 0.71 7.02
N ILE A 52 9.47 0.57 5.71
CA ILE A 52 10.54 0.76 4.75
C ILE A 52 11.00 2.22 4.70
N GLN A 53 12.30 2.43 4.81
CA GLN A 53 12.86 3.78 4.78
C GLN A 53 12.99 4.29 3.35
N TYR A 54 13.70 3.53 2.52
CA TYR A 54 13.91 3.90 1.13
C TYR A 54 12.74 3.43 0.27
N ALA A 55 11.53 3.51 0.82
CA ALA A 55 10.34 3.11 0.10
C ALA A 55 9.80 4.24 -0.77
N ARG A 56 10.08 4.18 -2.06
CA ARG A 56 9.62 5.21 -3.00
C ARG A 56 8.17 4.98 -3.38
N SER A 57 7.34 4.70 -2.38
CA SER A 57 5.92 4.47 -2.60
C SER A 57 5.22 5.74 -3.08
N THR A 58 4.22 5.57 -3.95
CA THR A 58 3.48 6.71 -4.47
C THR A 58 1.98 6.41 -4.53
N CYS A 59 1.22 7.11 -3.71
CA CYS A 59 -0.22 6.92 -3.66
C CYS A 59 -0.95 8.07 -4.35
N GLU A 60 -1.49 7.81 -5.54
CA GLU A 60 -2.21 8.82 -6.29
C GLU A 60 -3.63 8.38 -6.59
N ALA A 61 -4.58 9.29 -6.43
CA ALA A 61 -5.98 9.00 -6.68
C ALA A 61 -6.42 7.74 -5.94
N GLY A 62 -5.85 7.52 -4.76
CA GLY A 62 -6.20 6.34 -3.98
C GLY A 62 -5.56 5.08 -4.53
N VAL A 63 -4.38 5.22 -5.12
CA VAL A 63 -3.67 4.09 -5.70
C VAL A 63 -2.26 3.98 -5.13
N ALA A 64 -2.11 3.22 -4.05
CA ALA A 64 -0.82 3.03 -3.41
C ALA A 64 0.04 2.03 -4.18
N GLU A 65 1.26 2.43 -4.51
CA GLU A 65 2.18 1.58 -5.25
C GLU A 65 3.60 1.68 -4.70
N LEU A 66 4.33 0.57 -4.74
CA LEU A 66 5.69 0.53 -4.24
C LEU A 66 6.65 0.04 -5.31
N HIS A 67 7.35 0.97 -5.95
CA HIS A 67 8.31 0.64 -7.00
C HIS A 67 9.58 0.04 -6.40
N ILE A 68 9.86 -1.22 -6.74
CA ILE A 68 11.04 -1.89 -6.23
C ILE A 68 11.95 -2.35 -7.37
N GLN A 69 12.95 -1.54 -7.70
CA GLN A 69 13.87 -1.85 -8.77
C GLN A 69 15.00 -2.74 -8.27
N ASP A 70 15.59 -3.52 -9.17
CA ASP A 70 16.68 -4.41 -8.81
C ASP A 70 16.26 -5.38 -7.71
N ALA A 71 15.07 -5.95 -7.87
CA ALA A 71 14.55 -6.90 -6.88
C ALA A 71 15.62 -7.91 -6.47
N LEU A 72 16.18 -7.71 -5.28
CA LEU A 72 17.21 -8.61 -4.77
C LEU A 72 16.59 -9.80 -4.04
N PRO A 73 17.34 -10.91 -3.98
CA PRO A 73 16.88 -12.14 -3.31
C PRO A 73 16.83 -11.98 -1.80
N GLU A 74 17.31 -10.84 -1.30
CA GLU A 74 17.31 -10.56 0.13
C GLU A 74 16.11 -9.72 0.53
N ASP A 75 15.40 -9.20 -0.47
CA ASP A 75 14.22 -8.38 -0.21
C ASP A 75 12.99 -9.25 0.01
N HIS A 76 13.04 -10.48 -0.50
CA HIS A 76 11.92 -11.41 -0.35
C HIS A 76 11.36 -11.36 1.06
N GLY A 77 10.07 -11.04 1.16
CA GLY A 77 9.42 -10.96 2.46
C GLY A 77 7.93 -10.75 2.35
N THR A 78 7.36 -10.03 3.31
CA THR A 78 5.93 -9.75 3.32
C THR A 78 5.66 -8.27 3.48
N TYR A 79 5.24 -7.63 2.39
CA TYR A 79 4.95 -6.20 2.41
C TYR A 79 3.59 -5.92 3.04
N THR A 80 3.58 -5.11 4.10
CA THR A 80 2.35 -4.78 4.79
C THR A 80 1.92 -3.34 4.50
N CYS A 81 0.77 -3.20 3.84
CA CYS A 81 0.25 -1.88 3.50
C CYS A 81 -0.86 -1.47 4.45
N LEU A 82 -0.53 -0.60 5.40
CA LEU A 82 -1.50 -0.12 6.38
C LEU A 82 -2.14 1.18 5.93
N ALA A 83 -3.47 1.20 5.89
CA ALA A 83 -4.21 2.38 5.48
C ALA A 83 -5.33 2.72 6.46
N GLU A 84 -5.08 3.71 7.31
CA GLU A 84 -6.07 4.12 8.31
C GLU A 84 -6.23 5.64 8.31
N ASN A 85 -7.42 6.09 8.70
CA ASN A 85 -7.71 7.53 8.74
C ASN A 85 -8.47 7.89 10.02
N ALA A 86 -8.86 9.14 10.13
CA ALA A 86 -9.61 9.62 11.30
C ALA A 86 -10.93 8.87 11.45
N LEU A 87 -11.40 8.30 10.34
CA LEU A 87 -12.66 7.56 10.35
C LEU A 87 -12.45 6.13 10.83
N GLY A 88 -11.87 5.30 9.96
CA GLY A 88 -11.62 3.92 10.31
C GLY A 88 -10.16 3.53 10.13
N GLN A 89 -9.90 2.23 10.04
CA GLN A 89 -8.54 1.73 9.87
C GLN A 89 -8.55 0.32 9.29
N VAL A 90 -7.68 0.07 8.32
CA VAL A 90 -7.59 -1.23 7.69
C VAL A 90 -6.16 -1.55 7.28
N SER A 91 -5.81 -2.83 7.28
CA SER A 91 -4.47 -3.26 6.90
C SER A 91 -4.51 -4.62 6.22
N CYS A 92 -3.64 -4.81 5.23
CA CYS A 92 -3.56 -6.06 4.50
C CYS A 92 -2.12 -6.55 4.40
N SER A 93 -1.95 -7.78 3.90
CA SER A 93 -0.62 -8.37 3.76
C SER A 93 -0.42 -8.87 2.33
N ALA A 94 0.84 -8.94 1.91
CA ALA A 94 1.18 -9.41 0.57
C ALA A 94 2.45 -10.24 0.59
N TRP A 95 2.46 -11.33 -0.17
CA TRP A 95 3.62 -12.22 -0.23
C TRP A 95 4.34 -12.06 -1.56
N VAL A 96 5.60 -11.65 -1.51
CA VAL A 96 6.39 -11.46 -2.72
C VAL A 96 7.66 -12.31 -2.69
N THR A 97 7.88 -13.09 -3.74
CA THR A 97 9.04 -13.95 -3.83
C THR A 97 9.96 -13.52 -4.96
N VAL A 98 11.26 -13.57 -4.72
CA VAL A 98 12.25 -13.18 -5.72
C VAL A 98 13.06 -14.39 -6.20
N HIS A 99 13.21 -14.50 -7.52
CA HIS A 99 13.95 -15.61 -8.10
C HIS A 99 15.32 -15.15 -8.58
N GLY A 1 -9.31 28.76 7.64
CA GLY A 1 -10.67 28.99 7.19
C GLY A 1 -11.18 27.89 6.28
N SER A 2 -11.52 26.76 6.87
CA SER A 2 -12.03 25.62 6.11
C SER A 2 -13.29 26.00 5.34
N SER A 3 -13.52 25.31 4.21
CA SER A 3 -14.69 25.57 3.39
C SER A 3 -15.85 24.67 3.78
N GLY A 4 -17.07 25.16 3.58
CA GLY A 4 -18.25 24.38 3.91
C GLY A 4 -18.86 23.70 2.70
N SER A 5 -18.50 22.44 2.49
CA SER A 5 -19.02 21.68 1.35
C SER A 5 -19.69 20.39 1.82
N SER A 6 -20.67 19.92 1.05
CA SER A 6 -21.38 18.69 1.38
C SER A 6 -20.53 17.47 1.09
N GLY A 7 -20.66 16.45 1.94
CA GLY A 7 -19.90 15.23 1.76
C GLY A 7 -19.48 14.60 3.08
N MET A 8 -20.15 13.51 3.44
CA MET A 8 -19.84 12.82 4.69
C MET A 8 -18.54 12.03 4.56
N GLU A 9 -17.70 12.11 5.59
CA GLU A 9 -16.42 11.40 5.60
C GLU A 9 -16.62 9.91 5.37
N VAL A 10 -15.53 9.19 5.18
CA VAL A 10 -15.59 7.75 4.95
C VAL A 10 -14.43 7.04 5.64
N ALA A 11 -14.62 5.76 5.94
CA ALA A 11 -13.59 4.97 6.59
C ALA A 11 -12.67 4.30 5.57
N PRO A 12 -11.48 3.90 6.02
CA PRO A 12 -10.48 3.26 5.16
C PRO A 12 -10.90 1.85 4.74
N SER A 13 -10.85 1.59 3.44
CA SER A 13 -11.23 0.28 2.91
C SER A 13 -10.43 -0.04 1.66
N PHE A 14 -9.86 -1.24 1.63
CA PHE A 14 -9.07 -1.68 0.49
C PHE A 14 -9.97 -2.23 -0.62
N SER A 15 -10.17 -1.44 -1.66
CA SER A 15 -11.02 -1.84 -2.78
C SER A 15 -10.46 -3.10 -3.45
N SER A 16 -9.14 -3.17 -3.56
CA SER A 16 -8.50 -4.32 -4.19
C SER A 16 -7.18 -4.64 -3.48
N VAL A 17 -7.18 -5.72 -2.71
CA VAL A 17 -5.99 -6.15 -1.98
C VAL A 17 -4.90 -6.63 -2.93
N LEU A 18 -3.68 -6.71 -2.43
CA LEU A 18 -2.55 -7.16 -3.24
C LEU A 18 -2.73 -8.62 -3.67
N LYS A 19 -1.90 -9.06 -4.61
CA LYS A 19 -1.98 -10.43 -5.10
C LYS A 19 -0.58 -11.04 -5.20
N ASP A 20 -0.52 -12.37 -5.22
CA ASP A 20 0.75 -13.07 -5.31
C ASP A 20 1.48 -12.71 -6.61
N CYS A 21 2.76 -12.38 -6.49
CA CYS A 21 3.56 -12.01 -7.64
C CYS A 21 4.97 -12.58 -7.53
N ALA A 22 5.55 -12.94 -8.67
CA ALA A 22 6.90 -13.51 -8.69
C ALA A 22 7.82 -12.69 -9.59
N VAL A 23 9.09 -12.60 -9.21
CA VAL A 23 10.06 -11.85 -9.99
C VAL A 23 11.44 -12.49 -9.91
N ILE A 24 12.30 -12.16 -10.87
CA ILE A 24 13.65 -12.71 -10.90
C ILE A 24 14.67 -11.70 -10.36
N GLU A 25 15.71 -12.21 -9.71
CA GLU A 25 16.74 -11.35 -9.14
C GLU A 25 17.24 -10.35 -10.18
N GLY A 26 17.39 -9.10 -9.75
CA GLY A 26 17.85 -8.06 -10.64
C GLY A 26 16.71 -7.32 -11.32
N GLN A 27 15.62 -8.03 -11.59
CA GLN A 27 14.45 -7.45 -12.23
C GLN A 27 13.74 -6.47 -11.29
N ASP A 28 12.79 -5.72 -11.84
CA ASP A 28 12.04 -4.75 -11.05
C ASP A 28 10.58 -5.19 -10.91
N PHE A 29 9.92 -4.68 -9.88
CA PHE A 29 8.52 -5.02 -9.62
C PHE A 29 7.88 -4.00 -8.69
N VAL A 30 6.69 -3.52 -9.07
CA VAL A 30 5.97 -2.54 -8.27
C VAL A 30 4.59 -3.06 -7.89
N LEU A 31 4.38 -3.33 -6.62
CA LEU A 31 3.10 -3.82 -6.13
C LEU A 31 2.03 -2.73 -6.20
N GLN A 32 1.02 -2.95 -7.03
CA GLN A 32 -0.06 -1.99 -7.18
C GLN A 32 -1.34 -2.50 -6.55
N CYS A 33 -2.04 -1.63 -5.82
CA CYS A 33 -3.27 -2.00 -5.15
C CYS A 33 -4.29 -0.86 -5.22
N SER A 34 -5.45 -1.07 -4.62
CA SER A 34 -6.51 -0.07 -4.61
C SER A 34 -7.07 0.13 -3.21
N VAL A 35 -7.06 1.37 -2.75
CA VAL A 35 -7.57 1.69 -1.42
C VAL A 35 -8.33 3.02 -1.42
N ARG A 36 -9.45 3.05 -0.72
CA ARG A 36 -10.27 4.26 -0.65
C ARG A 36 -10.41 4.73 0.80
N GLY A 37 -11.13 5.84 0.98
CA GLY A 37 -11.32 6.38 2.32
C GLY A 37 -11.20 7.89 2.35
N THR A 38 -11.99 8.52 3.21
CA THR A 38 -11.98 9.98 3.33
C THR A 38 -11.96 10.40 4.80
N PRO A 39 -10.95 11.21 5.17
CA PRO A 39 -9.92 11.66 4.23
C PRO A 39 -8.99 10.52 3.80
N VAL A 40 -8.02 10.85 2.94
CA VAL A 40 -7.08 9.87 2.45
C VAL A 40 -6.27 9.26 3.59
N PRO A 41 -6.31 7.93 3.71
CA PRO A 41 -5.59 7.20 4.76
C PRO A 41 -4.08 7.24 4.55
N ARG A 42 -3.34 7.00 5.64
CA ARG A 42 -1.89 7.00 5.58
C ARG A 42 -1.35 5.69 5.00
N ILE A 43 -0.54 5.81 3.96
CA ILE A 43 0.03 4.64 3.30
C ILE A 43 1.42 4.33 3.84
N THR A 44 1.53 3.25 4.61
CA THR A 44 2.81 2.84 5.19
C THR A 44 3.11 1.38 4.88
N TRP A 45 4.18 1.15 4.13
CA TRP A 45 4.58 -0.20 3.77
C TRP A 45 5.55 -0.77 4.80
N LEU A 46 5.30 -2.00 5.23
CA LEU A 46 6.15 -2.66 6.21
C LEU A 46 6.65 -4.01 5.68
N LEU A 47 7.97 -4.15 5.61
CA LEU A 47 8.57 -5.39 5.12
C LEU A 47 9.08 -6.23 6.29
N ASN A 48 8.67 -7.49 6.32
CA ASN A 48 9.09 -8.41 7.37
C ASN A 48 8.84 -7.80 8.75
N GLY A 49 7.83 -6.94 8.83
CA GLY A 49 7.52 -6.30 10.10
C GLY A 49 8.41 -5.12 10.40
N GLN A 50 8.79 -4.39 9.36
CA GLN A 50 9.66 -3.23 9.52
C GLN A 50 9.30 -2.13 8.53
N PRO A 51 9.30 -0.88 9.00
CA PRO A 51 8.98 0.29 8.16
C PRO A 51 10.06 0.57 7.12
N ILE A 52 9.64 0.69 5.86
CA ILE A 52 10.58 0.97 4.78
C ILE A 52 10.87 2.46 4.67
N GLN A 53 12.15 2.81 4.69
CA GLN A 53 12.57 4.21 4.60
C GLN A 53 12.81 4.60 3.14
N TYR A 54 13.41 3.69 2.38
CA TYR A 54 13.71 3.94 0.98
C TYR A 54 12.49 3.63 0.10
N ALA A 55 11.33 3.54 0.73
CA ALA A 55 10.10 3.24 0.01
C ALA A 55 9.65 4.44 -0.83
N ARG A 56 9.95 4.39 -2.13
CA ARG A 56 9.59 5.47 -3.04
C ARG A 56 8.12 5.37 -3.43
N SER A 57 7.39 4.48 -2.77
CA SER A 57 5.97 4.27 -3.05
C SER A 57 5.31 5.60 -3.45
N THR A 58 4.37 5.53 -4.38
CA THR A 58 3.66 6.71 -4.83
C THR A 58 2.20 6.40 -5.12
N CYS A 59 1.30 7.05 -4.39
CA CYS A 59 -0.13 6.84 -4.57
C CYS A 59 -0.71 7.86 -5.55
N GLU A 60 -1.58 7.38 -6.45
CA GLU A 60 -2.20 8.26 -7.44
C GLU A 60 -3.72 8.11 -7.41
N ALA A 61 -4.39 9.00 -6.70
CA ALA A 61 -5.83 8.97 -6.59
C ALA A 61 -6.30 7.76 -5.78
N GLY A 62 -5.47 7.32 -4.85
CA GLY A 62 -5.82 6.18 -4.03
C GLY A 62 -5.04 4.93 -4.41
N VAL A 63 -4.71 4.82 -5.69
CA VAL A 63 -3.96 3.67 -6.18
C VAL A 63 -2.54 3.66 -5.65
N ALA A 64 -2.34 3.03 -4.50
CA ALA A 64 -1.03 2.94 -3.88
C ALA A 64 -0.12 2.00 -4.66
N GLU A 65 1.16 2.36 -4.75
CA GLU A 65 2.13 1.54 -5.46
C GLU A 65 3.52 1.67 -4.84
N LEU A 66 4.28 0.59 -4.88
CA LEU A 66 5.63 0.57 -4.30
C LEU A 66 6.66 0.11 -5.34
N HIS A 67 7.36 1.06 -5.93
CA HIS A 67 8.37 0.75 -6.94
C HIS A 67 9.65 0.25 -6.28
N ILE A 68 10.04 -0.98 -6.60
CA ILE A 68 11.24 -1.57 -6.04
C ILE A 68 12.19 -2.05 -7.13
N GLN A 69 13.17 -1.23 -7.46
CA GLN A 69 14.15 -1.56 -8.50
C GLN A 69 15.24 -2.49 -7.95
N ASP A 70 15.81 -3.30 -8.82
CA ASP A 70 16.86 -4.24 -8.42
C ASP A 70 16.35 -5.20 -7.36
N ALA A 71 15.19 -5.80 -7.62
CA ALA A 71 14.59 -6.75 -6.68
C ALA A 71 15.62 -7.79 -6.23
N LEU A 72 16.12 -7.62 -5.01
CA LEU A 72 17.11 -8.55 -4.46
C LEU A 72 16.44 -9.77 -3.87
N PRO A 73 17.18 -10.89 -3.81
CA PRO A 73 16.67 -12.15 -3.26
C PRO A 73 16.48 -12.09 -1.75
N GLU A 74 17.16 -11.15 -1.11
CA GLU A 74 17.05 -10.99 0.34
C GLU A 74 15.99 -9.96 0.70
N ASP A 75 15.62 -9.13 -0.28
CA ASP A 75 14.60 -8.11 -0.06
C ASP A 75 13.24 -8.74 0.18
N HIS A 76 12.95 -9.80 -0.57
CA HIS A 76 11.67 -10.50 -0.45
C HIS A 76 11.25 -10.60 1.02
N GLY A 77 9.94 -10.57 1.26
CA GLY A 77 9.43 -10.66 2.61
C GLY A 77 7.92 -10.59 2.67
N THR A 78 7.40 -9.72 3.52
CA THR A 78 5.96 -9.56 3.67
C THR A 78 5.56 -8.09 3.68
N TYR A 79 5.10 -7.60 2.53
CA TYR A 79 4.68 -6.21 2.40
C TYR A 79 3.27 -6.01 2.92
N THR A 80 3.15 -5.34 4.06
CA THR A 80 1.85 -5.09 4.67
C THR A 80 1.50 -3.61 4.60
N CYS A 81 0.53 -3.28 3.73
CA CYS A 81 0.09 -1.90 3.57
C CYS A 81 -0.96 -1.53 4.61
N LEU A 82 -0.65 -0.53 5.43
CA LEU A 82 -1.57 -0.08 6.47
C LEU A 82 -2.17 1.27 6.10
N ALA A 83 -3.50 1.32 6.03
CA ALA A 83 -4.20 2.55 5.70
C ALA A 83 -5.22 2.91 6.78
N GLU A 84 -4.92 3.96 7.54
CA GLU A 84 -5.81 4.41 8.60
C GLU A 84 -6.07 5.91 8.50
N ASN A 85 -7.29 6.31 8.84
CA ASN A 85 -7.67 7.72 8.79
C ASN A 85 -8.43 8.13 10.05
N ALA A 86 -8.90 9.36 10.07
CA ALA A 86 -9.64 9.88 11.22
C ALA A 86 -10.94 9.11 11.42
N LEU A 87 -11.39 8.42 10.37
CA LEU A 87 -12.61 7.63 10.43
C LEU A 87 -12.34 6.24 11.00
N GLY A 88 -11.74 5.39 10.18
CA GLY A 88 -11.44 4.03 10.61
C GLY A 88 -9.99 3.67 10.40
N GLN A 89 -9.69 2.38 10.39
CA GLN A 89 -8.33 1.90 10.20
C GLN A 89 -8.31 0.45 9.73
N VAL A 90 -7.54 0.18 8.68
CA VAL A 90 -7.45 -1.17 8.13
C VAL A 90 -6.02 -1.46 7.66
N SER A 91 -5.70 -2.75 7.54
CA SER A 91 -4.38 -3.17 7.10
C SER A 91 -4.44 -4.50 6.36
N CYS A 92 -3.50 -4.71 5.45
CA CYS A 92 -3.45 -5.94 4.66
C CYS A 92 -2.02 -6.43 4.50
N SER A 93 -1.87 -7.70 4.19
CA SER A 93 -0.54 -8.30 4.01
C SER A 93 -0.45 -9.03 2.67
N ALA A 94 0.77 -9.18 2.17
CA ALA A 94 1.00 -9.86 0.90
C ALA A 94 2.25 -10.74 0.96
N TRP A 95 2.41 -11.60 -0.03
CA TRP A 95 3.55 -12.50 -0.09
C TRP A 95 4.28 -12.37 -1.41
N VAL A 96 5.48 -11.80 -1.37
CA VAL A 96 6.29 -11.60 -2.57
C VAL A 96 7.55 -12.46 -2.52
N THR A 97 7.81 -13.19 -3.60
CA THR A 97 8.99 -14.04 -3.68
C THR A 97 9.85 -13.69 -4.88
N VAL A 98 11.16 -13.67 -4.69
CA VAL A 98 12.09 -13.37 -5.76
C VAL A 98 12.89 -14.59 -6.18
N HIS A 99 12.59 -15.10 -7.37
CA HIS A 99 13.29 -16.28 -7.90
C HIS A 99 14.79 -16.18 -7.65
N GLY A 1 -23.29 22.35 9.85
CA GLY A 1 -24.38 23.26 9.51
C GLY A 1 -25.54 23.17 10.48
N SER A 2 -26.47 24.12 10.39
CA SER A 2 -27.63 24.14 11.26
C SER A 2 -28.72 23.20 10.76
N SER A 3 -28.97 23.25 9.45
CA SER A 3 -29.99 22.41 8.84
C SER A 3 -29.51 20.96 8.74
N GLY A 4 -28.41 20.75 8.03
CA GLY A 4 -27.86 19.42 7.87
C GLY A 4 -26.39 19.43 7.53
N SER A 5 -25.61 18.60 8.21
CA SER A 5 -24.18 18.52 7.98
C SER A 5 -23.88 18.03 6.57
N SER A 6 -22.87 18.63 5.94
CA SER A 6 -22.49 18.25 4.58
C SER A 6 -21.04 17.76 4.53
N GLY A 7 -20.69 17.10 3.44
CA GLY A 7 -19.33 16.59 3.30
C GLY A 7 -19.06 15.39 4.17
N MET A 8 -19.97 14.43 4.14
CA MET A 8 -19.82 13.21 4.94
C MET A 8 -18.47 12.56 4.70
N GLU A 9 -18.04 11.72 5.64
CA GLU A 9 -16.76 11.04 5.53
C GLU A 9 -16.96 9.53 5.42
N VAL A 10 -15.85 8.79 5.40
CA VAL A 10 -15.91 7.33 5.30
C VAL A 10 -14.68 6.70 5.94
N ALA A 11 -14.70 5.37 6.07
CA ALA A 11 -13.59 4.64 6.66
C ALA A 11 -12.66 4.08 5.58
N PRO A 12 -11.43 3.77 5.98
CA PRO A 12 -10.41 3.22 5.07
C PRO A 12 -10.74 1.81 4.62
N SER A 13 -10.44 1.51 3.36
CA SER A 13 -10.70 0.18 2.81
C SER A 13 -9.89 -0.05 1.54
N PHE A 14 -9.53 -1.30 1.30
CA PHE A 14 -8.74 -1.65 0.12
C PHE A 14 -9.62 -2.30 -0.94
N SER A 15 -9.71 -1.64 -2.10
CA SER A 15 -10.53 -2.15 -3.20
C SER A 15 -9.87 -3.37 -3.84
N SER A 16 -8.55 -3.32 -3.99
CA SER A 16 -7.81 -4.42 -4.59
C SER A 16 -6.59 -4.78 -3.75
N VAL A 17 -6.80 -5.61 -2.74
CA VAL A 17 -5.71 -6.03 -1.85
C VAL A 17 -4.60 -6.71 -2.64
N LEU A 18 -3.37 -6.58 -2.15
CA LEU A 18 -2.22 -7.18 -2.82
C LEU A 18 -2.41 -8.68 -2.99
N LYS A 19 -1.83 -9.23 -4.05
CA LYS A 19 -1.94 -10.66 -4.33
C LYS A 19 -0.57 -11.26 -4.64
N ASP A 20 -0.44 -12.56 -4.43
CA ASP A 20 0.82 -13.26 -4.68
C ASP A 20 1.52 -12.67 -5.90
N CYS A 21 2.83 -12.45 -5.77
CA CYS A 21 3.62 -11.89 -6.87
C CYS A 21 4.98 -12.58 -6.96
N ALA A 22 5.57 -12.55 -8.15
CA ALA A 22 6.87 -13.17 -8.37
C ALA A 22 7.75 -12.30 -9.28
N VAL A 23 9.05 -12.42 -9.11
CA VAL A 23 10.00 -11.64 -9.91
C VAL A 23 11.35 -12.35 -9.98
N ILE A 24 12.07 -12.11 -11.08
CA ILE A 24 13.38 -12.71 -11.27
C ILE A 24 14.48 -11.83 -10.68
N GLU A 25 15.53 -12.48 -10.17
CA GLU A 25 16.65 -11.75 -9.59
C GLU A 25 17.27 -10.79 -10.60
N GLY A 26 16.96 -9.50 -10.45
CA GLY A 26 17.48 -8.50 -11.36
C GLY A 26 16.39 -7.77 -12.12
N GLN A 27 15.15 -8.08 -11.79
CA GLN A 27 14.01 -7.45 -12.46
C GLN A 27 13.41 -6.35 -11.59
N ASP A 28 12.44 -5.63 -12.14
CA ASP A 28 11.77 -4.55 -11.42
C ASP A 28 10.27 -4.82 -11.29
N PHE A 29 9.76 -4.66 -10.08
CA PHE A 29 8.34 -4.89 -9.83
C PHE A 29 7.77 -3.81 -8.89
N VAL A 30 6.58 -3.33 -9.21
CA VAL A 30 5.93 -2.31 -8.41
C VAL A 30 4.56 -2.78 -7.91
N LEU A 31 4.51 -3.16 -6.64
CA LEU A 31 3.26 -3.64 -6.03
C LEU A 31 2.17 -2.56 -6.11
N GLN A 32 1.18 -2.81 -6.96
CA GLN A 32 0.07 -1.86 -7.12
C GLN A 32 -1.17 -2.35 -6.40
N CYS A 33 -1.85 -1.43 -5.72
CA CYS A 33 -3.05 -1.76 -4.97
C CYS A 33 -4.05 -0.60 -4.99
N SER A 34 -5.32 -0.92 -4.79
CA SER A 34 -6.37 0.10 -4.79
C SER A 34 -6.86 0.38 -3.37
N VAL A 35 -6.81 1.66 -2.98
CA VAL A 35 -7.25 2.06 -1.65
C VAL A 35 -8.11 3.32 -1.72
N ARG A 36 -9.16 3.35 -0.90
CA ARG A 36 -10.06 4.49 -0.87
C ARG A 36 -10.40 4.88 0.57
N GLY A 37 -10.89 6.10 0.75
CA GLY A 37 -11.24 6.57 2.08
C GLY A 37 -11.32 8.08 2.16
N THR A 38 -11.94 8.58 3.22
CA THR A 38 -12.08 10.02 3.42
C THR A 38 -12.12 10.37 4.90
N PRO A 39 -11.20 11.25 5.33
CA PRO A 39 -10.20 11.84 4.45
C PRO A 39 -9.16 10.82 3.98
N VAL A 40 -8.17 11.29 3.24
CA VAL A 40 -7.11 10.42 2.73
C VAL A 40 -6.34 9.77 3.88
N PRO A 41 -6.33 8.43 3.89
CA PRO A 41 -5.63 7.66 4.93
C PRO A 41 -4.12 7.78 4.81
N ARG A 42 -3.40 7.12 5.74
CA ARG A 42 -1.95 7.15 5.74
C ARG A 42 -1.38 5.91 5.05
N ILE A 43 -0.60 6.13 3.99
CA ILE A 43 0.00 5.03 3.26
C ILE A 43 1.37 4.68 3.82
N THR A 44 1.45 3.55 4.50
CA THR A 44 2.71 3.09 5.09
C THR A 44 2.93 1.60 4.83
N TRP A 45 4.02 1.29 4.14
CA TRP A 45 4.35 -0.09 3.82
C TRP A 45 5.25 -0.70 4.91
N LEU A 46 4.92 -1.91 5.33
CA LEU A 46 5.68 -2.60 6.36
C LEU A 46 6.27 -3.90 5.82
N LEU A 47 7.55 -4.13 6.10
CA LEU A 47 8.23 -5.33 5.64
C LEU A 47 8.91 -6.05 6.80
N ASN A 48 8.73 -7.36 6.88
CA ASN A 48 9.33 -8.16 7.94
C ASN A 48 9.08 -7.52 9.31
N GLY A 49 8.00 -6.75 9.41
CA GLY A 49 7.67 -6.10 10.66
C GLY A 49 8.49 -4.84 10.89
N GLN A 50 8.83 -4.15 9.82
CA GLN A 50 9.62 -2.93 9.92
C GLN A 50 9.23 -1.94 8.83
N PRO A 51 9.20 -0.64 9.19
CA PRO A 51 8.84 0.43 8.27
C PRO A 51 9.91 0.66 7.20
N ILE A 52 9.48 0.69 5.94
CA ILE A 52 10.39 0.91 4.83
C ILE A 52 10.77 2.37 4.70
N GLN A 53 12.02 2.69 5.05
CA GLN A 53 12.50 4.06 4.98
C GLN A 53 12.69 4.50 3.52
N TYR A 54 13.36 3.66 2.73
CA TYR A 54 13.60 3.96 1.34
C TYR A 54 12.45 3.46 0.47
N ALA A 55 11.22 3.65 0.94
CA ALA A 55 10.04 3.22 0.21
C ALA A 55 9.52 4.33 -0.70
N ARG A 56 9.91 4.26 -1.97
CA ARG A 56 9.49 5.26 -2.94
C ARG A 56 8.05 5.02 -3.39
N SER A 57 7.15 4.88 -2.43
CA SER A 57 5.74 4.64 -2.73
C SER A 57 5.10 5.88 -3.34
N THR A 58 4.21 5.65 -4.30
CA THR A 58 3.51 6.74 -4.98
C THR A 58 2.01 6.47 -5.06
N CYS A 59 1.23 7.35 -4.45
CA CYS A 59 -0.22 7.21 -4.46
C CYS A 59 -0.86 8.16 -5.48
N GLU A 60 -1.58 7.59 -6.43
CA GLU A 60 -2.25 8.38 -7.47
C GLU A 60 -3.72 8.01 -7.58
N ALA A 61 -4.58 9.02 -7.50
CA ALA A 61 -6.02 8.80 -7.60
C ALA A 61 -6.45 7.60 -6.76
N GLY A 62 -5.95 7.54 -5.53
CA GLY A 62 -6.29 6.44 -4.65
C GLY A 62 -5.67 5.13 -5.07
N VAL A 63 -4.48 5.20 -5.65
CA VAL A 63 -3.77 4.00 -6.11
C VAL A 63 -2.37 3.94 -5.53
N ALA A 64 -2.21 3.20 -4.44
CA ALA A 64 -0.91 3.05 -3.81
C ALA A 64 -0.01 2.09 -4.58
N GLU A 65 1.23 2.50 -4.80
CA GLU A 65 2.18 1.68 -5.53
C GLU A 65 3.57 1.75 -4.90
N LEU A 66 4.26 0.61 -4.85
CA LEU A 66 5.60 0.55 -4.28
C LEU A 66 6.61 0.09 -5.31
N HIS A 67 7.32 1.04 -5.90
CA HIS A 67 8.33 0.73 -6.91
C HIS A 67 9.56 0.10 -6.26
N ILE A 68 9.83 -1.15 -6.60
CA ILE A 68 10.99 -1.86 -6.06
C ILE A 68 11.87 -2.40 -7.17
N GLN A 69 12.98 -1.70 -7.44
CA GLN A 69 13.91 -2.11 -8.47
C GLN A 69 15.02 -2.98 -7.90
N ASP A 70 15.77 -3.64 -8.77
CA ASP A 70 16.87 -4.50 -8.34
C ASP A 70 16.39 -5.52 -7.31
N ALA A 71 15.26 -6.17 -7.61
CA ALA A 71 14.70 -7.17 -6.70
C ALA A 71 15.78 -8.14 -6.23
N LEU A 72 16.23 -7.95 -5.00
CA LEU A 72 17.26 -8.80 -4.41
C LEU A 72 16.64 -9.96 -3.65
N PRO A 73 17.38 -11.07 -3.53
CA PRO A 73 16.92 -12.26 -2.81
C PRO A 73 16.84 -12.04 -1.30
N GLU A 74 17.27 -10.86 -0.85
CA GLU A 74 17.24 -10.53 0.56
C GLU A 74 16.12 -9.55 0.87
N ASP A 75 15.51 -9.01 -0.18
CA ASP A 75 14.40 -8.06 -0.03
C ASP A 75 13.08 -8.80 0.16
N HIS A 76 12.97 -9.97 -0.45
CA HIS A 76 11.76 -10.76 -0.35
C HIS A 76 11.25 -10.82 1.10
N GLY A 77 9.95 -10.69 1.27
CA GLY A 77 9.37 -10.72 2.60
C GLY A 77 7.86 -10.67 2.58
N THR A 78 7.29 -9.86 3.45
CA THR A 78 5.83 -9.72 3.54
C THR A 78 5.42 -8.26 3.62
N TYR A 79 5.11 -7.67 2.47
CA TYR A 79 4.70 -6.27 2.41
C TYR A 79 3.26 -6.11 2.87
N THR A 80 3.02 -5.09 3.70
CA THR A 80 1.69 -4.82 4.21
C THR A 80 1.40 -3.33 4.25
N CYS A 81 0.47 -2.88 3.41
CA CYS A 81 0.11 -1.46 3.34
C CYS A 81 -0.93 -1.13 4.40
N LEU A 82 -0.53 -0.31 5.36
CA LEU A 82 -1.44 0.10 6.44
C LEU A 82 -2.08 1.44 6.14
N ALA A 83 -3.37 1.42 5.83
CA ALA A 83 -4.11 2.64 5.53
C ALA A 83 -5.14 2.94 6.60
N GLU A 84 -4.83 3.91 7.47
CA GLU A 84 -5.74 4.29 8.54
C GLU A 84 -6.01 5.79 8.52
N ASN A 85 -7.20 6.18 8.96
CA ASN A 85 -7.58 7.59 8.98
C ASN A 85 -8.25 7.95 10.31
N ALA A 86 -8.75 9.17 10.40
CA ALA A 86 -9.41 9.65 11.61
C ALA A 86 -10.73 8.90 11.83
N LEU A 87 -11.07 8.01 10.90
CA LEU A 87 -12.31 7.24 11.01
C LEU A 87 -12.00 5.79 11.36
N GLY A 88 -11.54 5.02 10.38
CA GLY A 88 -11.22 3.62 10.60
C GLY A 88 -9.77 3.30 10.29
N GLN A 89 -9.46 2.01 10.19
CA GLN A 89 -8.11 1.57 9.89
C GLN A 89 -8.11 0.15 9.34
N VAL A 90 -7.34 -0.08 8.28
CA VAL A 90 -7.24 -1.39 7.67
C VAL A 90 -5.81 -1.71 7.24
N SER A 91 -5.53 -3.00 7.06
CA SER A 91 -4.19 -3.42 6.67
C SER A 91 -4.26 -4.72 5.86
N CYS A 92 -3.51 -4.77 4.77
CA CYS A 92 -3.48 -5.95 3.92
C CYS A 92 -2.04 -6.40 3.65
N SER A 93 -1.76 -7.66 3.95
CA SER A 93 -0.43 -8.22 3.75
C SER A 93 -0.35 -8.97 2.42
N ALA A 94 0.87 -9.30 2.01
CA ALA A 94 1.10 -10.01 0.76
C ALA A 94 2.40 -10.80 0.80
N TRP A 95 2.44 -11.92 0.09
CA TRP A 95 3.64 -12.75 0.05
C TRP A 95 4.33 -12.64 -1.30
N VAL A 96 5.49 -11.98 -1.31
CA VAL A 96 6.26 -11.79 -2.54
C VAL A 96 7.45 -12.75 -2.59
N THR A 97 7.66 -13.35 -3.76
CA THR A 97 8.77 -14.29 -3.94
C THR A 97 9.68 -13.84 -5.08
N VAL A 98 10.99 -13.95 -4.85
CA VAL A 98 11.97 -13.55 -5.85
C VAL A 98 12.70 -14.77 -6.41
N HIS A 99 12.40 -15.12 -7.66
CA HIS A 99 13.03 -16.27 -8.31
C HIS A 99 14.55 -16.15 -8.26
N GLY A 1 -24.34 22.19 18.26
CA GLY A 1 -23.49 22.75 17.23
C GLY A 1 -24.17 22.77 15.87
N SER A 2 -23.41 23.14 14.84
CA SER A 2 -23.96 23.22 13.49
C SER A 2 -22.93 22.74 12.46
N SER A 3 -23.26 21.67 11.76
CA SER A 3 -22.37 21.12 10.75
C SER A 3 -23.02 21.15 9.37
N GLY A 4 -22.53 22.04 8.51
CA GLY A 4 -23.07 22.15 7.17
C GLY A 4 -22.21 21.46 6.14
N SER A 5 -22.72 20.36 5.59
CA SER A 5 -21.98 19.60 4.58
C SER A 5 -22.94 18.83 3.67
N SER A 6 -22.47 18.52 2.46
CA SER A 6 -23.29 17.78 1.50
C SER A 6 -23.27 16.29 1.81
N GLY A 7 -22.08 15.75 2.02
CA GLY A 7 -21.94 14.33 2.31
C GLY A 7 -21.35 14.08 3.69
N MET A 8 -20.50 13.07 3.77
CA MET A 8 -19.86 12.72 5.04
C MET A 8 -18.64 11.83 4.81
N GLU A 9 -17.55 12.14 5.50
CA GLU A 9 -16.32 11.37 5.37
C GLU A 9 -16.60 9.87 5.43
N VAL A 10 -15.60 9.07 5.07
CA VAL A 10 -15.75 7.62 5.08
C VAL A 10 -14.54 6.95 5.70
N ALA A 11 -14.67 5.67 6.01
CA ALA A 11 -13.57 4.91 6.61
C ALA A 11 -12.68 4.29 5.53
N PRO A 12 -11.47 3.87 5.94
CA PRO A 12 -10.49 3.26 5.03
C PRO A 12 -10.93 1.88 4.55
N SER A 13 -10.77 1.63 3.26
CA SER A 13 -11.15 0.34 2.68
C SER A 13 -10.23 -0.01 1.50
N PHE A 14 -9.86 -1.29 1.42
CA PHE A 14 -9.00 -1.75 0.34
C PHE A 14 -9.81 -2.39 -0.78
N SER A 15 -10.16 -1.59 -1.79
CA SER A 15 -10.94 -2.08 -2.91
C SER A 15 -10.24 -3.26 -3.59
N SER A 16 -8.93 -3.14 -3.75
CA SER A 16 -8.15 -4.20 -4.40
C SER A 16 -6.93 -4.54 -3.55
N VAL A 17 -7.00 -5.64 -2.82
CA VAL A 17 -5.90 -6.09 -1.98
C VAL A 17 -4.74 -6.62 -2.82
N LEU A 18 -3.57 -6.71 -2.21
CA LEU A 18 -2.39 -7.21 -2.90
C LEU A 18 -2.43 -8.72 -3.06
N LYS A 19 -1.81 -9.22 -4.12
CA LYS A 19 -1.79 -10.66 -4.38
C LYS A 19 -0.36 -11.15 -4.56
N ASP A 20 -0.18 -12.47 -4.49
CA ASP A 20 1.15 -13.07 -4.64
C ASP A 20 1.77 -12.66 -5.98
N CYS A 21 3.10 -12.56 -5.99
CA CYS A 21 3.81 -12.18 -7.21
C CYS A 21 5.22 -12.77 -7.21
N ALA A 22 5.76 -12.99 -8.39
CA ALA A 22 7.10 -13.55 -8.54
C ALA A 22 7.97 -12.68 -9.45
N VAL A 23 9.25 -12.58 -9.13
CA VAL A 23 10.18 -11.79 -9.91
C VAL A 23 11.58 -12.38 -9.88
N ILE A 24 12.37 -12.10 -10.91
CA ILE A 24 13.73 -12.60 -11.00
C ILE A 24 14.72 -11.62 -10.39
N GLU A 25 15.81 -12.16 -9.82
CA GLU A 25 16.84 -11.33 -9.21
C GLU A 25 17.39 -10.32 -10.21
N GLY A 26 17.34 -9.04 -9.84
CA GLY A 26 17.84 -7.99 -10.71
C GLY A 26 16.74 -7.34 -11.52
N GLN A 27 15.50 -7.81 -11.33
CA GLN A 27 14.37 -7.26 -12.06
C GLN A 27 13.61 -6.25 -11.19
N ASP A 28 12.73 -5.49 -11.83
CA ASP A 28 11.94 -4.48 -11.12
C ASP A 28 10.48 -4.93 -10.98
N PHE A 29 9.82 -4.48 -9.92
CA PHE A 29 8.43 -4.84 -9.67
C PHE A 29 7.78 -3.84 -8.71
N VAL A 30 6.64 -3.30 -9.12
CA VAL A 30 5.93 -2.33 -8.30
C VAL A 30 4.55 -2.86 -7.92
N LEU A 31 4.33 -3.07 -6.62
CA LEU A 31 3.06 -3.57 -6.13
C LEU A 31 1.97 -2.51 -6.21
N GLN A 32 0.96 -2.76 -7.05
CA GLN A 32 -0.14 -1.82 -7.23
C GLN A 32 -1.39 -2.32 -6.53
N CYS A 33 -2.02 -1.44 -5.75
CA CYS A 33 -3.24 -1.79 -5.03
C CYS A 33 -4.20 -0.61 -4.98
N SER A 34 -5.47 -0.90 -4.74
CA SER A 34 -6.49 0.13 -4.67
C SER A 34 -6.92 0.38 -3.22
N VAL A 35 -6.85 1.63 -2.80
CA VAL A 35 -7.24 2.00 -1.44
C VAL A 35 -8.03 3.30 -1.43
N ARG A 36 -9.24 3.25 -0.88
CA ARG A 36 -10.10 4.42 -0.81
C ARG A 36 -10.35 4.83 0.64
N GLY A 37 -10.97 5.98 0.83
CA GLY A 37 -11.24 6.47 2.17
C GLY A 37 -11.25 7.98 2.25
N THR A 38 -11.82 8.51 3.33
CA THR A 38 -11.88 9.95 3.53
C THR A 38 -11.86 10.31 5.01
N PRO A 39 -10.90 11.18 5.39
CA PRO A 39 -9.93 11.76 4.46
C PRO A 39 -8.93 10.72 3.96
N VAL A 40 -8.06 11.16 3.04
CA VAL A 40 -7.05 10.27 2.49
C VAL A 40 -6.24 9.60 3.58
N PRO A 41 -6.32 8.25 3.64
CA PRO A 41 -5.60 7.46 4.64
C PRO A 41 -4.10 7.45 4.40
N ARG A 42 -3.33 7.35 5.48
CA ARG A 42 -1.87 7.34 5.39
C ARG A 42 -1.38 6.01 4.80
N ILE A 43 -0.44 6.10 3.87
CA ILE A 43 0.11 4.90 3.23
C ILE A 43 1.46 4.54 3.84
N THR A 44 1.49 3.41 4.56
CA THR A 44 2.72 2.94 5.20
C THR A 44 2.99 1.49 4.85
N TRP A 45 4.10 1.24 4.15
CA TRP A 45 4.47 -0.11 3.75
C TRP A 45 5.37 -0.75 4.81
N LEU A 46 5.03 -1.98 5.19
CA LEU A 46 5.80 -2.71 6.19
C LEU A 46 6.27 -4.05 5.65
N LEU A 47 7.58 -4.27 5.68
CA LEU A 47 8.16 -5.51 5.19
C LEU A 47 9.00 -6.18 6.26
N ASN A 48 8.87 -7.50 6.38
CA ASN A 48 9.62 -8.26 7.37
C ASN A 48 9.39 -7.70 8.77
N GLY A 49 8.25 -7.07 8.97
CA GLY A 49 7.92 -6.50 10.26
C GLY A 49 8.64 -5.19 10.52
N GLN A 50 9.16 -4.59 9.45
CA GLN A 50 9.87 -3.32 9.56
C GLN A 50 9.49 -2.38 8.43
N PRO A 51 9.38 -1.09 8.75
CA PRO A 51 9.02 -0.05 7.77
C PRO A 51 10.13 0.19 6.75
N ILE A 52 9.73 0.49 5.52
CA ILE A 52 10.69 0.74 4.45
C ILE A 52 10.91 2.24 4.26
N GLN A 53 12.04 2.73 4.75
CA GLN A 53 12.38 4.15 4.64
C GLN A 53 12.76 4.50 3.20
N TYR A 54 13.38 3.56 2.51
CA TYR A 54 13.80 3.77 1.13
C TYR A 54 12.76 3.25 0.15
N ALA A 55 11.49 3.40 0.53
CA ALA A 55 10.38 2.96 -0.31
C ALA A 55 9.82 4.11 -1.13
N ARG A 56 10.00 4.04 -2.44
CA ARG A 56 9.51 5.08 -3.34
C ARG A 56 8.07 4.81 -3.76
N SER A 57 7.16 4.86 -2.78
CA SER A 57 5.75 4.63 -3.03
C SER A 57 5.07 5.87 -3.58
N THR A 58 4.00 5.67 -4.33
CA THR A 58 3.26 6.79 -4.91
C THR A 58 1.76 6.50 -4.96
N CYS A 59 0.98 7.35 -4.31
CA CYS A 59 -0.47 7.18 -4.26
C CYS A 59 -1.15 8.12 -5.26
N GLU A 60 -1.85 7.53 -6.23
CA GLU A 60 -2.54 8.33 -7.24
C GLU A 60 -4.00 7.89 -7.35
N ALA A 61 -4.90 8.88 -7.33
CA ALA A 61 -6.33 8.61 -7.43
C ALA A 61 -6.72 7.42 -6.54
N GLY A 62 -6.21 7.40 -5.32
CA GLY A 62 -6.51 6.32 -4.41
C GLY A 62 -5.92 5.00 -4.85
N VAL A 63 -4.73 5.05 -5.43
CA VAL A 63 -4.05 3.85 -5.91
C VAL A 63 -2.64 3.76 -5.33
N ALA A 64 -2.53 3.17 -4.14
CA ALA A 64 -1.24 3.01 -3.49
C ALA A 64 -0.33 2.06 -4.27
N GLU A 65 0.91 2.48 -4.48
CA GLU A 65 1.87 1.66 -5.22
C GLU A 65 3.25 1.74 -4.59
N LEU A 66 4.04 0.68 -4.73
CA LEU A 66 5.38 0.63 -4.17
C LEU A 66 6.39 0.21 -5.23
N HIS A 67 7.04 1.19 -5.85
CA HIS A 67 8.03 0.92 -6.87
C HIS A 67 9.30 0.31 -6.27
N ILE A 68 9.51 -0.97 -6.52
CA ILE A 68 10.69 -1.66 -6.00
C ILE A 68 11.63 -2.09 -7.13
N GLN A 69 12.86 -1.61 -7.07
CA GLN A 69 13.85 -1.94 -8.08
C GLN A 69 14.98 -2.79 -7.50
N ASP A 70 15.71 -3.48 -8.36
CA ASP A 70 16.81 -4.33 -7.93
C ASP A 70 16.32 -5.41 -6.97
N ALA A 71 15.22 -6.06 -7.34
CA ALA A 71 14.64 -7.11 -6.51
C ALA A 71 15.72 -8.09 -6.04
N LEU A 72 16.20 -7.90 -4.83
CA LEU A 72 17.22 -8.76 -4.26
C LEU A 72 16.61 -9.91 -3.48
N PRO A 73 17.36 -11.02 -3.34
CA PRO A 73 16.90 -12.21 -2.62
C PRO A 73 16.80 -11.97 -1.12
N GLU A 74 17.19 -10.77 -0.68
CA GLU A 74 17.14 -10.42 0.72
C GLU A 74 16.00 -9.44 1.02
N ASP A 75 15.28 -9.06 -0.04
CA ASP A 75 14.17 -8.13 0.10
C ASP A 75 12.83 -8.88 0.15
N HIS A 76 12.83 -10.10 -0.40
CA HIS A 76 11.62 -10.92 -0.41
C HIS A 76 11.14 -11.20 1.01
N GLY A 77 9.86 -10.94 1.25
CA GLY A 77 9.30 -11.18 2.57
C GLY A 77 7.78 -11.06 2.59
N THR A 78 7.27 -10.20 3.45
CA THR A 78 5.82 -10.00 3.57
C THR A 78 5.47 -8.52 3.60
N TYR A 79 5.07 -7.98 2.46
CA TYR A 79 4.69 -6.58 2.36
C TYR A 79 3.31 -6.33 2.94
N THR A 80 3.18 -5.24 3.69
CA THR A 80 1.91 -4.88 4.31
C THR A 80 1.64 -3.39 4.20
N CYS A 81 0.59 -3.03 3.46
CA CYS A 81 0.23 -1.64 3.27
C CYS A 81 -0.85 -1.22 4.28
N LEU A 82 -0.43 -0.46 5.29
CA LEU A 82 -1.36 0.01 6.31
C LEU A 82 -2.04 1.30 5.88
N ALA A 83 -3.36 1.30 5.90
CA ALA A 83 -4.14 2.48 5.52
C ALA A 83 -5.18 2.82 6.58
N GLU A 84 -4.88 3.81 7.40
CA GLU A 84 -5.79 4.24 8.46
C GLU A 84 -5.98 5.75 8.43
N ASN A 85 -7.16 6.20 8.85
CA ASN A 85 -7.48 7.62 8.88
C ASN A 85 -8.09 8.03 10.21
N ALA A 86 -8.53 9.28 10.30
CA ALA A 86 -9.14 9.78 11.53
C ALA A 86 -10.48 9.11 11.80
N LEU A 87 -10.89 8.24 10.87
CA LEU A 87 -12.16 7.52 11.01
C LEU A 87 -11.92 6.06 11.38
N GLY A 88 -11.50 5.26 10.40
CA GLY A 88 -11.25 3.86 10.65
C GLY A 88 -9.80 3.48 10.40
N GLN A 89 -9.54 2.19 10.28
CA GLN A 89 -8.18 1.69 10.05
C GLN A 89 -8.21 0.29 9.45
N VAL A 90 -7.44 0.10 8.39
CA VAL A 90 -7.36 -1.20 7.73
C VAL A 90 -5.95 -1.51 7.25
N SER A 91 -5.59 -2.79 7.25
CA SER A 91 -4.26 -3.20 6.83
C SER A 91 -4.33 -4.51 6.02
N CYS A 92 -3.48 -4.60 5.01
CA CYS A 92 -3.45 -5.79 4.16
C CYS A 92 -2.02 -6.30 3.99
N SER A 93 -1.88 -7.60 3.80
CA SER A 93 -0.57 -8.21 3.62
C SER A 93 -0.47 -8.93 2.27
N ALA A 94 0.75 -9.15 1.80
CA ALA A 94 0.97 -9.82 0.53
C ALA A 94 2.21 -10.71 0.60
N TRP A 95 2.24 -11.75 -0.23
CA TRP A 95 3.36 -12.68 -0.27
C TRP A 95 4.09 -12.60 -1.61
N VAL A 96 5.24 -11.92 -1.61
CA VAL A 96 6.03 -11.77 -2.82
C VAL A 96 7.19 -12.75 -2.83
N THR A 97 7.55 -13.21 -4.04
CA THR A 97 8.65 -14.16 -4.19
C THR A 97 9.70 -13.62 -5.16
N VAL A 98 10.96 -13.73 -4.76
CA VAL A 98 12.06 -13.27 -5.60
C VAL A 98 13.01 -14.41 -5.96
N HIS A 99 12.90 -14.88 -7.20
CA HIS A 99 13.74 -15.97 -7.68
C HIS A 99 15.22 -15.63 -7.53
N GLY A 1 -37.01 12.65 3.94
CA GLY A 1 -35.78 13.39 3.69
C GLY A 1 -34.55 12.52 3.76
N SER A 2 -33.64 12.84 4.68
CA SER A 2 -32.41 12.07 4.83
C SER A 2 -31.65 11.99 3.51
N SER A 3 -31.59 13.11 2.80
CA SER A 3 -30.90 13.17 1.52
C SER A 3 -29.40 12.91 1.69
N GLY A 4 -28.81 13.58 2.68
CA GLY A 4 -27.39 13.39 2.93
C GLY A 4 -26.68 14.71 3.18
N SER A 5 -25.37 14.64 3.39
CA SER A 5 -24.56 15.84 3.64
C SER A 5 -23.50 16.01 2.57
N SER A 6 -23.78 16.90 1.61
CA SER A 6 -22.85 17.16 0.51
C SER A 6 -21.44 17.46 1.05
N GLY A 7 -20.54 16.48 0.91
CA GLY A 7 -19.18 16.66 1.38
C GLY A 7 -18.98 16.06 2.76
N MET A 8 -18.82 14.74 2.81
CA MET A 8 -18.61 14.05 4.07
C MET A 8 -17.42 13.09 3.97
N GLU A 9 -16.77 12.84 5.10
CA GLU A 9 -15.62 11.94 5.14
C GLU A 9 -16.07 10.48 5.24
N VAL A 10 -15.16 9.57 4.91
CA VAL A 10 -15.46 8.15 4.97
C VAL A 10 -14.32 7.37 5.61
N ALA A 11 -14.58 6.09 5.92
CA ALA A 11 -13.57 5.24 6.54
C ALA A 11 -12.71 4.55 5.49
N PRO A 12 -11.47 4.20 5.86
CA PRO A 12 -10.53 3.53 4.97
C PRO A 12 -10.95 2.09 4.65
N SER A 13 -10.53 1.59 3.50
CA SER A 13 -10.86 0.24 3.07
C SER A 13 -10.05 -0.16 1.84
N PHE A 14 -9.78 -1.46 1.72
CA PHE A 14 -9.01 -1.98 0.58
C PHE A 14 -9.93 -2.65 -0.42
N SER A 15 -10.14 -1.99 -1.56
CA SER A 15 -11.00 -2.53 -2.61
C SER A 15 -10.36 -3.75 -3.26
N SER A 16 -9.06 -3.67 -3.52
CA SER A 16 -8.33 -4.75 -4.14
C SER A 16 -7.01 -5.01 -3.42
N VAL A 17 -6.99 -6.03 -2.58
CA VAL A 17 -5.79 -6.38 -1.83
C VAL A 17 -4.70 -6.93 -2.75
N LEU A 18 -3.47 -6.92 -2.27
CA LEU A 18 -2.34 -7.42 -3.05
C LEU A 18 -2.43 -8.94 -3.21
N LYS A 19 -1.91 -9.43 -4.33
CA LYS A 19 -1.93 -10.86 -4.62
C LYS A 19 -0.52 -11.37 -4.93
N ASP A 20 -0.36 -12.69 -4.90
CA ASP A 20 0.94 -13.30 -5.18
C ASP A 20 1.68 -12.54 -6.27
N CYS A 21 3.01 -12.58 -6.22
CA CYS A 21 3.83 -11.88 -7.20
C CYS A 21 5.21 -12.52 -7.29
N ALA A 22 5.80 -12.48 -8.49
CA ALA A 22 7.13 -13.04 -8.71
C ALA A 22 8.01 -12.08 -9.49
N VAL A 23 9.31 -12.11 -9.19
CA VAL A 23 10.26 -11.24 -9.86
C VAL A 23 11.66 -11.85 -9.86
N ILE A 24 12.41 -11.60 -10.93
CA ILE A 24 13.77 -12.13 -11.06
C ILE A 24 14.77 -11.22 -10.36
N GLU A 25 15.84 -11.82 -9.85
CA GLU A 25 16.88 -11.07 -9.15
C GLU A 25 17.42 -9.94 -10.03
N GLY A 26 17.24 -8.70 -9.56
CA GLY A 26 17.71 -7.55 -10.32
C GLY A 26 16.58 -6.81 -11.00
N GLN A 27 15.54 -7.55 -11.41
CA GLN A 27 14.40 -6.95 -12.08
C GLN A 27 13.74 -5.89 -11.19
N ASP A 28 12.68 -5.28 -11.70
CA ASP A 28 11.96 -4.24 -10.96
C ASP A 28 10.45 -4.46 -11.05
N PHE A 29 9.82 -4.65 -9.90
CA PHE A 29 8.38 -4.87 -9.85
C PHE A 29 7.69 -3.78 -9.04
N VAL A 30 6.47 -3.44 -9.43
CA VAL A 30 5.69 -2.41 -8.74
C VAL A 30 4.39 -2.97 -8.19
N LEU A 31 4.29 -3.03 -6.87
CA LEU A 31 3.08 -3.55 -6.22
C LEU A 31 1.94 -2.52 -6.29
N GLN A 32 0.96 -2.80 -7.14
CA GLN A 32 -0.18 -1.91 -7.29
C GLN A 32 -1.43 -2.49 -6.64
N CYS A 33 -2.12 -1.68 -5.85
CA CYS A 33 -3.33 -2.12 -5.17
C CYS A 33 -4.39 -1.02 -5.19
N SER A 34 -5.56 -1.34 -4.63
CA SER A 34 -6.66 -0.39 -4.59
C SER A 34 -7.09 -0.11 -3.15
N VAL A 35 -7.12 1.17 -2.78
CA VAL A 35 -7.51 1.56 -1.44
C VAL A 35 -8.35 2.83 -1.47
N ARG A 36 -9.46 2.81 -0.73
CA ARG A 36 -10.36 3.95 -0.67
C ARG A 36 -10.40 4.53 0.74
N GLY A 37 -10.99 5.72 0.87
CA GLY A 37 -11.09 6.36 2.17
C GLY A 37 -11.07 7.88 2.07
N THR A 38 -11.42 8.54 3.16
CA THR A 38 -11.45 9.99 3.19
C THR A 38 -11.45 10.52 4.63
N PRO A 39 -10.46 11.35 4.95
CA PRO A 39 -9.41 11.76 4.01
C PRO A 39 -8.47 10.61 3.66
N VAL A 40 -7.65 10.81 2.63
CA VAL A 40 -6.69 9.80 2.20
C VAL A 40 -5.92 9.24 3.39
N PRO A 41 -5.99 7.92 3.56
CA PRO A 41 -5.29 7.23 4.66
C PRO A 41 -3.78 7.21 4.47
N ARG A 42 -3.05 7.06 5.57
CA ARG A 42 -1.59 7.02 5.53
C ARG A 42 -1.10 5.73 4.88
N ILE A 43 -0.30 5.87 3.83
CA ILE A 43 0.24 4.72 3.11
C ILE A 43 1.62 4.37 3.64
N THR A 44 1.71 3.25 4.37
CA THR A 44 2.98 2.80 4.92
C THR A 44 3.19 1.30 4.67
N TRP A 45 4.29 0.98 3.99
CA TRP A 45 4.60 -0.42 3.69
C TRP A 45 5.63 -0.96 4.66
N LEU A 46 5.34 -2.12 5.25
CA LEU A 46 6.24 -2.74 6.20
C LEU A 46 6.65 -4.14 5.72
N LEU A 47 7.94 -4.41 5.75
CA LEU A 47 8.46 -5.72 5.33
C LEU A 47 8.86 -6.57 6.53
N ASN A 48 8.59 -7.86 6.45
CA ASN A 48 8.93 -8.78 7.53
C ASN A 48 8.62 -8.16 8.89
N GLY A 49 7.65 -7.25 8.91
CA GLY A 49 7.28 -6.59 10.15
C GLY A 49 8.19 -5.43 10.49
N GLN A 50 8.62 -4.69 9.47
CA GLN A 50 9.50 -3.55 9.66
C GLN A 50 9.18 -2.44 8.67
N PRO A 51 9.20 -1.19 9.16
CA PRO A 51 8.92 -0.01 8.33
C PRO A 51 10.02 0.26 7.31
N ILE A 52 9.62 0.35 6.05
CA ILE A 52 10.58 0.61 4.97
C ILE A 52 10.85 2.12 4.83
N GLN A 53 12.12 2.50 4.95
CA GLN A 53 12.50 3.90 4.83
C GLN A 53 12.62 4.31 3.36
N TYR A 54 13.39 3.53 2.60
CA TYR A 54 13.58 3.82 1.18
C TYR A 54 12.44 3.25 0.35
N ALA A 55 11.22 3.37 0.86
CA ALA A 55 10.05 2.86 0.15
C ALA A 55 9.44 3.93 -0.75
N ARG A 56 9.81 3.89 -2.03
CA ARG A 56 9.30 4.85 -2.99
C ARG A 56 7.90 4.49 -3.44
N SER A 57 6.92 4.79 -2.59
CA SER A 57 5.52 4.50 -2.89
C SER A 57 4.77 5.76 -3.29
N THR A 58 3.74 5.60 -4.12
CA THR A 58 2.94 6.72 -4.57
C THR A 58 1.48 6.33 -4.73
N CYS A 59 0.60 7.06 -4.03
CA CYS A 59 -0.83 6.79 -4.08
C CYS A 59 -1.56 7.87 -4.87
N GLU A 60 -2.21 7.48 -5.95
CA GLU A 60 -2.94 8.42 -6.79
C GLU A 60 -4.37 7.93 -7.05
N ALA A 61 -5.34 8.77 -6.74
CA ALA A 61 -6.75 8.43 -6.93
C ALA A 61 -7.08 7.11 -6.27
N GLY A 62 -6.59 6.92 -5.04
CA GLY A 62 -6.85 5.69 -4.32
C GLY A 62 -6.12 4.50 -4.91
N VAL A 63 -4.97 4.76 -5.53
CA VAL A 63 -4.17 3.70 -6.14
C VAL A 63 -2.77 3.66 -5.55
N ALA A 64 -2.61 2.92 -4.47
CA ALA A 64 -1.32 2.80 -3.81
C ALA A 64 -0.36 1.93 -4.62
N GLU A 65 0.82 2.45 -4.90
CA GLU A 65 1.82 1.73 -5.68
C GLU A 65 3.20 1.82 -5.03
N LEU A 66 3.99 0.77 -5.15
CA LEU A 66 5.33 0.73 -4.58
C LEU A 66 6.35 0.25 -5.61
N HIS A 67 7.10 1.19 -6.18
CA HIS A 67 8.11 0.85 -7.17
C HIS A 67 9.39 0.35 -6.50
N ILE A 68 9.70 -0.93 -6.70
CA ILE A 68 10.89 -1.53 -6.12
C ILE A 68 11.85 -2.01 -7.19
N GLN A 69 13.02 -1.37 -7.26
CA GLN A 69 14.03 -1.73 -8.24
C GLN A 69 15.14 -2.56 -7.61
N ASP A 70 15.83 -3.34 -8.43
CA ASP A 70 16.92 -4.18 -7.95
C ASP A 70 16.40 -5.21 -6.94
N ALA A 71 15.30 -5.87 -7.29
CA ALA A 71 14.72 -6.88 -6.41
C ALA A 71 15.76 -7.88 -5.94
N LEU A 72 16.23 -7.69 -4.71
CA LEU A 72 17.24 -8.57 -4.13
C LEU A 72 16.58 -9.77 -3.46
N PRO A 73 17.35 -10.86 -3.33
CA PRO A 73 16.87 -12.10 -2.70
C PRO A 73 16.68 -11.94 -1.19
N GLU A 74 17.24 -10.86 -0.65
CA GLU A 74 17.13 -10.60 0.78
C GLU A 74 16.02 -9.59 1.07
N ASP A 75 15.35 -9.15 0.02
CA ASP A 75 14.27 -8.18 0.16
C ASP A 75 12.91 -8.89 0.17
N HIS A 76 12.89 -10.13 -0.29
CA HIS A 76 11.66 -10.91 -0.34
C HIS A 76 11.19 -11.27 1.07
N GLY A 77 9.88 -11.19 1.29
CA GLY A 77 9.33 -11.51 2.60
C GLY A 77 7.82 -11.33 2.64
N THR A 78 7.36 -10.47 3.55
CA THR A 78 5.94 -10.21 3.70
C THR A 78 5.65 -8.72 3.75
N TYR A 79 5.13 -8.18 2.65
CA TYR A 79 4.82 -6.75 2.57
C TYR A 79 3.46 -6.46 3.21
N THR A 80 3.38 -5.35 3.92
CA THR A 80 2.14 -4.95 4.58
C THR A 80 1.85 -3.47 4.38
N CYS A 81 0.76 -3.17 3.68
CA CYS A 81 0.38 -1.79 3.41
C CYS A 81 -0.73 -1.35 4.35
N LEU A 82 -0.37 -0.50 5.32
CA LEU A 82 -1.35 0.00 6.29
C LEU A 82 -1.99 1.29 5.79
N ALA A 83 -3.30 1.41 6.01
CA ALA A 83 -4.04 2.60 5.59
C ALA A 83 -5.09 2.99 6.62
N GLU A 84 -4.80 4.05 7.37
CA GLU A 84 -5.72 4.53 8.40
C GLU A 84 -5.90 6.04 8.30
N ASN A 85 -7.00 6.53 8.85
CA ASN A 85 -7.31 7.96 8.83
C ASN A 85 -8.09 8.37 10.08
N ALA A 86 -8.51 9.63 10.11
CA ALA A 86 -9.26 10.15 11.24
C ALA A 86 -10.57 9.41 11.42
N LEU A 87 -11.00 8.71 10.38
CA LEU A 87 -12.25 7.97 10.41
C LEU A 87 -12.02 6.55 10.94
N GLY A 88 -11.44 5.70 10.09
CA GLY A 88 -11.17 4.33 10.50
C GLY A 88 -9.73 3.93 10.26
N GLN A 89 -9.46 2.63 10.36
CA GLN A 89 -8.10 2.12 10.17
C GLN A 89 -8.14 0.69 9.63
N VAL A 90 -7.42 0.46 8.54
CA VAL A 90 -7.36 -0.86 7.92
C VAL A 90 -5.95 -1.19 7.44
N SER A 91 -5.65 -2.48 7.38
CA SER A 91 -4.33 -2.93 6.95
C SER A 91 -4.44 -4.19 6.10
N CYS A 92 -3.45 -4.40 5.23
CA CYS A 92 -3.43 -5.57 4.36
C CYS A 92 -2.01 -6.08 4.17
N SER A 93 -1.88 -7.38 3.93
CA SER A 93 -0.58 -8.00 3.73
C SER A 93 -0.48 -8.61 2.33
N ALA A 94 0.75 -8.96 1.94
CA ALA A 94 0.99 -9.56 0.63
C ALA A 94 2.19 -10.50 0.67
N TRP A 95 2.34 -11.30 -0.38
CA TRP A 95 3.46 -12.23 -0.47
C TRP A 95 4.21 -12.05 -1.78
N VAL A 96 5.53 -11.86 -1.67
CA VAL A 96 6.38 -11.67 -2.84
C VAL A 96 7.51 -12.69 -2.87
N THR A 97 7.78 -13.24 -4.05
CA THR A 97 8.83 -14.23 -4.21
C THR A 97 9.80 -13.82 -5.32
N VAL A 98 11.05 -13.59 -4.96
CA VAL A 98 12.08 -13.20 -5.92
C VAL A 98 12.86 -14.41 -6.42
N HIS A 99 12.68 -14.74 -7.69
CA HIS A 99 13.36 -15.88 -8.30
C HIS A 99 14.87 -15.77 -8.08
N GLY A 1 -10.08 25.52 -4.75
CA GLY A 1 -10.55 26.89 -4.78
C GLY A 1 -10.84 27.43 -3.39
N SER A 2 -11.74 28.40 -3.31
CA SER A 2 -12.10 29.01 -2.03
C SER A 2 -13.61 28.95 -1.82
N SER A 3 -14.09 27.82 -1.32
CA SER A 3 -15.52 27.63 -1.06
C SER A 3 -15.77 26.30 -0.35
N GLY A 4 -16.76 26.30 0.54
CA GLY A 4 -17.09 25.09 1.27
C GLY A 4 -18.21 24.31 0.62
N SER A 5 -18.21 22.99 0.83
CA SER A 5 -19.24 22.12 0.26
C SER A 5 -19.55 20.97 1.19
N SER A 6 -20.69 20.31 0.95
CA SER A 6 -21.11 19.19 1.77
C SER A 6 -20.49 17.88 1.27
N GLY A 7 -19.46 17.42 1.99
CA GLY A 7 -18.79 16.19 1.60
C GLY A 7 -18.52 15.28 2.79
N MET A 8 -19.48 14.42 3.11
CA MET A 8 -19.33 13.50 4.22
C MET A 8 -18.06 12.67 4.08
N GLU A 9 -17.52 12.22 5.21
CA GLU A 9 -16.31 11.41 5.22
C GLU A 9 -16.63 9.93 5.29
N VAL A 10 -15.69 9.09 4.88
CA VAL A 10 -15.88 7.65 4.90
C VAL A 10 -14.67 6.94 5.51
N ALA A 11 -14.86 5.67 5.86
CA ALA A 11 -13.78 4.88 6.46
C ALA A 11 -12.89 4.27 5.38
N PRO A 12 -11.65 3.94 5.76
CA PRO A 12 -10.68 3.34 4.85
C PRO A 12 -11.04 1.91 4.47
N SER A 13 -10.48 1.44 3.35
CA SER A 13 -10.75 0.09 2.88
C SER A 13 -9.90 -0.25 1.67
N PHE A 14 -9.60 -1.53 1.48
CA PHE A 14 -8.78 -1.98 0.37
C PHE A 14 -9.66 -2.62 -0.71
N SER A 15 -9.90 -1.88 -1.79
CA SER A 15 -10.72 -2.37 -2.89
C SER A 15 -9.98 -3.45 -3.67
N SER A 16 -8.67 -3.28 -3.80
CA SER A 16 -7.85 -4.25 -4.53
C SER A 16 -6.62 -4.65 -3.71
N VAL A 17 -6.83 -5.55 -2.75
CA VAL A 17 -5.75 -6.02 -1.90
C VAL A 17 -4.62 -6.63 -2.74
N LEU A 18 -3.40 -6.58 -2.20
CA LEU A 18 -2.25 -7.13 -2.88
C LEU A 18 -2.42 -8.62 -3.14
N LYS A 19 -1.75 -9.13 -4.19
CA LYS A 19 -1.83 -10.53 -4.53
C LYS A 19 -0.44 -11.10 -4.82
N ASP A 20 -0.24 -12.36 -4.44
CA ASP A 20 1.04 -13.01 -4.67
C ASP A 20 1.67 -12.57 -5.99
N CYS A 21 2.99 -12.44 -6.00
CA CYS A 21 3.70 -12.02 -7.20
C CYS A 21 5.10 -12.64 -7.25
N ALA A 22 5.66 -12.72 -8.45
CA ALA A 22 7.00 -13.28 -8.63
C ALA A 22 7.89 -12.34 -9.44
N VAL A 23 9.19 -12.40 -9.18
CA VAL A 23 10.15 -11.57 -9.89
C VAL A 23 11.51 -12.25 -9.98
N ILE A 24 12.28 -11.86 -11.00
CA ILE A 24 13.61 -12.44 -11.20
C ILE A 24 14.69 -11.53 -10.64
N GLU A 25 15.81 -12.13 -10.24
CA GLU A 25 16.92 -11.37 -9.67
C GLU A 25 17.40 -10.30 -10.66
N GLY A 26 17.17 -9.04 -10.32
CA GLY A 26 17.57 -7.94 -11.18
C GLY A 26 16.40 -7.31 -11.90
N GLN A 27 15.24 -7.94 -11.80
CA GLN A 27 14.04 -7.42 -12.46
C GLN A 27 13.40 -6.32 -11.63
N ASP A 28 12.27 -5.81 -12.12
CA ASP A 28 11.55 -4.75 -11.41
C ASP A 28 10.10 -5.15 -11.16
N PHE A 29 9.48 -4.52 -10.16
CA PHE A 29 8.10 -4.82 -9.81
C PHE A 29 7.52 -3.75 -8.90
N VAL A 30 6.33 -3.28 -9.22
CA VAL A 30 5.67 -2.24 -8.44
C VAL A 30 4.30 -2.72 -7.93
N LEU A 31 4.26 -3.14 -6.67
CA LEU A 31 3.03 -3.63 -6.07
C LEU A 31 1.93 -2.56 -6.15
N GLN A 32 0.90 -2.82 -6.95
CA GLN A 32 -0.20 -1.88 -7.10
C GLN A 32 -1.43 -2.36 -6.33
N CYS A 33 -2.05 -1.45 -5.59
CA CYS A 33 -3.24 -1.78 -4.81
C CYS A 33 -4.23 -0.61 -4.80
N SER A 34 -5.48 -0.91 -4.46
CA SER A 34 -6.52 0.11 -4.41
C SER A 34 -6.97 0.37 -2.97
N VAL A 35 -6.80 1.60 -2.52
CA VAL A 35 -7.19 1.99 -1.17
C VAL A 35 -8.11 3.19 -1.17
N ARG A 36 -9.36 2.98 -0.75
CA ARG A 36 -10.34 4.06 -0.71
C ARG A 36 -10.43 4.67 0.68
N GLY A 37 -11.30 5.66 0.85
CA GLY A 37 -11.46 6.30 2.13
C GLY A 37 -11.53 7.81 2.01
N THR A 38 -11.95 8.48 3.09
CA THR A 38 -12.05 9.93 3.10
C THR A 38 -12.05 10.47 4.52
N PRO A 39 -11.10 11.38 4.82
CA PRO A 39 -10.12 11.83 3.83
C PRO A 39 -9.11 10.74 3.48
N VAL A 40 -8.25 11.04 2.51
CA VAL A 40 -7.23 10.09 2.08
C VAL A 40 -6.43 9.56 3.27
N PRO A 41 -6.41 8.23 3.43
CA PRO A 41 -5.69 7.58 4.52
C PRO A 41 -4.18 7.67 4.35
N ARG A 42 -3.44 7.23 5.37
CA ARG A 42 -1.99 7.26 5.34
C ARG A 42 -1.43 5.97 4.76
N ILE A 43 -0.44 6.10 3.87
CA ILE A 43 0.18 4.95 3.25
C ILE A 43 1.51 4.60 3.92
N THR A 44 1.54 3.46 4.60
CA THR A 44 2.75 3.02 5.29
C THR A 44 3.10 1.59 4.91
N TRP A 45 4.21 1.43 4.20
CA TRP A 45 4.66 0.10 3.77
C TRP A 45 5.71 -0.45 4.73
N LEU A 46 5.53 -1.72 5.11
CA LEU A 46 6.46 -2.37 6.03
C LEU A 46 6.86 -3.74 5.51
N LEU A 47 8.14 -4.08 5.66
CA LEU A 47 8.65 -5.37 5.22
C LEU A 47 9.25 -6.16 6.38
N ASN A 48 8.71 -7.34 6.63
CA ASN A 48 9.20 -8.19 7.72
C ASN A 48 8.79 -7.62 9.08
N GLY A 49 7.61 -7.01 9.13
CA GLY A 49 7.14 -6.43 10.38
C GLY A 49 7.65 -5.02 10.60
N GLN A 50 8.80 -4.72 10.02
CA GLN A 50 9.41 -3.40 10.17
C GLN A 50 9.11 -2.52 8.95
N PRO A 51 9.04 -1.21 9.17
CA PRO A 51 8.76 -0.24 8.10
C PRO A 51 9.91 -0.11 7.11
N ILE A 52 9.59 0.20 5.87
CA ILE A 52 10.60 0.36 4.83
C ILE A 52 11.11 1.79 4.76
N GLN A 53 12.37 1.98 5.15
CA GLN A 53 12.97 3.30 5.13
C GLN A 53 13.19 3.79 3.70
N TYR A 54 13.52 2.86 2.81
CA TYR A 54 13.76 3.19 1.41
C TYR A 54 12.57 2.78 0.54
N ALA A 55 11.36 3.10 1.01
CA ALA A 55 10.15 2.77 0.29
C ALA A 55 9.60 3.98 -0.44
N ARG A 56 9.89 4.09 -1.74
CA ARG A 56 9.43 5.21 -2.54
C ARG A 56 8.00 4.96 -3.03
N SER A 57 7.12 4.59 -2.11
CA SER A 57 5.73 4.33 -2.44
C SER A 57 5.03 5.60 -2.91
N THR A 58 4.16 5.46 -3.90
CA THR A 58 3.43 6.61 -4.44
C THR A 58 1.96 6.26 -4.66
N CYS A 59 1.07 7.02 -4.01
CA CYS A 59 -0.36 6.80 -4.13
C CYS A 59 -0.98 7.77 -5.13
N GLU A 60 -1.92 7.27 -5.93
CA GLU A 60 -2.59 8.09 -6.92
C GLU A 60 -4.11 7.94 -6.84
N ALA A 61 -4.76 8.95 -6.26
CA ALA A 61 -6.22 8.92 -6.12
C ALA A 61 -6.66 7.71 -5.30
N GLY A 62 -5.85 7.33 -4.32
CA GLY A 62 -6.18 6.20 -3.48
C GLY A 62 -5.47 4.92 -3.92
N VAL A 63 -4.81 4.99 -5.07
CA VAL A 63 -4.10 3.84 -5.60
C VAL A 63 -2.65 3.81 -5.12
N ALA A 64 -2.40 3.13 -4.01
CA ALA A 64 -1.06 3.04 -3.46
C ALA A 64 -0.18 2.10 -4.28
N GLU A 65 1.07 2.50 -4.49
CA GLU A 65 2.00 1.69 -5.26
C GLU A 65 3.40 1.75 -4.65
N LEU A 66 4.15 0.66 -4.80
CA LEU A 66 5.50 0.58 -4.27
C LEU A 66 6.46 0.00 -5.31
N HIS A 67 7.17 0.88 -6.00
CA HIS A 67 8.13 0.47 -7.02
C HIS A 67 9.38 -0.12 -6.38
N ILE A 68 9.71 -1.35 -6.75
CA ILE A 68 10.88 -2.03 -6.20
C ILE A 68 11.79 -2.53 -7.31
N GLN A 69 12.84 -1.76 -7.60
CA GLN A 69 13.79 -2.13 -8.65
C GLN A 69 14.91 -3.00 -8.10
N ASP A 70 15.61 -3.70 -8.98
CA ASP A 70 16.71 -4.58 -8.58
C ASP A 70 16.26 -5.53 -7.47
N ALA A 71 15.16 -6.25 -7.72
CA ALA A 71 14.64 -7.20 -6.75
C ALA A 71 15.73 -8.16 -6.27
N LEU A 72 16.32 -7.86 -5.11
CA LEU A 72 17.37 -8.69 -4.56
C LEU A 72 16.79 -9.84 -3.74
N PRO A 73 17.54 -10.94 -3.64
CA PRO A 73 17.12 -12.13 -2.89
C PRO A 73 17.09 -11.89 -1.39
N GLU A 74 17.42 -10.66 -0.99
CA GLU A 74 17.44 -10.30 0.43
C GLU A 74 16.45 -9.17 0.71
N ASP A 75 15.52 -8.97 -0.20
CA ASP A 75 14.51 -7.91 -0.04
C ASP A 75 13.11 -8.51 0.03
N HIS A 76 12.93 -9.66 -0.60
CA HIS A 76 11.63 -10.33 -0.60
C HIS A 76 11.21 -10.72 0.80
N GLY A 77 9.91 -10.79 1.03
CA GLY A 77 9.41 -11.16 2.34
C GLY A 77 7.89 -11.00 2.45
N THR A 78 7.45 -10.20 3.41
CA THR A 78 6.02 -9.97 3.61
C THR A 78 5.71 -8.48 3.70
N TYR A 79 5.10 -7.95 2.65
CA TYR A 79 4.75 -6.53 2.61
C TYR A 79 3.44 -6.27 3.35
N THR A 80 3.29 -5.06 3.88
CA THR A 80 2.10 -4.69 4.61
C THR A 80 1.71 -3.24 4.33
N CYS A 81 0.58 -3.04 3.67
CA CYS A 81 0.10 -1.70 3.33
C CYS A 81 -0.98 -1.25 4.32
N LEU A 82 -0.59 -0.40 5.26
CA LEU A 82 -1.53 0.09 6.26
C LEU A 82 -2.17 1.40 5.80
N ALA A 83 -3.50 1.42 5.77
CA ALA A 83 -4.23 2.61 5.35
C ALA A 83 -5.29 2.99 6.38
N GLU A 84 -4.99 4.03 7.18
CA GLU A 84 -5.92 4.49 8.20
C GLU A 84 -6.12 6.00 8.10
N ASN A 85 -7.30 6.46 8.49
CA ASN A 85 -7.63 7.89 8.44
C ASN A 85 -8.34 8.31 9.72
N ALA A 86 -8.77 9.57 9.76
CA ALA A 86 -9.46 10.12 10.92
C ALA A 86 -10.78 9.38 11.15
N LEU A 87 -11.16 8.54 10.21
CA LEU A 87 -12.40 7.77 10.32
C LEU A 87 -12.14 6.37 10.85
N GLY A 88 -11.58 5.51 9.99
CA GLY A 88 -11.29 4.15 10.40
C GLY A 88 -9.83 3.78 10.17
N GLN A 89 -9.55 2.48 10.17
CA GLN A 89 -8.19 2.00 9.96
C GLN A 89 -8.19 0.55 9.48
N VAL A 90 -7.47 0.29 8.40
CA VAL A 90 -7.38 -1.06 7.85
C VAL A 90 -5.96 -1.39 7.41
N SER A 91 -5.63 -2.68 7.42
CA SER A 91 -4.29 -3.13 7.03
C SER A 91 -4.37 -4.41 6.21
N CYS A 92 -3.43 -4.57 5.28
CA CYS A 92 -3.40 -5.76 4.43
C CYS A 92 -1.95 -6.23 4.22
N SER A 93 -1.79 -7.54 4.01
CA SER A 93 -0.47 -8.11 3.80
C SER A 93 -0.38 -8.75 2.42
N ALA A 94 0.84 -9.06 2.00
CA ALA A 94 1.08 -9.69 0.71
C ALA A 94 2.38 -10.49 0.71
N TRP A 95 2.43 -11.52 -0.13
CA TRP A 95 3.61 -12.37 -0.23
C TRP A 95 4.31 -12.17 -1.57
N VAL A 96 5.61 -11.89 -1.51
CA VAL A 96 6.40 -11.68 -2.72
C VAL A 96 7.66 -12.54 -2.71
N THR A 97 7.88 -13.28 -3.79
CA THR A 97 9.04 -14.14 -3.91
C THR A 97 9.96 -13.68 -5.03
N VAL A 98 11.26 -13.80 -4.82
CA VAL A 98 12.25 -13.41 -5.82
C VAL A 98 13.09 -14.59 -6.27
N HIS A 99 12.92 -14.99 -7.52
CA HIS A 99 13.66 -16.12 -8.07
C HIS A 99 15.17 -15.90 -7.92
N GLY A 1 -17.57 32.42 4.24
CA GLY A 1 -16.64 31.67 3.42
C GLY A 1 -17.29 30.48 2.74
N SER A 2 -16.47 29.54 2.27
CA SER A 2 -16.99 28.36 1.59
C SER A 2 -17.31 27.25 2.59
N SER A 3 -18.56 26.82 2.62
CA SER A 3 -18.99 25.77 3.53
C SER A 3 -20.15 24.97 2.93
N GLY A 4 -19.96 23.65 2.83
CA GLY A 4 -20.98 22.80 2.27
C GLY A 4 -21.77 22.05 3.34
N SER A 5 -22.89 21.46 2.96
CA SER A 5 -23.73 20.72 3.90
C SER A 5 -23.85 19.26 3.48
N SER A 6 -24.21 19.03 2.21
CA SER A 6 -24.36 17.69 1.69
C SER A 6 -23.01 17.01 1.52
N GLY A 7 -22.72 16.06 2.41
CA GLY A 7 -21.46 15.34 2.34
C GLY A 7 -21.17 14.56 3.62
N MET A 8 -20.28 13.58 3.50
CA MET A 8 -19.91 12.76 4.66
C MET A 8 -18.56 12.08 4.44
N GLU A 9 -17.80 11.93 5.52
CA GLU A 9 -16.50 11.30 5.44
C GLU A 9 -16.62 9.82 5.11
N VAL A 10 -15.48 9.15 4.94
CA VAL A 10 -15.46 7.73 4.63
C VAL A 10 -14.33 7.02 5.36
N ALA A 11 -14.55 5.75 5.69
CA ALA A 11 -13.56 4.96 6.40
C ALA A 11 -12.59 4.29 5.42
N PRO A 12 -11.42 3.88 5.93
CA PRO A 12 -10.38 3.23 5.12
C PRO A 12 -10.80 1.84 4.66
N SER A 13 -10.61 1.56 3.38
CA SER A 13 -10.97 0.25 2.82
C SER A 13 -10.14 -0.04 1.57
N PHE A 14 -9.62 -1.25 1.50
CA PHE A 14 -8.80 -1.67 0.35
C PHE A 14 -9.67 -2.27 -0.75
N SER A 15 -9.98 -1.45 -1.75
CA SER A 15 -10.80 -1.89 -2.87
C SER A 15 -10.23 -3.15 -3.51
N SER A 16 -8.91 -3.28 -3.45
CA SER A 16 -8.24 -4.44 -4.03
C SER A 16 -6.90 -4.70 -3.33
N VAL A 17 -6.85 -5.75 -2.52
CA VAL A 17 -5.64 -6.10 -1.79
C VAL A 17 -4.60 -6.69 -2.73
N LEU A 18 -3.33 -6.62 -2.33
CA LEU A 18 -2.24 -7.14 -3.13
C LEU A 18 -2.45 -8.62 -3.45
N LYS A 19 -1.73 -9.12 -4.44
CA LYS A 19 -1.85 -10.52 -4.85
C LYS A 19 -0.45 -11.13 -5.06
N ASP A 20 -0.35 -12.43 -4.80
CA ASP A 20 0.92 -13.13 -4.97
C ASP A 20 1.56 -12.79 -6.30
N CYS A 21 2.87 -12.55 -6.28
CA CYS A 21 3.60 -12.20 -7.50
C CYS A 21 4.98 -12.84 -7.49
N ALA A 22 5.64 -12.82 -8.64
CA ALA A 22 6.98 -13.40 -8.77
C ALA A 22 7.86 -12.55 -9.69
N VAL A 23 9.03 -12.17 -9.19
CA VAL A 23 9.96 -11.36 -9.96
C VAL A 23 11.34 -12.02 -10.03
N ILE A 24 12.04 -11.79 -11.14
CA ILE A 24 13.37 -12.36 -11.33
C ILE A 24 14.44 -11.45 -10.75
N GLU A 25 15.39 -12.04 -10.03
CA GLU A 25 16.48 -11.28 -9.42
C GLU A 25 16.99 -10.20 -10.37
N GLY A 26 17.21 -9.00 -9.84
CA GLY A 26 17.69 -7.89 -10.65
C GLY A 26 16.56 -7.09 -11.25
N GLN A 27 15.43 -7.74 -11.52
CA GLN A 27 14.27 -7.08 -12.11
C GLN A 27 13.66 -6.09 -11.12
N ASP A 28 12.69 -5.32 -11.59
CA ASP A 28 12.01 -4.33 -10.75
C ASP A 28 10.51 -4.57 -10.73
N PHE A 29 9.96 -4.69 -9.53
CA PHE A 29 8.52 -4.91 -9.37
C PHE A 29 7.87 -3.78 -8.58
N VAL A 30 6.67 -3.40 -8.99
CA VAL A 30 5.93 -2.33 -8.33
C VAL A 30 4.58 -2.82 -7.81
N LEU A 31 4.51 -3.10 -6.51
CA LEU A 31 3.29 -3.58 -5.90
C LEU A 31 2.17 -2.55 -6.03
N GLN A 32 1.26 -2.78 -6.96
CA GLN A 32 0.14 -1.86 -7.18
C GLN A 32 -1.14 -2.42 -6.58
N CYS A 33 -1.81 -1.60 -5.79
CA CYS A 33 -3.06 -2.00 -5.14
C CYS A 33 -4.12 -0.92 -5.26
N SER A 34 -5.27 -1.14 -4.63
CA SER A 34 -6.36 -0.18 -4.68
C SER A 34 -6.86 0.14 -3.27
N VAL A 35 -6.84 1.42 -2.91
CA VAL A 35 -7.29 1.85 -1.60
C VAL A 35 -7.92 3.24 -1.67
N ARG A 36 -9.06 3.40 -1.01
CA ARG A 36 -9.76 4.68 -0.99
C ARG A 36 -10.27 5.01 0.40
N GLY A 37 -10.50 6.29 0.66
CA GLY A 37 -10.98 6.70 1.97
C GLY A 37 -10.90 8.21 2.16
N THR A 38 -11.81 8.75 2.98
CA THR A 38 -11.83 10.18 3.24
C THR A 38 -11.86 10.46 4.75
N PRO A 39 -10.88 11.23 5.22
CA PRO A 39 -9.82 11.78 4.37
C PRO A 39 -8.86 10.70 3.86
N VAL A 40 -7.84 11.12 3.12
CA VAL A 40 -6.86 10.19 2.58
C VAL A 40 -6.10 9.49 3.70
N PRO A 41 -6.18 8.15 3.71
CA PRO A 41 -5.50 7.33 4.72
C PRO A 41 -3.99 7.33 4.55
N ARG A 42 -3.27 7.07 5.63
CA ARG A 42 -1.81 7.04 5.61
C ARG A 42 -1.30 5.73 5.02
N ILE A 43 -0.47 5.83 3.99
CA ILE A 43 0.09 4.65 3.34
C ILE A 43 1.49 4.34 3.88
N THR A 44 1.61 3.27 4.63
CA THR A 44 2.89 2.87 5.21
C THR A 44 3.15 1.38 4.96
N TRP A 45 4.22 1.09 4.22
CA TRP A 45 4.58 -0.28 3.91
C TRP A 45 5.53 -0.84 4.96
N LEU A 46 5.37 -2.12 5.29
CA LEU A 46 6.21 -2.77 6.29
C LEU A 46 6.73 -4.11 5.77
N LEU A 47 8.04 -4.25 5.72
CA LEU A 47 8.66 -5.49 5.24
C LEU A 47 9.22 -6.30 6.41
N ASN A 48 8.67 -7.51 6.59
CA ASN A 48 9.11 -8.38 7.67
C ASN A 48 8.97 -7.69 9.02
N GLY A 49 8.03 -6.75 9.11
CA GLY A 49 7.82 -6.03 10.35
C GLY A 49 8.76 -4.86 10.51
N GLN A 50 9.10 -4.22 9.40
CA GLN A 50 10.01 -3.08 9.43
C GLN A 50 9.60 -2.05 8.38
N PRO A 51 9.60 -0.76 8.78
CA PRO A 51 9.23 0.34 7.89
C PRO A 51 10.28 0.59 6.81
N ILE A 52 9.86 0.52 5.56
CA ILE A 52 10.76 0.74 4.43
C ILE A 52 11.20 2.20 4.36
N GLN A 53 12.49 2.41 4.13
CA GLN A 53 13.04 3.75 4.03
C GLN A 53 13.22 4.16 2.58
N TYR A 54 13.70 3.24 1.75
CA TYR A 54 13.93 3.51 0.34
C TYR A 54 12.73 3.07 -0.49
N ALA A 55 11.53 3.27 0.06
CA ALA A 55 10.30 2.90 -0.64
C ALA A 55 9.65 4.11 -1.30
N ARG A 56 9.89 4.26 -2.59
CA ARG A 56 9.33 5.38 -3.34
C ARG A 56 7.85 5.16 -3.64
N SER A 57 7.07 4.92 -2.58
CA SER A 57 5.64 4.68 -2.74
C SER A 57 4.95 5.90 -3.35
N THR A 58 3.96 5.63 -4.21
CA THR A 58 3.22 6.70 -4.87
C THR A 58 1.72 6.42 -4.86
N CYS A 59 0.97 7.23 -4.12
CA CYS A 59 -0.47 7.07 -4.03
C CYS A 59 -1.19 8.07 -4.92
N GLU A 60 -1.85 7.57 -5.97
CA GLU A 60 -2.57 8.42 -6.90
C GLU A 60 -3.99 7.91 -7.12
N ALA A 61 -4.95 8.82 -7.11
CA ALA A 61 -6.35 8.47 -7.31
C ALA A 61 -6.71 7.20 -6.54
N GLY A 62 -6.31 7.16 -5.26
CA GLY A 62 -6.59 6.00 -4.44
C GLY A 62 -5.91 4.75 -4.94
N VAL A 63 -4.72 4.92 -5.51
CA VAL A 63 -3.95 3.79 -6.03
C VAL A 63 -2.56 3.75 -5.43
N ALA A 64 -2.42 3.07 -4.29
CA ALA A 64 -1.14 2.95 -3.62
C ALA A 64 -0.20 2.02 -4.38
N GLU A 65 1.02 2.49 -4.63
CA GLU A 65 2.01 1.70 -5.34
C GLU A 65 3.36 1.74 -4.63
N LEU A 66 4.16 0.70 -4.83
CA LEU A 66 5.48 0.60 -4.21
C LEU A 66 6.53 0.17 -5.22
N HIS A 67 7.29 1.14 -5.74
CA HIS A 67 8.33 0.85 -6.71
C HIS A 67 9.54 0.22 -6.05
N ILE A 68 9.84 -1.03 -6.41
CA ILE A 68 10.97 -1.75 -5.85
C ILE A 68 11.90 -2.27 -6.95
N GLN A 69 12.94 -1.51 -7.24
CA GLN A 69 13.90 -1.89 -8.28
C GLN A 69 15.01 -2.76 -7.68
N ASP A 70 15.70 -3.49 -8.55
CA ASP A 70 16.80 -4.36 -8.11
C ASP A 70 16.29 -5.42 -7.14
N ALA A 71 15.13 -6.01 -7.45
CA ALA A 71 14.55 -7.04 -6.61
C ALA A 71 15.59 -8.06 -6.17
N LEU A 72 16.06 -7.94 -4.93
CA LEU A 72 17.07 -8.85 -4.40
C LEU A 72 16.40 -10.02 -3.68
N PRO A 73 17.14 -11.14 -3.59
CA PRO A 73 16.64 -12.36 -2.93
C PRO A 73 16.54 -12.19 -1.42
N GLU A 74 16.99 -11.04 -0.92
CA GLU A 74 16.94 -10.77 0.50
C GLU A 74 15.68 -9.99 0.87
N ASP A 75 15.13 -9.27 -0.10
CA ASP A 75 13.92 -8.48 0.10
C ASP A 75 12.73 -9.39 0.40
N HIS A 76 12.66 -10.51 -0.31
CA HIS A 76 11.58 -11.46 -0.12
C HIS A 76 11.12 -11.50 1.33
N GLY A 77 9.93 -10.97 1.60
CA GLY A 77 9.40 -10.96 2.96
C GLY A 77 7.90 -10.86 2.99
N THR A 78 7.38 -9.93 3.78
CA THR A 78 5.94 -9.74 3.91
C THR A 78 5.57 -8.27 3.83
N TYR A 79 5.10 -7.84 2.65
CA TYR A 79 4.71 -6.45 2.45
C TYR A 79 3.32 -6.19 2.99
N THR A 80 3.24 -5.39 4.05
CA THR A 80 1.96 -5.05 4.66
C THR A 80 1.65 -3.56 4.52
N CYS A 81 0.56 -3.27 3.81
CA CYS A 81 0.15 -1.88 3.59
C CYS A 81 -0.94 -1.48 4.57
N LEU A 82 -0.59 -0.60 5.50
CA LEU A 82 -1.54 -0.12 6.50
C LEU A 82 -2.14 1.22 6.10
N ALA A 83 -3.46 1.32 6.18
CA ALA A 83 -4.16 2.56 5.83
C ALA A 83 -5.23 2.90 6.86
N GLU A 84 -4.96 3.92 7.67
CA GLU A 84 -5.91 4.34 8.69
C GLU A 84 -6.18 5.84 8.60
N ASN A 85 -7.38 6.25 9.01
CA ASN A 85 -7.76 7.66 8.98
C ASN A 85 -8.60 8.02 10.21
N ALA A 86 -9.07 9.27 10.24
CA ALA A 86 -9.88 9.74 11.35
C ALA A 86 -11.18 8.95 11.46
N LEU A 87 -11.57 8.31 10.36
CA LEU A 87 -12.80 7.53 10.33
C LEU A 87 -12.56 6.13 10.88
N GLY A 88 -11.88 5.30 10.10
CA GLY A 88 -11.59 3.93 10.53
C GLY A 88 -10.13 3.57 10.36
N GLN A 89 -9.85 2.27 10.30
CA GLN A 89 -8.48 1.79 10.14
C GLN A 89 -8.47 0.37 9.59
N VAL A 90 -7.62 0.13 8.59
CA VAL A 90 -7.51 -1.19 8.00
C VAL A 90 -6.06 -1.50 7.60
N SER A 91 -5.76 -2.78 7.43
CA SER A 91 -4.42 -3.21 7.07
C SER A 91 -4.45 -4.50 6.27
N CYS A 92 -3.50 -4.67 5.37
CA CYS A 92 -3.42 -5.86 4.53
C CYS A 92 -1.97 -6.29 4.34
N SER A 93 -1.78 -7.45 3.71
CA SER A 93 -0.45 -7.98 3.46
C SER A 93 -0.44 -8.86 2.21
N ALA A 94 0.76 -9.25 1.78
CA ALA A 94 0.91 -10.08 0.61
C ALA A 94 2.21 -10.88 0.66
N TRP A 95 2.26 -11.99 -0.07
CA TRP A 95 3.44 -12.84 -0.10
C TRP A 95 4.18 -12.70 -1.43
N VAL A 96 5.22 -11.86 -1.43
CA VAL A 96 6.00 -11.64 -2.64
C VAL A 96 7.27 -12.48 -2.63
N THR A 97 7.60 -13.06 -3.78
CA THR A 97 8.79 -13.89 -3.91
C THR A 97 9.75 -13.33 -4.96
N VAL A 98 11.04 -13.46 -4.70
CA VAL A 98 12.06 -12.97 -5.63
C VAL A 98 13.00 -14.10 -6.06
N HIS A 99 12.95 -14.43 -7.34
CA HIS A 99 13.80 -15.49 -7.89
C HIS A 99 15.25 -15.02 -8.00
N GLY A 1 -24.22 28.24 8.60
CA GLY A 1 -24.41 26.80 8.56
C GLY A 1 -23.10 26.04 8.65
N SER A 2 -22.83 25.22 7.64
CA SER A 2 -21.61 24.43 7.61
C SER A 2 -20.49 25.19 6.89
N SER A 3 -19.37 25.36 7.59
CA SER A 3 -18.23 26.08 7.03
C SER A 3 -18.10 25.82 5.54
N GLY A 4 -17.91 24.56 5.17
CA GLY A 4 -17.79 24.20 3.77
C GLY A 4 -18.80 23.17 3.34
N SER A 5 -19.48 23.43 2.22
CA SER A 5 -20.49 22.52 1.70
C SER A 5 -19.84 21.36 0.95
N SER A 6 -19.59 20.26 1.67
CA SER A 6 -18.97 19.09 1.07
C SER A 6 -19.77 17.84 1.38
N GLY A 7 -19.42 16.74 0.71
CA GLY A 7 -20.12 15.48 0.93
C GLY A 7 -19.98 14.97 2.35
N MET A 8 -19.48 13.75 2.49
CA MET A 8 -19.28 13.15 3.80
C MET A 8 -18.06 12.24 3.81
N GLU A 9 -17.33 12.25 4.92
CA GLU A 9 -16.14 11.42 5.05
C GLU A 9 -16.48 9.95 4.93
N VAL A 10 -15.46 9.09 4.99
CA VAL A 10 -15.65 7.65 4.89
C VAL A 10 -14.48 6.90 5.51
N ALA A 11 -14.71 5.62 5.81
CA ALA A 11 -13.67 4.78 6.40
C ALA A 11 -12.80 4.14 5.34
N PRO A 12 -11.56 3.82 5.70
CA PRO A 12 -10.60 3.19 4.79
C PRO A 12 -10.97 1.75 4.46
N SER A 13 -10.76 1.37 3.21
CA SER A 13 -11.08 0.01 2.76
C SER A 13 -10.29 -0.35 1.50
N PHE A 14 -9.81 -1.59 1.45
CA PHE A 14 -9.04 -2.05 0.31
C PHE A 14 -9.95 -2.73 -0.72
N SER A 15 -10.07 -2.11 -1.88
CA SER A 15 -10.92 -2.64 -2.95
C SER A 15 -10.22 -3.80 -3.66
N SER A 16 -8.92 -3.62 -3.93
CA SER A 16 -8.14 -4.64 -4.61
C SER A 16 -6.86 -4.95 -3.84
N VAL A 17 -7.01 -5.64 -2.72
CA VAL A 17 -5.86 -6.00 -1.89
C VAL A 17 -4.71 -6.55 -2.74
N LEU A 18 -3.51 -6.54 -2.18
CA LEU A 18 -2.34 -7.04 -2.88
C LEU A 18 -2.42 -8.54 -3.09
N LYS A 19 -1.76 -9.03 -4.14
CA LYS A 19 -1.76 -10.46 -4.43
C LYS A 19 -0.35 -10.95 -4.74
N ASP A 20 0.00 -12.12 -4.21
CA ASP A 20 1.32 -12.70 -4.42
C ASP A 20 1.80 -12.45 -5.84
N CYS A 21 3.09 -12.18 -5.98
CA CYS A 21 3.69 -11.91 -7.28
C CYS A 21 5.06 -12.56 -7.40
N ALA A 22 5.39 -13.01 -8.60
CA ALA A 22 6.68 -13.66 -8.85
C ALA A 22 7.57 -12.77 -9.72
N VAL A 23 8.84 -12.66 -9.32
CA VAL A 23 9.80 -11.84 -10.06
C VAL A 23 11.15 -12.55 -10.16
N ILE A 24 11.87 -12.29 -11.25
CA ILE A 24 13.18 -12.89 -11.46
C ILE A 24 14.29 -12.01 -10.91
N GLU A 25 15.34 -12.64 -10.40
CA GLU A 25 16.47 -11.92 -9.83
C GLU A 25 17.05 -10.93 -10.85
N GLY A 26 16.95 -9.64 -10.54
CA GLY A 26 17.45 -8.62 -11.43
C GLY A 26 16.35 -7.85 -12.12
N GLN A 27 15.10 -8.22 -11.83
CA GLN A 27 13.96 -7.56 -12.44
C GLN A 27 13.37 -6.52 -11.49
N ASP A 28 12.42 -5.73 -12.00
CA ASP A 28 11.78 -4.69 -11.21
C ASP A 28 10.29 -4.97 -11.05
N PHE A 29 9.71 -4.48 -9.96
CA PHE A 29 8.29 -4.68 -9.70
C PHE A 29 7.75 -3.60 -8.77
N VAL A 30 6.56 -3.09 -9.07
CA VAL A 30 5.93 -2.06 -8.26
C VAL A 30 4.58 -2.52 -7.73
N LEU A 31 4.57 -2.97 -6.49
CA LEU A 31 3.34 -3.44 -5.86
C LEU A 31 2.24 -2.39 -5.96
N GLN A 32 1.24 -2.67 -6.79
CA GLN A 32 0.12 -1.76 -6.98
C GLN A 32 -1.13 -2.28 -6.31
N CYS A 33 -1.85 -1.40 -5.62
CA CYS A 33 -3.08 -1.78 -4.93
C CYS A 33 -4.05 -0.61 -4.86
N SER A 34 -5.33 -0.91 -4.68
CA SER A 34 -6.36 0.12 -4.60
C SER A 34 -6.93 0.20 -3.19
N VAL A 35 -7.08 1.42 -2.69
CA VAL A 35 -7.62 1.65 -1.35
C VAL A 35 -8.41 2.95 -1.28
N ARG A 36 -9.66 2.86 -0.84
CA ARG A 36 -10.51 4.04 -0.73
C ARG A 36 -10.53 4.56 0.71
N GLY A 37 -11.27 5.64 0.93
CA GLY A 37 -11.35 6.22 2.26
C GLY A 37 -11.38 7.74 2.22
N THR A 38 -11.71 8.35 3.35
CA THR A 38 -11.79 9.80 3.45
C THR A 38 -11.74 10.26 4.91
N PRO A 39 -10.74 11.09 5.24
CA PRO A 39 -9.73 11.53 4.27
C PRO A 39 -8.79 10.41 3.85
N VAL A 40 -8.14 10.58 2.71
CA VAL A 40 -7.22 9.58 2.19
C VAL A 40 -6.38 8.97 3.31
N PRO A 41 -6.36 7.63 3.38
CA PRO A 41 -5.62 6.89 4.40
C PRO A 41 -4.10 7.01 4.20
N ARG A 42 -3.36 6.86 5.29
CA ARG A 42 -1.90 6.95 5.24
C ARG A 42 -1.30 5.67 4.66
N ILE A 43 -0.39 5.84 3.71
CA ILE A 43 0.26 4.69 3.08
C ILE A 43 1.62 4.42 3.70
N THR A 44 1.71 3.31 4.45
CA THR A 44 2.95 2.93 5.10
C THR A 44 3.29 1.47 4.83
N TRP A 45 4.37 1.24 4.09
CA TRP A 45 4.79 -0.11 3.77
C TRP A 45 5.80 -0.63 4.79
N LEU A 46 5.57 -1.85 5.28
CA LEU A 46 6.44 -2.45 6.28
C LEU A 46 6.96 -3.80 5.78
N LEU A 47 8.25 -4.04 6.01
CA LEU A 47 8.88 -5.30 5.60
C LEU A 47 9.40 -6.08 6.80
N ASN A 48 8.80 -7.25 7.04
CA ASN A 48 9.21 -8.09 8.16
C ASN A 48 8.96 -7.38 9.49
N GLY A 49 7.80 -6.72 9.59
CA GLY A 49 7.46 -6.01 10.82
C GLY A 49 8.34 -4.81 11.05
N GLN A 50 8.68 -4.11 9.98
CA GLN A 50 9.52 -2.92 10.07
C GLN A 50 9.14 -1.88 9.02
N PRO A 51 8.97 -0.63 9.45
CA PRO A 51 8.59 0.47 8.56
C PRO A 51 9.72 0.85 7.60
N ILE A 52 9.39 1.00 6.33
CA ILE A 52 10.37 1.36 5.31
C ILE A 52 10.48 2.87 5.17
N GLN A 53 11.71 3.36 5.03
CA GLN A 53 11.95 4.79 4.88
C GLN A 53 12.33 5.14 3.44
N TYR A 54 13.24 4.35 2.86
CA TYR A 54 13.67 4.57 1.50
C TYR A 54 12.57 4.21 0.50
N ALA A 55 11.43 3.77 1.03
CA ALA A 55 10.31 3.39 0.19
C ALA A 55 9.73 4.60 -0.54
N ARG A 56 9.94 4.66 -1.85
CA ARG A 56 9.44 5.76 -2.66
C ARG A 56 7.99 5.53 -3.07
N SER A 57 7.19 5.03 -2.14
CA SER A 57 5.78 4.75 -2.40
C SER A 57 5.07 6.02 -2.87
N THR A 58 4.22 5.87 -3.88
CA THR A 58 3.46 6.98 -4.43
C THR A 58 1.99 6.63 -4.60
N CYS A 59 1.14 7.27 -3.82
CA CYS A 59 -0.30 7.03 -3.89
C CYS A 59 -1.00 8.12 -4.70
N GLU A 60 -1.52 7.75 -5.86
CA GLU A 60 -2.23 8.70 -6.71
C GLU A 60 -3.68 8.27 -6.93
N ALA A 61 -4.59 9.23 -6.75
CA ALA A 61 -6.01 8.96 -6.92
C ALA A 61 -6.43 7.68 -6.21
N GLY A 62 -5.88 7.49 -5.00
CA GLY A 62 -6.21 6.31 -4.23
C GLY A 62 -5.53 5.06 -4.77
N VAL A 63 -4.40 5.24 -5.44
CA VAL A 63 -3.66 4.13 -6.01
C VAL A 63 -2.26 4.03 -5.42
N ALA A 64 -2.13 3.24 -4.35
CA ALA A 64 -0.85 3.07 -3.69
C ALA A 64 0.08 2.17 -4.50
N GLU A 65 1.31 2.63 -4.71
CA GLU A 65 2.28 1.87 -5.47
C GLU A 65 3.67 1.99 -4.86
N LEU A 66 4.38 0.86 -4.78
CA LEU A 66 5.72 0.85 -4.21
C LEU A 66 6.74 0.30 -5.22
N HIS A 67 7.41 1.21 -5.93
CA HIS A 67 8.40 0.81 -6.92
C HIS A 67 9.62 0.20 -6.25
N ILE A 68 9.94 -1.04 -6.62
CA ILE A 68 11.08 -1.75 -6.05
C ILE A 68 12.00 -2.26 -7.16
N GLN A 69 13.06 -1.49 -7.44
CA GLN A 69 14.02 -1.87 -8.47
C GLN A 69 15.08 -2.81 -7.89
N ASP A 70 15.70 -3.59 -8.77
CA ASP A 70 16.74 -4.53 -8.36
C ASP A 70 16.18 -5.54 -7.36
N ALA A 71 15.09 -6.19 -7.73
CA ALA A 71 14.47 -7.18 -6.86
C ALA A 71 15.46 -8.26 -6.44
N LEU A 72 16.09 -8.06 -5.28
CA LEU A 72 17.07 -9.00 -4.77
C LEU A 72 16.38 -10.14 -4.00
N PRO A 73 17.06 -11.29 -3.94
CA PRO A 73 16.54 -12.47 -3.23
C PRO A 73 16.51 -12.27 -1.72
N GLU A 74 17.17 -11.22 -1.24
CA GLU A 74 17.23 -10.92 0.18
C GLU A 74 16.20 -9.86 0.55
N ASP A 75 15.52 -9.31 -0.46
CA ASP A 75 14.52 -8.29 -0.25
C ASP A 75 13.14 -8.91 -0.04
N HIS A 76 12.93 -10.08 -0.64
CA HIS A 76 11.67 -10.78 -0.54
C HIS A 76 11.23 -10.91 0.92
N GLY A 77 9.97 -10.57 1.20
CA GLY A 77 9.46 -10.66 2.55
C GLY A 77 7.94 -10.56 2.60
N THR A 78 7.43 -9.89 3.63
CA THR A 78 6.00 -9.73 3.79
C THR A 78 5.61 -8.25 3.86
N TYR A 79 5.17 -7.70 2.73
CA TYR A 79 4.78 -6.31 2.65
C TYR A 79 3.39 -6.11 3.26
N THR A 80 3.30 -5.16 4.20
CA THR A 80 2.03 -4.87 4.87
C THR A 80 1.65 -3.40 4.70
N CYS A 81 0.78 -3.13 3.74
CA CYS A 81 0.34 -1.76 3.47
C CYS A 81 -0.76 -1.35 4.45
N LEU A 82 -0.41 -0.51 5.42
CA LEU A 82 -1.36 -0.04 6.42
C LEU A 82 -2.02 1.26 5.97
N ALA A 83 -3.34 1.23 5.81
CA ALA A 83 -4.09 2.41 5.39
C ALA A 83 -5.17 2.76 6.41
N GLU A 84 -4.89 3.77 7.23
CA GLU A 84 -5.84 4.20 8.25
C GLU A 84 -6.04 5.71 8.20
N ASN A 85 -7.21 6.16 8.65
CA ASN A 85 -7.51 7.59 8.66
C ASN A 85 -8.28 7.98 9.92
N ALA A 86 -8.70 9.23 9.99
CA ALA A 86 -9.44 9.72 11.15
C ALA A 86 -10.76 8.97 11.32
N LEU A 87 -11.16 8.25 10.26
CA LEU A 87 -12.40 7.49 10.30
C LEU A 87 -12.17 6.07 10.81
N GLY A 88 -11.57 5.24 9.95
CA GLY A 88 -11.28 3.87 10.32
C GLY A 88 -9.83 3.50 10.11
N GLN A 89 -9.54 2.20 10.15
CA GLN A 89 -8.18 1.72 9.96
C GLN A 89 -8.18 0.29 9.42
N VAL A 90 -7.42 0.07 8.35
CA VAL A 90 -7.34 -1.25 7.73
C VAL A 90 -5.94 -1.53 7.22
N SER A 91 -5.53 -2.79 7.27
CA SER A 91 -4.20 -3.19 6.82
C SER A 91 -4.27 -4.50 6.03
N CYS A 92 -3.43 -4.61 5.01
CA CYS A 92 -3.39 -5.81 4.18
C CYS A 92 -1.96 -6.31 4.01
N SER A 93 -1.82 -7.62 3.79
CA SER A 93 -0.50 -8.22 3.63
C SER A 93 -0.39 -8.90 2.26
N ALA A 94 0.85 -9.12 1.83
CA ALA A 94 1.09 -9.77 0.54
C ALA A 94 2.39 -10.58 0.58
N TRP A 95 2.31 -11.82 0.12
CA TRP A 95 3.48 -12.71 0.10
C TRP A 95 4.16 -12.66 -1.27
N VAL A 96 5.29 -11.96 -1.34
CA VAL A 96 6.05 -11.84 -2.58
C VAL A 96 7.20 -12.83 -2.61
N THR A 97 7.47 -13.39 -3.79
CA THR A 97 8.55 -14.35 -3.95
C THR A 97 9.48 -13.94 -5.09
N VAL A 98 10.77 -13.92 -4.82
CA VAL A 98 11.77 -13.56 -5.82
C VAL A 98 12.61 -14.76 -6.23
N HIS A 99 12.54 -15.13 -7.50
CA HIS A 99 13.30 -16.26 -8.01
C HIS A 99 14.80 -15.98 -7.94
N GLY A 1 -27.61 15.01 16.82
CA GLY A 1 -27.00 15.85 15.81
C GLY A 1 -27.97 16.24 14.71
N SER A 2 -27.44 16.72 13.59
CA SER A 2 -28.26 17.12 12.46
C SER A 2 -28.13 16.15 11.29
N SER A 3 -29.18 16.02 10.51
CA SER A 3 -29.18 15.12 9.36
C SER A 3 -28.05 15.48 8.39
N GLY A 4 -26.99 14.68 8.39
CA GLY A 4 -25.86 14.93 7.52
C GLY A 4 -26.29 15.30 6.12
N SER A 5 -25.57 16.23 5.50
CA SER A 5 -25.88 16.68 4.15
C SER A 5 -25.09 15.89 3.11
N SER A 6 -25.52 15.96 1.86
CA SER A 6 -24.85 15.25 0.77
C SER A 6 -23.35 15.55 0.77
N GLY A 7 -22.55 14.50 0.74
CA GLY A 7 -21.10 14.67 0.73
C GLY A 7 -20.52 14.66 2.13
N MET A 8 -19.77 13.61 2.44
CA MET A 8 -19.14 13.49 3.76
C MET A 8 -17.97 12.51 3.72
N GLU A 9 -17.08 12.62 4.68
CA GLU A 9 -15.92 11.74 4.76
C GLU A 9 -16.34 10.28 4.68
N VAL A 10 -15.36 9.37 4.78
CA VAL A 10 -15.63 7.94 4.72
C VAL A 10 -14.52 7.15 5.39
N ALA A 11 -14.79 5.86 5.64
CA ALA A 11 -13.81 5.00 6.28
C ALA A 11 -12.91 4.32 5.24
N PRO A 12 -11.68 3.99 5.66
CA PRO A 12 -10.70 3.34 4.78
C PRO A 12 -11.08 1.90 4.45
N SER A 13 -10.67 1.44 3.28
CA SER A 13 -10.98 0.08 2.84
C SER A 13 -10.18 -0.27 1.59
N PHE A 14 -9.98 -1.57 1.37
CA PHE A 14 -9.24 -2.05 0.21
C PHE A 14 -10.17 -2.71 -0.79
N SER A 15 -10.33 -2.09 -1.96
CA SER A 15 -11.19 -2.63 -3.01
C SER A 15 -10.53 -3.80 -3.72
N SER A 16 -9.22 -3.69 -3.94
CA SER A 16 -8.46 -4.73 -4.61
C SER A 16 -7.18 -5.04 -3.86
N VAL A 17 -7.30 -5.83 -2.79
CA VAL A 17 -6.15 -6.22 -1.98
C VAL A 17 -5.03 -6.76 -2.85
N LEU A 18 -3.82 -6.76 -2.31
CA LEU A 18 -2.65 -7.27 -3.03
C LEU A 18 -2.71 -8.78 -3.17
N LYS A 19 -1.97 -9.31 -4.15
CA LYS A 19 -1.94 -10.74 -4.39
C LYS A 19 -0.51 -11.22 -4.62
N ASP A 20 -0.29 -12.52 -4.45
CA ASP A 20 1.03 -13.10 -4.64
C ASP A 20 1.67 -12.59 -5.93
N CYS A 21 2.98 -12.40 -5.91
CA CYS A 21 3.71 -11.92 -7.07
C CYS A 21 5.06 -12.62 -7.20
N ALA A 22 5.52 -12.78 -8.43
CA ALA A 22 6.81 -13.43 -8.69
C ALA A 22 7.72 -12.54 -9.53
N VAL A 23 8.97 -12.42 -9.12
CA VAL A 23 9.94 -11.61 -9.83
C VAL A 23 11.32 -12.27 -9.85
N ILE A 24 12.10 -11.95 -10.87
CA ILE A 24 13.44 -12.51 -11.00
C ILE A 24 14.50 -11.56 -10.43
N GLU A 25 15.60 -12.13 -9.94
CA GLU A 25 16.68 -11.33 -9.37
C GLU A 25 17.17 -10.30 -10.38
N GLY A 26 17.02 -9.02 -10.03
CA GLY A 26 17.46 -7.94 -10.91
C GLY A 26 16.30 -7.23 -11.57
N GLN A 27 15.17 -7.93 -11.68
CA GLN A 27 13.97 -7.34 -12.30
C GLN A 27 13.35 -6.30 -11.39
N ASP A 28 12.30 -5.65 -11.88
CA ASP A 28 11.61 -4.62 -11.11
C ASP A 28 10.13 -4.98 -10.93
N PHE A 29 9.65 -4.84 -9.70
CA PHE A 29 8.25 -5.16 -9.40
C PHE A 29 7.63 -4.07 -8.53
N VAL A 30 6.45 -3.60 -8.93
CA VAL A 30 5.75 -2.55 -8.20
C VAL A 30 4.36 -3.03 -7.77
N LEU A 31 4.18 -3.18 -6.47
CA LEU A 31 2.90 -3.64 -5.93
C LEU A 31 1.86 -2.53 -6.00
N GLN A 32 0.89 -2.69 -6.89
CA GLN A 32 -0.17 -1.71 -7.07
C GLN A 32 -1.49 -2.23 -6.52
N CYS A 33 -2.18 -1.39 -5.75
CA CYS A 33 -3.45 -1.76 -5.16
C CYS A 33 -4.39 -0.56 -5.09
N SER A 34 -5.67 -0.82 -4.84
CA SER A 34 -6.66 0.24 -4.75
C SER A 34 -7.25 0.32 -3.34
N VAL A 35 -7.16 1.50 -2.74
CA VAL A 35 -7.68 1.70 -1.39
C VAL A 35 -8.49 3.00 -1.31
N ARG A 36 -9.75 2.88 -0.90
CA ARG A 36 -10.63 4.02 -0.78
C ARG A 36 -10.65 4.55 0.65
N GLY A 37 -11.13 5.78 0.83
CA GLY A 37 -11.20 6.37 2.14
C GLY A 37 -11.23 7.88 2.10
N THR A 38 -11.62 8.51 3.21
CA THR A 38 -11.69 9.96 3.29
C THR A 38 -11.69 10.43 4.74
N PRO A 39 -10.71 11.28 5.09
CA PRO A 39 -9.70 11.75 4.14
C PRO A 39 -8.73 10.64 3.74
N VAL A 40 -7.83 10.96 2.81
CA VAL A 40 -6.85 9.99 2.34
C VAL A 40 -6.07 9.39 3.52
N PRO A 41 -6.16 8.06 3.65
CA PRO A 41 -5.48 7.32 4.72
C PRO A 41 -3.97 7.30 4.53
N ARG A 42 -3.24 7.21 5.65
CA ARG A 42 -1.79 7.18 5.61
C ARG A 42 -1.29 5.88 4.96
N ILE A 43 -0.44 6.03 3.94
CA ILE A 43 0.11 4.87 3.24
C ILE A 43 1.48 4.51 3.78
N THR A 44 1.56 3.39 4.51
CA THR A 44 2.82 2.94 5.07
C THR A 44 3.08 1.48 4.74
N TRP A 45 4.24 1.20 4.15
CA TRP A 45 4.61 -0.16 3.79
C TRP A 45 5.54 -0.78 4.82
N LEU A 46 5.19 -1.96 5.29
CA LEU A 46 6.00 -2.67 6.28
C LEU A 46 6.54 -3.98 5.73
N LEU A 47 7.86 -4.12 5.75
CA LEU A 47 8.52 -5.31 5.24
C LEU A 47 9.33 -6.00 6.34
N ASN A 48 9.23 -7.32 6.41
CA ASN A 48 9.96 -8.09 7.41
C ASN A 48 9.65 -7.58 8.82
N GLY A 49 8.46 -7.02 8.99
CA GLY A 49 8.06 -6.50 10.29
C GLY A 49 8.78 -5.22 10.64
N GLN A 50 9.15 -4.45 9.63
CA GLN A 50 9.86 -3.19 9.85
C GLN A 50 9.47 -2.16 8.79
N PRO A 51 9.39 -0.89 9.21
CA PRO A 51 9.05 0.21 8.31
C PRO A 51 10.13 0.51 7.28
N ILE A 52 9.74 0.70 6.03
CA ILE A 52 10.68 1.00 4.96
C ILE A 52 10.92 2.50 4.83
N GLN A 53 12.19 2.89 4.88
CA GLN A 53 12.55 4.30 4.76
C GLN A 53 12.94 4.65 3.33
N TYR A 54 13.58 3.70 2.65
CA TYR A 54 14.02 3.91 1.27
C TYR A 54 12.91 3.50 0.30
N ALA A 55 11.72 3.24 0.83
CA ALA A 55 10.59 2.85 -0.01
C ALA A 55 10.18 3.98 -0.93
N ARG A 56 9.72 3.63 -2.13
CA ARG A 56 9.29 4.61 -3.12
C ARG A 56 7.78 4.60 -3.27
N SER A 57 7.07 4.41 -2.16
CA SER A 57 5.62 4.38 -2.18
C SER A 57 5.05 5.63 -2.83
N THR A 58 3.98 5.45 -3.60
CA THR A 58 3.33 6.57 -4.28
C THR A 58 1.83 6.37 -4.37
N CYS A 59 1.08 7.20 -3.66
CA CYS A 59 -0.37 7.12 -3.67
C CYS A 59 -0.98 8.17 -4.60
N GLU A 60 -1.73 7.70 -5.59
CA GLU A 60 -2.36 8.59 -6.55
C GLU A 60 -3.84 8.28 -6.69
N ALA A 61 -4.69 9.26 -6.37
CA ALA A 61 -6.13 9.09 -6.46
C ALA A 61 -6.59 7.83 -5.73
N GLY A 62 -5.97 7.57 -4.57
CA GLY A 62 -6.32 6.40 -3.79
C GLY A 62 -5.76 5.13 -4.38
N VAL A 63 -4.58 5.22 -4.97
CA VAL A 63 -3.94 4.06 -5.58
C VAL A 63 -2.52 3.89 -5.06
N ALA A 64 -2.38 3.10 -3.99
CA ALA A 64 -1.07 2.85 -3.39
C ALA A 64 -0.19 2.01 -4.31
N GLU A 65 1.04 2.45 -4.52
CA GLU A 65 1.97 1.74 -5.39
C GLU A 65 3.40 1.85 -4.86
N LEU A 66 4.07 0.71 -4.75
CA LEU A 66 5.45 0.69 -4.25
C LEU A 66 6.38 0.03 -5.27
N HIS A 67 7.18 0.85 -5.95
CA HIS A 67 8.11 0.35 -6.95
C HIS A 67 9.43 -0.09 -6.30
N ILE A 68 9.83 -1.32 -6.58
CA ILE A 68 11.06 -1.86 -6.02
C ILE A 68 12.00 -2.35 -7.12
N GLN A 69 12.99 -1.54 -7.46
CA GLN A 69 13.96 -1.91 -8.50
C GLN A 69 15.07 -2.77 -7.93
N ASP A 70 15.71 -3.55 -8.79
CA ASP A 70 16.80 -4.41 -8.37
C ASP A 70 16.34 -5.39 -7.30
N ALA A 71 15.22 -6.06 -7.55
CA ALA A 71 14.67 -7.03 -6.61
C ALA A 71 15.72 -8.07 -6.21
N LEU A 72 16.38 -7.82 -5.09
CA LEU A 72 17.41 -8.74 -4.60
C LEU A 72 16.78 -9.95 -3.90
N PRO A 73 17.52 -11.06 -3.84
CA PRO A 73 17.06 -12.29 -3.20
C PRO A 73 16.98 -12.16 -1.69
N GLU A 74 17.55 -11.07 -1.16
CA GLU A 74 17.53 -10.83 0.28
C GLU A 74 16.49 -9.77 0.64
N ASP A 75 15.81 -9.25 -0.37
CA ASP A 75 14.79 -8.24 -0.16
C ASP A 75 13.41 -8.87 0.02
N HIS A 76 13.21 -10.02 -0.63
CA HIS A 76 11.94 -10.72 -0.54
C HIS A 76 11.50 -10.87 0.91
N GLY A 77 10.18 -10.93 1.13
CA GLY A 77 9.65 -11.07 2.47
C GLY A 77 8.14 -10.99 2.51
N THR A 78 7.63 -10.15 3.41
CA THR A 78 6.18 -9.98 3.56
C THR A 78 5.80 -8.51 3.64
N TYR A 79 5.35 -7.94 2.52
CA TYR A 79 4.96 -6.55 2.47
C TYR A 79 3.58 -6.35 3.08
N THR A 80 3.37 -5.17 3.69
CA THR A 80 2.09 -4.86 4.31
C THR A 80 1.77 -3.37 4.19
N CYS A 81 0.64 -3.05 3.58
CA CYS A 81 0.23 -1.67 3.41
C CYS A 81 -0.89 -1.31 4.38
N LEU A 82 -0.58 -0.40 5.31
CA LEU A 82 -1.56 0.03 6.30
C LEU A 82 -2.20 1.37 5.89
N ALA A 83 -3.52 1.37 5.76
CA ALA A 83 -4.24 2.58 5.39
C ALA A 83 -5.32 2.92 6.42
N GLU A 84 -5.04 3.90 7.27
CA GLU A 84 -5.98 4.32 8.30
C GLU A 84 -6.17 5.83 8.29
N ASN A 85 -7.35 6.28 8.69
CA ASN A 85 -7.66 7.71 8.74
C ASN A 85 -8.42 8.07 10.00
N ALA A 86 -8.84 9.32 10.10
CA ALA A 86 -9.58 9.79 11.26
C ALA A 86 -10.90 9.03 11.42
N LEU A 87 -11.35 8.42 10.33
CA LEU A 87 -12.60 7.66 10.34
C LEU A 87 -12.37 6.23 10.83
N GLY A 88 -11.77 5.40 9.98
CA GLY A 88 -11.50 4.03 10.34
C GLY A 88 -10.04 3.65 10.14
N GLN A 89 -9.78 2.36 10.09
CA GLN A 89 -8.42 1.86 9.91
C GLN A 89 -8.41 0.45 9.33
N VAL A 90 -7.66 0.25 8.26
CA VAL A 90 -7.58 -1.05 7.60
C VAL A 90 -6.15 -1.33 7.13
N SER A 91 -5.79 -2.61 7.10
CA SER A 91 -4.46 -3.02 6.67
C SER A 91 -4.53 -4.30 5.83
N CYS A 92 -3.51 -4.51 5.01
CA CYS A 92 -3.45 -5.68 4.16
C CYS A 92 -2.00 -6.12 3.93
N SER A 93 -1.78 -7.43 3.83
CA SER A 93 -0.44 -7.97 3.61
C SER A 93 -0.37 -8.74 2.30
N ALA A 94 0.84 -8.95 1.81
CA ALA A 94 1.05 -9.67 0.55
C ALA A 94 2.40 -10.35 0.53
N TRP A 95 2.42 -11.62 0.14
CA TRP A 95 3.65 -12.39 0.08
C TRP A 95 4.35 -12.20 -1.26
N VAL A 96 5.65 -11.89 -1.21
CA VAL A 96 6.43 -11.67 -2.42
C VAL A 96 7.57 -12.67 -2.53
N THR A 97 7.82 -13.16 -3.74
CA THR A 97 8.89 -14.13 -3.97
C THR A 97 9.84 -13.65 -5.07
N VAL A 98 11.14 -13.70 -4.80
CA VAL A 98 12.14 -13.27 -5.76
C VAL A 98 12.99 -14.46 -6.22
N HIS A 99 12.72 -14.93 -7.44
CA HIS A 99 13.46 -16.05 -8.00
C HIS A 99 14.97 -15.80 -7.93
N GLY A 1 -20.72 32.26 7.76
CA GLY A 1 -19.40 32.08 7.17
C GLY A 1 -19.39 32.31 5.67
N SER A 2 -18.25 32.07 5.04
CA SER A 2 -18.10 32.26 3.61
C SER A 2 -17.73 30.96 2.92
N SER A 3 -18.36 29.87 3.34
CA SER A 3 -18.10 28.55 2.76
C SER A 3 -19.24 27.60 3.03
N GLY A 4 -19.26 26.47 2.32
CA GLY A 4 -20.31 25.48 2.49
C GLY A 4 -19.77 24.15 2.97
N SER A 5 -20.28 23.08 2.37
CA SER A 5 -19.85 21.73 2.75
C SER A 5 -19.55 20.88 1.51
N SER A 6 -18.65 19.92 1.67
CA SER A 6 -18.26 19.06 0.56
C SER A 6 -19.11 17.79 0.55
N GLY A 7 -19.12 17.08 1.68
CA GLY A 7 -19.90 15.86 1.78
C GLY A 7 -19.59 15.08 3.04
N MET A 8 -19.87 13.78 3.02
CA MET A 8 -19.61 12.92 4.17
C MET A 8 -18.26 12.22 4.03
N GLU A 9 -17.58 12.04 5.17
CA GLU A 9 -16.29 11.38 5.17
C GLU A 9 -16.42 9.88 4.90
N VAL A 10 -15.30 9.20 4.78
CA VAL A 10 -15.30 7.76 4.53
C VAL A 10 -14.16 7.07 5.28
N ALA A 11 -14.36 5.79 5.58
CA ALA A 11 -13.36 5.00 6.29
C ALA A 11 -12.38 4.35 5.32
N PRO A 12 -11.20 3.96 5.84
CA PRO A 12 -10.16 3.32 5.04
C PRO A 12 -10.55 1.90 4.61
N SER A 13 -10.42 1.62 3.31
CA SER A 13 -10.77 0.31 2.78
C SER A 13 -9.86 -0.05 1.62
N PHE A 14 -9.74 -1.35 1.35
CA PHE A 14 -8.90 -1.83 0.26
C PHE A 14 -9.75 -2.40 -0.88
N SER A 15 -10.08 -1.56 -1.85
CA SER A 15 -10.89 -1.97 -2.99
C SER A 15 -10.27 -3.18 -3.68
N SER A 16 -8.96 -3.29 -3.61
CA SER A 16 -8.24 -4.40 -4.22
C SER A 16 -6.96 -4.72 -3.47
N VAL A 17 -6.98 -5.81 -2.70
CA VAL A 17 -5.81 -6.22 -1.93
C VAL A 17 -4.70 -6.74 -2.84
N LEU A 18 -3.49 -6.79 -2.31
CA LEU A 18 -2.34 -7.26 -3.07
C LEU A 18 -2.45 -8.75 -3.36
N LYS A 19 -1.75 -9.22 -4.39
CA LYS A 19 -1.77 -10.62 -4.76
C LYS A 19 -0.35 -11.15 -4.97
N ASP A 20 -0.09 -12.36 -4.48
CA ASP A 20 1.22 -12.97 -4.62
C ASP A 20 1.77 -12.77 -6.03
N CYS A 21 3.04 -12.39 -6.10
CA CYS A 21 3.69 -12.14 -7.39
C CYS A 21 5.14 -12.64 -7.37
N ALA A 22 5.71 -12.84 -8.55
CA ALA A 22 7.09 -13.31 -8.66
C ALA A 22 7.90 -12.40 -9.59
N VAL A 23 9.19 -12.26 -9.29
CA VAL A 23 10.07 -11.43 -10.09
C VAL A 23 11.44 -12.06 -10.24
N ILE A 24 12.21 -11.60 -11.22
CA ILE A 24 13.55 -12.12 -11.46
C ILE A 24 14.59 -11.36 -10.65
N GLU A 25 15.63 -12.06 -10.23
CA GLU A 25 16.71 -11.45 -9.46
C GLU A 25 17.36 -10.32 -10.23
N GLY A 26 17.06 -9.08 -9.84
CA GLY A 26 17.64 -7.94 -10.52
C GLY A 26 16.62 -7.17 -11.34
N GLN A 27 15.39 -7.68 -11.38
CA GLN A 27 14.32 -7.05 -12.15
C GLN A 27 13.55 -6.07 -11.28
N ASP A 28 12.72 -5.25 -11.92
CA ASP A 28 11.92 -4.26 -11.21
C ASP A 28 10.50 -4.77 -11.00
N PHE A 29 9.83 -4.26 -9.97
CA PHE A 29 8.47 -4.66 -9.66
C PHE A 29 7.80 -3.66 -8.73
N VAL A 30 6.63 -3.16 -9.13
CA VAL A 30 5.89 -2.20 -8.32
C VAL A 30 4.53 -2.75 -7.90
N LEU A 31 4.37 -2.99 -6.61
CA LEU A 31 3.12 -3.52 -6.07
C LEU A 31 2.01 -2.48 -6.15
N GLN A 32 1.02 -2.74 -6.98
CA GLN A 32 -0.11 -1.82 -7.14
C GLN A 32 -1.37 -2.39 -6.51
N CYS A 33 -2.01 -1.58 -5.67
CA CYS A 33 -3.24 -2.00 -4.99
C CYS A 33 -4.25 -0.86 -4.94
N SER A 34 -5.52 -1.22 -4.79
CA SER A 34 -6.59 -0.22 -4.73
C SER A 34 -6.94 0.10 -3.28
N VAL A 35 -6.91 1.38 -2.94
CA VAL A 35 -7.24 1.83 -1.59
C VAL A 35 -7.94 3.18 -1.60
N ARG A 36 -9.06 3.27 -0.91
CA ARG A 36 -9.84 4.50 -0.85
C ARG A 36 -10.15 4.87 0.60
N GLY A 37 -10.47 6.14 0.82
CA GLY A 37 -10.79 6.60 2.16
C GLY A 37 -10.68 8.11 2.30
N THR A 38 -11.55 8.69 3.12
CA THR A 38 -11.55 10.13 3.34
C THR A 38 -11.57 10.46 4.82
N PRO A 39 -10.57 11.24 5.27
CA PRO A 39 -9.51 11.75 4.40
C PRO A 39 -8.57 10.64 3.93
N VAL A 40 -7.62 11.01 3.07
CA VAL A 40 -6.65 10.04 2.54
C VAL A 40 -5.88 9.38 3.67
N PRO A 41 -5.98 8.05 3.76
CA PRO A 41 -5.28 7.26 4.78
C PRO A 41 -3.77 7.23 4.56
N ARG A 42 -3.03 7.06 5.65
CA ARG A 42 -1.58 7.01 5.58
C ARG A 42 -1.10 5.69 4.99
N ILE A 43 -0.32 5.77 3.92
CA ILE A 43 0.21 4.58 3.26
C ILE A 43 1.60 4.23 3.78
N THR A 44 1.68 3.16 4.56
CA THR A 44 2.96 2.72 5.11
C THR A 44 3.20 1.24 4.84
N TRP A 45 4.31 0.94 4.19
CA TRP A 45 4.66 -0.44 3.85
C TRP A 45 5.63 -1.02 4.88
N LEU A 46 5.37 -2.25 5.31
CA LEU A 46 6.24 -2.92 6.28
C LEU A 46 6.73 -4.25 5.74
N LEU A 47 8.02 -4.52 5.95
CA LEU A 47 8.62 -5.77 5.49
C LEU A 47 9.09 -6.61 6.67
N ASN A 48 8.65 -7.87 6.72
CA ASN A 48 9.03 -8.77 7.79
C ASN A 48 8.90 -8.09 9.14
N GLY A 49 7.95 -7.17 9.25
CA GLY A 49 7.75 -6.46 10.50
C GLY A 49 8.74 -5.33 10.70
N GLN A 50 9.03 -4.60 9.61
CA GLN A 50 9.96 -3.49 9.67
C GLN A 50 9.55 -2.38 8.71
N PRO A 51 9.49 -1.14 9.23
CA PRO A 51 9.10 0.03 8.43
C PRO A 51 10.17 0.40 7.40
N ILE A 52 9.81 0.31 6.13
CA ILE A 52 10.74 0.64 5.05
C ILE A 52 11.05 2.13 5.03
N GLN A 53 12.33 2.46 4.82
CA GLN A 53 12.75 3.85 4.79
C GLN A 53 12.87 4.35 3.35
N TYR A 54 13.32 3.47 2.47
CA TYR A 54 13.48 3.82 1.05
C TYR A 54 12.27 3.36 0.24
N ALA A 55 11.08 3.55 0.80
CA ALA A 55 9.85 3.16 0.12
C ALA A 55 9.26 4.32 -0.67
N ARG A 56 9.57 4.38 -1.96
CA ARG A 56 9.08 5.44 -2.82
C ARG A 56 7.74 5.05 -3.44
N SER A 57 6.67 5.17 -2.66
CA SER A 57 5.33 4.83 -3.13
C SER A 57 4.63 6.06 -3.71
N THR A 58 3.57 5.82 -4.47
CA THR A 58 2.80 6.90 -5.08
C THR A 58 1.32 6.56 -5.13
N CYS A 59 0.51 7.39 -4.48
CA CYS A 59 -0.93 7.18 -4.45
C CYS A 59 -1.64 8.10 -5.43
N GLU A 60 -2.29 7.52 -6.43
CA GLU A 60 -3.00 8.30 -7.43
C GLU A 60 -4.42 7.77 -7.63
N ALA A 61 -5.40 8.65 -7.46
CA ALA A 61 -6.79 8.28 -7.61
C ALA A 61 -7.13 7.05 -6.78
N GLY A 62 -6.63 7.00 -5.56
CA GLY A 62 -6.88 5.88 -4.69
C GLY A 62 -6.15 4.63 -5.13
N VAL A 63 -4.99 4.80 -5.75
CA VAL A 63 -4.19 3.68 -6.23
C VAL A 63 -2.79 3.70 -5.64
N ALA A 64 -2.61 3.02 -4.51
CA ALA A 64 -1.31 2.96 -3.85
C ALA A 64 -0.34 2.09 -4.63
N GLU A 65 0.89 2.58 -4.79
CA GLU A 65 1.91 1.84 -5.52
C GLU A 65 3.27 1.97 -4.82
N LEU A 66 4.09 0.93 -4.95
CA LEU A 66 5.41 0.92 -4.32
C LEU A 66 6.47 0.44 -5.33
N HIS A 67 7.16 1.39 -5.93
CA HIS A 67 8.20 1.06 -6.90
C HIS A 67 9.41 0.44 -6.21
N ILE A 68 9.72 -0.80 -6.56
CA ILE A 68 10.85 -1.51 -5.98
C ILE A 68 11.79 -2.04 -7.06
N GLN A 69 12.93 -1.37 -7.21
CA GLN A 69 13.92 -1.77 -8.20
C GLN A 69 14.98 -2.68 -7.58
N ASP A 70 15.71 -3.39 -8.44
CA ASP A 70 16.76 -4.30 -7.97
C ASP A 70 16.20 -5.30 -6.96
N ALA A 71 15.13 -5.98 -7.35
CA ALA A 71 14.51 -6.98 -6.48
C ALA A 71 15.51 -8.03 -6.04
N LEU A 72 16.08 -7.84 -4.86
CA LEU A 72 17.06 -8.78 -4.32
C LEU A 72 16.38 -9.93 -3.60
N PRO A 73 17.08 -11.07 -3.49
CA PRO A 73 16.56 -12.26 -2.81
C PRO A 73 16.44 -12.07 -1.30
N GLU A 74 16.97 -10.96 -0.81
CA GLU A 74 16.92 -10.66 0.62
C GLU A 74 15.74 -9.74 0.95
N ASP A 75 15.27 -9.02 -0.06
CA ASP A 75 14.14 -8.11 0.12
C ASP A 75 12.84 -8.88 0.28
N HIS A 76 12.74 -10.00 -0.43
CA HIS A 76 11.54 -10.84 -0.36
C HIS A 76 11.07 -11.01 1.08
N GLY A 77 9.76 -10.92 1.29
CA GLY A 77 9.21 -11.07 2.62
C GLY A 77 7.71 -10.89 2.65
N THR A 78 7.23 -9.99 3.50
CA THR A 78 5.81 -9.73 3.63
C THR A 78 5.52 -8.23 3.66
N TYR A 79 5.09 -7.70 2.52
CA TYR A 79 4.78 -6.28 2.41
C TYR A 79 3.39 -5.98 2.96
N THR A 80 3.34 -5.30 4.10
CA THR A 80 2.08 -4.95 4.74
C THR A 80 1.77 -3.47 4.57
N CYS A 81 0.73 -3.16 3.80
CA CYS A 81 0.32 -1.78 3.57
C CYS A 81 -0.75 -1.34 4.56
N LEU A 82 -0.35 -0.56 5.55
CA LEU A 82 -1.29 -0.07 6.57
C LEU A 82 -1.90 1.25 6.15
N ALA A 83 -3.23 1.31 6.14
CA ALA A 83 -3.94 2.53 5.76
C ALA A 83 -4.99 2.89 6.80
N GLU A 84 -4.68 3.89 7.63
CA GLU A 84 -5.60 4.33 8.68
C GLU A 84 -5.82 5.84 8.59
N ASN A 85 -7.07 6.25 8.81
CA ASN A 85 -7.42 7.66 8.75
C ASN A 85 -8.19 8.08 10.00
N ALA A 86 -8.65 9.33 10.02
CA ALA A 86 -9.40 9.85 11.15
C ALA A 86 -10.72 9.11 11.32
N LEU A 87 -11.17 8.45 10.25
CA LEU A 87 -12.43 7.71 10.27
C LEU A 87 -12.21 6.31 10.82
N GLY A 88 -11.61 5.44 10.01
CA GLY A 88 -11.37 4.08 10.44
C GLY A 88 -9.91 3.68 10.28
N GLN A 89 -9.67 2.38 10.18
CA GLN A 89 -8.31 1.87 10.03
C GLN A 89 -8.32 0.44 9.49
N VAL A 90 -7.46 0.17 8.51
CA VAL A 90 -7.38 -1.15 7.92
C VAL A 90 -5.94 -1.51 7.56
N SER A 91 -5.64 -2.80 7.52
CA SER A 91 -4.29 -3.27 7.20
C SER A 91 -4.36 -4.54 6.35
N CYS A 92 -3.40 -4.66 5.42
CA CYS A 92 -3.34 -5.82 4.54
C CYS A 92 -1.91 -6.30 4.37
N SER A 93 -1.74 -7.59 4.12
CA SER A 93 -0.41 -8.18 3.93
C SER A 93 -0.36 -9.01 2.65
N ALA A 94 0.85 -9.21 2.14
CA ALA A 94 1.04 -9.98 0.91
C ALA A 94 2.37 -10.73 0.94
N TRP A 95 2.42 -11.87 0.25
CA TRP A 95 3.63 -12.68 0.21
C TRP A 95 4.26 -12.63 -1.18
N VAL A 96 5.39 -11.94 -1.29
CA VAL A 96 6.10 -11.82 -2.57
C VAL A 96 7.26 -12.80 -2.65
N THR A 97 7.57 -13.25 -3.87
CA THR A 97 8.65 -14.19 -4.08
C THR A 97 9.63 -13.68 -5.13
N VAL A 98 10.91 -13.87 -4.88
CA VAL A 98 11.95 -13.42 -5.81
C VAL A 98 12.76 -14.60 -6.35
N HIS A 99 12.69 -14.81 -7.66
CA HIS A 99 13.42 -15.91 -8.30
C HIS A 99 14.91 -15.81 -7.99
N GLY A 1 -33.67 24.73 4.21
CA GLY A 1 -32.44 24.95 3.47
C GLY A 1 -31.20 24.69 4.31
N SER A 2 -31.21 23.58 5.05
CA SER A 2 -30.09 23.23 5.91
C SER A 2 -28.87 22.86 5.08
N SER A 3 -27.94 23.81 4.95
CA SER A 3 -26.72 23.59 4.18
C SER A 3 -26.18 22.19 4.41
N GLY A 4 -26.38 21.31 3.42
CA GLY A 4 -25.90 19.95 3.53
C GLY A 4 -25.73 19.29 2.18
N SER A 5 -26.37 18.14 2.00
CA SER A 5 -26.27 17.41 0.75
C SER A 5 -24.84 17.43 0.20
N SER A 6 -23.88 17.27 1.10
CA SER A 6 -22.47 17.28 0.72
C SER A 6 -21.80 15.96 1.12
N GLY A 7 -20.76 15.59 0.36
CA GLY A 7 -20.04 14.36 0.65
C GLY A 7 -19.33 14.41 1.99
N MET A 8 -19.67 13.47 2.88
CA MET A 8 -19.06 13.41 4.20
C MET A 8 -17.85 12.49 4.18
N GLU A 9 -16.98 12.64 5.19
CA GLU A 9 -15.78 11.82 5.30
C GLU A 9 -16.13 10.34 5.27
N VAL A 10 -15.12 9.49 5.20
CA VAL A 10 -15.31 8.05 5.17
C VAL A 10 -14.13 7.31 5.78
N ALA A 11 -14.28 6.01 5.98
CA ALA A 11 -13.22 5.19 6.56
C ALA A 11 -12.40 4.52 5.46
N PRO A 12 -11.16 4.13 5.82
CA PRO A 12 -10.25 3.46 4.88
C PRO A 12 -10.70 2.05 4.53
N SER A 13 -10.61 1.69 3.26
CA SER A 13 -11.01 0.37 2.81
C SER A 13 -10.22 -0.04 1.57
N PHE A 14 -9.84 -1.32 1.50
CA PHE A 14 -9.08 -1.83 0.37
C PHE A 14 -10.01 -2.48 -0.65
N SER A 15 -10.24 -1.79 -1.76
CA SER A 15 -11.11 -2.29 -2.82
C SER A 15 -10.46 -3.47 -3.54
N SER A 16 -9.16 -3.36 -3.77
CA SER A 16 -8.42 -4.42 -4.45
C SER A 16 -7.11 -4.73 -3.73
N VAL A 17 -7.21 -5.52 -2.66
CA VAL A 17 -6.04 -5.90 -1.87
C VAL A 17 -4.91 -6.39 -2.78
N LEU A 18 -3.74 -6.58 -2.18
CA LEU A 18 -2.58 -7.04 -2.94
C LEU A 18 -2.66 -8.55 -3.19
N LYS A 19 -1.87 -9.03 -4.14
CA LYS A 19 -1.84 -10.44 -4.48
C LYS A 19 -0.41 -10.97 -4.55
N ASP A 20 -0.27 -12.29 -4.53
CA ASP A 20 1.04 -12.92 -4.59
C ASP A 20 1.63 -12.82 -5.99
N CYS A 21 2.93 -12.55 -6.06
CA CYS A 21 3.62 -12.41 -7.33
C CYS A 21 5.09 -12.80 -7.21
N ALA A 22 5.70 -13.17 -8.33
CA ALA A 22 7.10 -13.57 -8.34
C ALA A 22 7.90 -12.72 -9.33
N VAL A 23 9.19 -12.55 -9.06
CA VAL A 23 10.06 -11.77 -9.92
C VAL A 23 11.44 -12.41 -10.03
N ILE A 24 12.21 -11.99 -11.03
CA ILE A 24 13.54 -12.52 -11.24
C ILE A 24 14.60 -11.60 -10.63
N GLU A 25 15.66 -12.19 -10.11
CA GLU A 25 16.75 -11.43 -9.49
C GLU A 25 17.33 -10.42 -10.48
N GLY A 26 17.17 -9.14 -10.18
CA GLY A 26 17.69 -8.10 -11.05
C GLY A 26 16.59 -7.36 -11.78
N GLN A 27 15.35 -7.83 -11.63
CA GLN A 27 14.21 -7.20 -12.28
C GLN A 27 13.55 -6.19 -11.36
N ASP A 28 12.52 -5.51 -11.87
CA ASP A 28 11.80 -4.50 -11.09
C ASP A 28 10.33 -4.88 -10.96
N PHE A 29 9.75 -4.56 -9.81
CA PHE A 29 8.34 -4.86 -9.56
C PHE A 29 7.71 -3.81 -8.65
N VAL A 30 6.54 -3.32 -9.04
CA VAL A 30 5.84 -2.31 -8.26
C VAL A 30 4.44 -2.78 -7.88
N LEU A 31 4.29 -3.24 -6.64
CA LEU A 31 3.01 -3.73 -6.15
C LEU A 31 1.91 -2.70 -6.39
N GLN A 32 0.86 -3.10 -7.09
CA GLN A 32 -0.26 -2.21 -7.39
C GLN A 32 -1.51 -2.63 -6.61
N CYS A 33 -2.10 -1.68 -5.90
CA CYS A 33 -3.29 -1.95 -5.12
C CYS A 33 -4.22 -0.73 -5.09
N SER A 34 -5.43 -0.93 -4.58
CA SER A 34 -6.40 0.15 -4.50
C SER A 34 -6.96 0.28 -3.09
N VAL A 35 -6.97 1.51 -2.57
CA VAL A 35 -7.48 1.77 -1.23
C VAL A 35 -8.23 3.10 -1.18
N ARG A 36 -9.53 3.03 -0.93
CA ARG A 36 -10.36 4.23 -0.86
C ARG A 36 -10.47 4.72 0.58
N GLY A 37 -10.90 5.97 0.74
CA GLY A 37 -11.04 6.54 2.07
C GLY A 37 -10.94 8.06 2.06
N THR A 38 -11.32 8.68 3.17
CA THR A 38 -11.27 10.13 3.28
C THR A 38 -11.37 10.57 4.74
N PRO A 39 -10.42 11.42 5.17
CA PRO A 39 -9.34 11.91 4.30
C PRO A 39 -8.35 10.81 3.95
N VAL A 40 -7.45 11.11 3.01
CA VAL A 40 -6.44 10.16 2.59
C VAL A 40 -5.75 9.51 3.78
N PRO A 41 -5.86 8.18 3.90
CA PRO A 41 -5.25 7.43 4.99
C PRO A 41 -3.73 7.37 4.90
N ARG A 42 -3.08 7.09 6.02
CA ARG A 42 -1.62 7.02 6.06
C ARG A 42 -1.12 5.81 5.27
N ILE A 43 -0.32 6.07 4.24
CA ILE A 43 0.22 4.99 3.41
C ILE A 43 1.61 4.59 3.90
N THR A 44 1.69 3.44 4.56
CA THR A 44 2.96 2.94 5.07
C THR A 44 3.09 1.44 4.84
N TRP A 45 4.10 1.05 4.08
CA TRP A 45 4.34 -0.36 3.78
C TRP A 45 5.33 -0.97 4.76
N LEU A 46 5.20 -2.26 5.01
CA LEU A 46 6.09 -2.96 5.93
C LEU A 46 6.88 -4.05 5.20
N LEU A 47 8.08 -4.33 5.69
CA LEU A 47 8.94 -5.35 5.09
C LEU A 47 9.45 -6.32 6.14
N ASN A 48 9.17 -7.61 5.95
CA ASN A 48 9.60 -8.63 6.89
C ASN A 48 9.32 -8.21 8.33
N GLY A 49 8.32 -7.35 8.51
CA GLY A 49 7.96 -6.89 9.83
C GLY A 49 8.75 -5.66 10.25
N GLN A 50 8.97 -4.75 9.30
CA GLN A 50 9.72 -3.53 9.58
C GLN A 50 9.19 -2.37 8.73
N PRO A 51 8.99 -1.21 9.37
CA PRO A 51 8.49 -0.01 8.70
C PRO A 51 9.51 0.58 7.74
N ILE A 52 9.22 0.49 6.44
CA ILE A 52 10.11 1.02 5.41
C ILE A 52 10.11 2.55 5.43
N GLN A 53 11.30 3.13 5.59
CA GLN A 53 11.44 4.57 5.62
C GLN A 53 11.73 5.12 4.23
N TYR A 54 12.35 4.30 3.38
CA TYR A 54 12.68 4.70 2.02
C TYR A 54 11.66 4.13 1.03
N ALA A 55 10.44 3.90 1.50
CA ALA A 55 9.39 3.36 0.66
C ALA A 55 8.78 4.45 -0.22
N ARG A 56 9.20 4.51 -1.46
CA ARG A 56 8.70 5.51 -2.40
C ARG A 56 7.31 5.14 -2.89
N SER A 57 6.41 4.87 -1.96
CA SER A 57 5.04 4.49 -2.30
C SER A 57 4.30 5.65 -2.97
N THR A 58 3.73 5.38 -4.14
CA THR A 58 3.01 6.41 -4.88
C THR A 58 1.59 5.95 -5.20
N CYS A 59 0.60 6.80 -4.89
CA CYS A 59 -0.79 6.48 -5.14
C CYS A 59 -1.38 7.40 -6.20
N GLU A 60 -1.88 6.81 -7.29
CA GLU A 60 -2.45 7.58 -8.38
C GLU A 60 -3.98 7.47 -8.36
N ALA A 61 -4.63 8.45 -7.74
CA ALA A 61 -6.09 8.48 -7.66
C ALA A 61 -6.59 7.41 -6.70
N GLY A 62 -5.83 7.16 -5.64
CA GLY A 62 -6.21 6.17 -4.65
C GLY A 62 -5.48 4.86 -4.84
N VAL A 63 -5.05 4.58 -6.07
CA VAL A 63 -4.34 3.35 -6.39
C VAL A 63 -2.91 3.40 -5.86
N ALA A 64 -2.72 2.96 -4.62
CA ALA A 64 -1.39 2.95 -4.02
C ALA A 64 -0.45 2.00 -4.75
N GLU A 65 0.83 2.36 -4.80
CA GLU A 65 1.82 1.55 -5.48
C GLU A 65 3.18 1.66 -4.79
N LEU A 66 3.95 0.57 -4.82
CA LEU A 66 5.26 0.55 -4.19
C LEU A 66 6.33 0.11 -5.20
N HIS A 67 7.02 1.08 -5.79
CA HIS A 67 8.06 0.79 -6.76
C HIS A 67 9.30 0.25 -6.07
N ILE A 68 9.66 -0.98 -6.41
CA ILE A 68 10.83 -1.63 -5.82
C ILE A 68 11.78 -2.14 -6.90
N GLN A 69 12.83 -1.37 -7.17
CA GLN A 69 13.81 -1.75 -8.19
C GLN A 69 14.92 -2.61 -7.58
N ASP A 70 15.62 -3.34 -8.43
CA ASP A 70 16.70 -4.21 -7.98
C ASP A 70 16.19 -5.23 -6.96
N ALA A 71 15.14 -5.95 -7.33
CA ALA A 71 14.56 -6.96 -6.45
C ALA A 71 15.62 -7.94 -5.95
N LEU A 72 16.19 -7.65 -4.79
CA LEU A 72 17.22 -8.50 -4.21
C LEU A 72 16.61 -9.74 -3.55
N PRO A 73 17.40 -10.81 -3.43
CA PRO A 73 16.96 -12.06 -2.82
C PRO A 73 16.74 -11.92 -1.31
N GLU A 74 17.34 -10.89 -0.73
CA GLU A 74 17.22 -10.65 0.71
C GLU A 74 16.03 -9.75 1.01
N ASP A 75 15.34 -9.32 -0.04
CA ASP A 75 14.18 -8.45 0.10
C ASP A 75 12.90 -9.28 0.22
N HIS A 76 12.86 -10.41 -0.46
CA HIS A 76 11.70 -11.29 -0.43
C HIS A 76 11.17 -11.44 0.99
N GLY A 77 10.14 -10.66 1.31
CA GLY A 77 9.55 -10.71 2.64
C GLY A 77 8.04 -10.70 2.61
N THR A 78 7.44 -9.80 3.39
CA THR A 78 5.99 -9.69 3.43
C THR A 78 5.55 -8.23 3.35
N TYR A 79 5.13 -7.82 2.16
CA TYR A 79 4.68 -6.44 1.94
C TYR A 79 3.25 -6.26 2.45
N THR A 80 3.08 -5.31 3.36
CA THR A 80 1.77 -5.03 3.94
C THR A 80 1.43 -3.54 3.84
N CYS A 81 0.43 -3.22 3.03
CA CYS A 81 0.01 -1.84 2.84
C CYS A 81 -0.99 -1.43 3.91
N LEU A 82 -0.53 -0.61 4.86
CA LEU A 82 -1.39 -0.15 5.95
C LEU A 82 -1.98 1.23 5.63
N ALA A 83 -3.30 1.35 5.75
CA ALA A 83 -3.97 2.61 5.47
C ALA A 83 -4.96 2.95 6.58
N GLU A 84 -4.56 3.86 7.46
CA GLU A 84 -5.42 4.28 8.57
C GLU A 84 -5.59 5.79 8.59
N ASN A 85 -6.80 6.23 8.90
CA ASN A 85 -7.10 7.66 8.95
C ASN A 85 -7.77 8.03 10.27
N ALA A 86 -8.19 9.29 10.38
CA ALA A 86 -8.86 9.77 11.59
C ALA A 86 -10.22 9.10 11.76
N LEU A 87 -10.60 8.27 10.80
CA LEU A 87 -11.88 7.58 10.85
C LEU A 87 -11.69 6.11 11.21
N GLY A 88 -11.23 5.32 10.24
CA GLY A 88 -11.01 3.90 10.48
C GLY A 88 -9.55 3.51 10.29
N GLN A 89 -9.31 2.20 10.19
CA GLN A 89 -7.96 1.69 10.01
C GLN A 89 -7.98 0.29 9.44
N VAL A 90 -7.24 0.09 8.34
CA VAL A 90 -7.17 -1.22 7.69
C VAL A 90 -5.74 -1.53 7.23
N SER A 91 -5.43 -2.81 7.15
CA SER A 91 -4.11 -3.25 6.73
C SER A 91 -4.19 -4.55 5.94
N CYS A 92 -3.47 -4.60 4.82
CA CYS A 92 -3.47 -5.79 3.97
C CYS A 92 -2.05 -6.28 3.75
N SER A 93 -1.81 -7.57 4.02
CA SER A 93 -0.50 -8.16 3.85
C SER A 93 -0.39 -8.89 2.52
N ALA A 94 0.83 -9.09 2.05
CA ALA A 94 1.07 -9.78 0.79
C ALA A 94 2.39 -10.54 0.81
N TRP A 95 2.53 -11.50 -0.09
CA TRP A 95 3.74 -12.31 -0.17
C TRP A 95 4.42 -12.14 -1.52
N VAL A 96 5.68 -11.72 -1.51
CA VAL A 96 6.44 -11.52 -2.74
C VAL A 96 7.71 -12.38 -2.75
N THR A 97 7.80 -13.28 -3.73
CA THR A 97 8.95 -14.15 -3.84
C THR A 97 9.88 -13.70 -4.97
N VAL A 98 11.16 -13.56 -4.66
CA VAL A 98 12.15 -13.13 -5.64
C VAL A 98 13.07 -14.28 -6.03
N HIS A 99 12.94 -14.75 -7.27
CA HIS A 99 13.76 -15.84 -7.76
C HIS A 99 15.24 -15.52 -7.60
N GLY A 1 -12.07 28.46 18.51
CA GLY A 1 -12.05 28.40 17.07
C GLY A 1 -13.11 27.45 16.51
N SER A 2 -13.63 27.78 15.34
CA SER A 2 -14.66 26.96 14.71
C SER A 2 -14.28 26.61 13.27
N SER A 3 -14.40 25.34 12.93
CA SER A 3 -14.07 24.88 11.59
C SER A 3 -15.20 24.04 10.99
N GLY A 4 -15.64 24.42 9.80
CA GLY A 4 -16.72 23.68 9.15
C GLY A 4 -16.21 22.53 8.32
N SER A 5 -17.08 21.54 8.09
CA SER A 5 -16.71 20.36 7.31
C SER A 5 -17.17 20.50 5.87
N SER A 6 -16.57 19.72 4.98
CA SER A 6 -16.93 19.76 3.57
C SER A 6 -17.14 18.35 3.02
N GLY A 7 -18.37 18.08 2.59
CA GLY A 7 -18.69 16.77 2.06
C GLY A 7 -18.57 15.66 3.09
N MET A 8 -19.42 14.65 2.98
CA MET A 8 -19.39 13.53 3.92
C MET A 8 -18.06 12.78 3.84
N GLU A 9 -17.64 12.22 4.97
CA GLU A 9 -16.38 11.47 5.02
C GLU A 9 -16.65 9.97 5.04
N VAL A 10 -15.57 9.19 4.92
CA VAL A 10 -15.68 7.74 4.91
C VAL A 10 -14.48 7.09 5.58
N ALA A 11 -14.56 5.79 5.83
CA ALA A 11 -13.47 5.06 6.47
C ALA A 11 -12.57 4.41 5.42
N PRO A 12 -11.36 4.03 5.85
CA PRO A 12 -10.37 3.39 4.97
C PRO A 12 -10.79 1.97 4.56
N SER A 13 -10.23 1.50 3.46
CA SER A 13 -10.55 0.16 2.97
C SER A 13 -9.68 -0.19 1.76
N PHE A 14 -9.55 -1.48 1.49
CA PHE A 14 -8.75 -1.95 0.37
C PHE A 14 -9.63 -2.55 -0.73
N SER A 15 -9.83 -1.80 -1.81
CA SER A 15 -10.66 -2.25 -2.91
C SER A 15 -10.03 -3.46 -3.60
N SER A 16 -8.72 -3.39 -3.82
CA SER A 16 -8.00 -4.48 -4.48
C SER A 16 -6.74 -4.83 -3.70
N VAL A 17 -6.86 -5.74 -2.75
CA VAL A 17 -5.73 -6.18 -1.94
C VAL A 17 -4.59 -6.69 -2.82
N LEU A 18 -3.38 -6.70 -2.27
CA LEU A 18 -2.22 -7.17 -2.99
C LEU A 18 -2.33 -8.66 -3.32
N LYS A 19 -1.68 -9.09 -4.38
CA LYS A 19 -1.70 -10.48 -4.80
C LYS A 19 -0.29 -11.02 -4.99
N ASP A 20 -0.11 -12.30 -4.70
CA ASP A 20 1.19 -12.94 -4.84
C ASP A 20 1.76 -12.71 -6.24
N CYS A 21 3.08 -12.65 -6.33
CA CYS A 21 3.75 -12.43 -7.61
C CYS A 21 5.20 -12.91 -7.55
N ALA A 22 5.69 -13.42 -8.68
CA ALA A 22 7.07 -13.90 -8.75
C ALA A 22 7.90 -13.04 -9.69
N VAL A 23 9.13 -12.77 -9.28
CA VAL A 23 10.04 -11.94 -10.08
C VAL A 23 11.47 -12.48 -10.02
N ILE A 24 12.22 -12.27 -11.10
CA ILE A 24 13.60 -12.72 -11.15
C ILE A 24 14.53 -11.77 -10.40
N GLU A 25 15.69 -12.29 -10.00
CA GLU A 25 16.66 -11.48 -9.26
C GLU A 25 17.24 -10.39 -10.15
N GLY A 26 17.34 -9.18 -9.60
CA GLY A 26 17.88 -8.07 -10.35
C GLY A 26 16.82 -7.38 -11.20
N GLN A 27 15.61 -7.92 -11.18
CA GLN A 27 14.51 -7.35 -11.96
C GLN A 27 13.76 -6.30 -11.14
N ASP A 28 12.81 -5.63 -11.78
CA ASP A 28 12.02 -4.60 -11.13
C ASP A 28 10.57 -5.05 -10.94
N PHE A 29 9.97 -4.63 -9.83
CA PHE A 29 8.59 -4.98 -9.53
C PHE A 29 7.95 -3.98 -8.59
N VAL A 30 6.78 -3.47 -8.97
CA VAL A 30 6.07 -2.49 -8.16
C VAL A 30 4.71 -3.03 -7.73
N LEU A 31 4.50 -3.10 -6.41
CA LEU A 31 3.24 -3.60 -5.87
C LEU A 31 2.13 -2.58 -6.04
N GLN A 32 1.15 -2.91 -6.87
CA GLN A 32 0.03 -2.01 -7.13
C GLN A 32 -1.22 -2.47 -6.37
N CYS A 33 -1.94 -1.51 -5.80
CA CYS A 33 -3.15 -1.81 -5.04
C CYS A 33 -4.12 -0.63 -5.06
N SER A 34 -5.37 -0.91 -4.75
CA SER A 34 -6.40 0.14 -4.74
C SER A 34 -6.92 0.37 -3.34
N VAL A 35 -6.72 1.59 -2.82
CA VAL A 35 -7.17 1.95 -1.49
C VAL A 35 -8.04 3.19 -1.51
N ARG A 36 -9.22 3.10 -0.92
CA ARG A 36 -10.14 4.22 -0.88
C ARG A 36 -10.29 4.76 0.55
N GLY A 37 -11.02 5.85 0.70
CA GLY A 37 -11.22 6.45 2.01
C GLY A 37 -11.20 7.96 1.97
N THR A 38 -11.68 8.59 3.05
CA THR A 38 -11.71 10.04 3.12
C THR A 38 -11.79 10.51 4.58
N PRO A 39 -10.83 11.35 4.99
CA PRO A 39 -9.75 11.80 4.11
C PRO A 39 -8.77 10.69 3.77
N VAL A 40 -7.97 10.90 2.73
CA VAL A 40 -6.98 9.92 2.32
C VAL A 40 -6.19 9.38 3.49
N PRO A 41 -6.22 8.06 3.69
CA PRO A 41 -5.52 7.39 4.79
C PRO A 41 -4.00 7.42 4.60
N ARG A 42 -3.27 7.15 5.68
CA ARG A 42 -1.82 7.14 5.63
C ARG A 42 -1.30 5.86 4.97
N ILE A 43 -0.43 6.03 3.98
CA ILE A 43 0.14 4.89 3.27
C ILE A 43 1.53 4.56 3.80
N THR A 44 1.64 3.43 4.50
CA THR A 44 2.92 3.00 5.06
C THR A 44 3.21 1.55 4.72
N TRP A 45 4.27 1.32 3.94
CA TRP A 45 4.65 -0.03 3.55
C TRP A 45 5.64 -0.63 4.55
N LEU A 46 5.26 -1.78 5.11
CA LEU A 46 6.12 -2.45 6.09
C LEU A 46 6.66 -3.76 5.51
N LEU A 47 7.98 -3.93 5.59
CA LEU A 47 8.62 -5.14 5.07
C LEU A 47 9.03 -6.06 6.22
N ASN A 48 8.28 -7.13 6.41
CA ASN A 48 8.57 -8.10 7.47
C ASN A 48 8.32 -7.48 8.84
N GLY A 49 7.24 -6.72 8.95
CA GLY A 49 6.91 -6.08 10.22
C GLY A 49 7.64 -4.76 10.41
N GLN A 50 8.83 -4.65 9.83
CA GLN A 50 9.61 -3.43 9.94
C GLN A 50 9.27 -2.45 8.81
N PRO A 51 9.22 -1.16 9.16
CA PRO A 51 8.91 -0.10 8.20
C PRO A 51 10.02 0.11 7.16
N ILE A 52 9.63 0.36 5.92
CA ILE A 52 10.60 0.58 4.86
C ILE A 52 11.18 1.98 4.91
N GLN A 53 12.48 2.09 4.67
CA GLN A 53 13.16 3.38 4.69
C GLN A 53 13.26 3.97 3.29
N TYR A 54 13.44 3.10 2.30
CA TYR A 54 13.55 3.53 0.91
C TYR A 54 12.29 3.19 0.12
N ALA A 55 11.13 3.50 0.71
CA ALA A 55 9.85 3.23 0.07
C ALA A 55 9.36 4.45 -0.70
N ARG A 56 9.59 4.47 -2.00
CA ARG A 56 9.16 5.58 -2.85
C ARG A 56 7.82 5.28 -3.52
N SER A 57 6.83 4.97 -2.69
CA SER A 57 5.49 4.65 -3.19
C SER A 57 4.75 5.93 -3.57
N THR A 58 3.79 5.80 -4.50
CA THR A 58 3.01 6.94 -4.95
C THR A 58 1.54 6.57 -5.07
N CYS A 59 0.70 7.30 -4.34
CA CYS A 59 -0.75 7.05 -4.36
C CYS A 59 -1.44 7.96 -5.35
N GLU A 60 -2.09 7.36 -6.35
CA GLU A 60 -2.79 8.13 -7.37
C GLU A 60 -4.30 7.89 -7.29
N ALA A 61 -4.99 8.77 -6.57
CA ALA A 61 -6.44 8.66 -6.41
C ALA A 61 -6.80 7.52 -5.47
N GLY A 62 -5.88 7.18 -4.57
CA GLY A 62 -6.12 6.10 -3.64
C GLY A 62 -5.33 4.85 -3.96
N VAL A 63 -5.04 4.66 -5.25
CA VAL A 63 -4.28 3.50 -5.70
C VAL A 63 -2.82 3.59 -5.27
N ALA A 64 -2.51 3.03 -4.11
CA ALA A 64 -1.15 3.06 -3.59
C ALA A 64 -0.27 2.06 -4.34
N GLU A 65 0.92 2.51 -4.72
CA GLU A 65 1.87 1.65 -5.44
C GLU A 65 3.29 1.85 -4.92
N LEU A 66 3.99 0.75 -4.69
CA LEU A 66 5.36 0.79 -4.19
C LEU A 66 6.34 0.30 -5.24
N HIS A 67 7.04 1.25 -5.87
CA HIS A 67 8.02 0.91 -6.91
C HIS A 67 9.30 0.36 -6.28
N ILE A 68 9.62 -0.90 -6.58
CA ILE A 68 10.81 -1.53 -6.05
C ILE A 68 11.75 -1.96 -7.17
N GLN A 69 12.93 -1.35 -7.22
CA GLN A 69 13.91 -1.68 -8.24
C GLN A 69 14.99 -2.60 -7.70
N ASP A 70 15.71 -3.27 -8.60
CA ASP A 70 16.78 -4.18 -8.20
C ASP A 70 16.27 -5.18 -7.16
N ALA A 71 15.16 -5.85 -7.47
CA ALA A 71 14.58 -6.83 -6.56
C ALA A 71 15.60 -7.90 -6.18
N LEU A 72 16.28 -7.69 -5.06
CA LEU A 72 17.29 -8.63 -4.59
C LEU A 72 16.62 -9.83 -3.91
N PRO A 73 17.34 -10.97 -3.90
CA PRO A 73 16.84 -12.20 -3.28
C PRO A 73 16.78 -12.11 -1.76
N GLU A 74 17.13 -10.94 -1.23
CA GLU A 74 17.11 -10.73 0.21
C GLU A 74 16.08 -9.67 0.59
N ASP A 75 15.32 -9.22 -0.40
CA ASP A 75 14.29 -8.21 -0.17
C ASP A 75 12.92 -8.86 0.03
N HIS A 76 12.70 -9.99 -0.63
CA HIS A 76 11.44 -10.71 -0.53
C HIS A 76 11.00 -10.83 0.93
N GLY A 77 9.70 -10.84 1.14
CA GLY A 77 9.16 -10.95 2.49
C GLY A 77 7.65 -10.79 2.54
N THR A 78 7.18 -9.97 3.47
CA THR A 78 5.76 -9.74 3.63
C THR A 78 5.45 -8.25 3.67
N TYR A 79 4.97 -7.71 2.55
CA TYR A 79 4.63 -6.29 2.47
C TYR A 79 3.21 -6.04 2.96
N THR A 80 3.11 -5.32 4.09
CA THR A 80 1.81 -5.01 4.66
C THR A 80 1.52 -3.52 4.57
N CYS A 81 0.59 -3.16 3.68
CA CYS A 81 0.21 -1.76 3.50
C CYS A 81 -0.83 -1.34 4.53
N LEU A 82 -0.43 -0.43 5.42
CA LEU A 82 -1.32 0.06 6.45
C LEU A 82 -1.99 1.37 6.03
N ALA A 83 -3.32 1.39 6.10
CA ALA A 83 -4.08 2.58 5.72
C ALA A 83 -5.12 2.93 6.78
N GLU A 84 -4.82 3.94 7.59
CA GLU A 84 -5.72 4.38 8.65
C GLU A 84 -5.92 5.88 8.62
N ASN A 85 -7.14 6.33 8.87
CA ASN A 85 -7.46 7.74 8.88
C ASN A 85 -8.15 8.15 10.18
N ALA A 86 -8.58 9.40 10.25
CA ALA A 86 -9.26 9.92 11.43
C ALA A 86 -10.61 9.24 11.62
N LEU A 87 -10.98 8.38 10.68
CA LEU A 87 -12.25 7.66 10.75
C LEU A 87 -12.04 6.21 11.16
N GLY A 88 -11.56 5.40 10.23
CA GLY A 88 -11.32 4.00 10.52
C GLY A 88 -9.87 3.61 10.35
N GLN A 89 -9.60 2.31 10.25
CA GLN A 89 -8.24 1.81 10.07
C GLN A 89 -8.25 0.40 9.51
N VAL A 90 -7.43 0.18 8.49
CA VAL A 90 -7.34 -1.13 7.85
C VAL A 90 -5.90 -1.44 7.42
N SER A 91 -5.58 -2.72 7.34
CA SER A 91 -4.23 -3.15 6.95
C SER A 91 -4.29 -4.49 6.23
N CYS A 92 -3.58 -4.58 5.11
CA CYS A 92 -3.54 -5.81 4.32
C CYS A 92 -2.11 -6.32 4.18
N SER A 93 -1.97 -7.64 4.03
CA SER A 93 -0.66 -8.25 3.90
C SER A 93 -0.63 -9.20 2.70
N ALA A 94 0.55 -9.32 2.09
CA ALA A 94 0.73 -10.20 0.93
C ALA A 94 2.12 -10.80 0.91
N TRP A 95 2.27 -11.89 0.16
CA TRP A 95 3.56 -12.57 0.04
C TRP A 95 4.18 -12.36 -1.33
N VAL A 96 5.48 -12.10 -1.36
CA VAL A 96 6.18 -11.88 -2.61
C VAL A 96 7.41 -12.78 -2.72
N THR A 97 7.65 -13.29 -3.93
CA THR A 97 8.79 -14.17 -4.16
C THR A 97 9.73 -13.59 -5.21
N VAL A 98 11.03 -13.70 -4.96
CA VAL A 98 12.04 -13.18 -5.89
C VAL A 98 13.06 -14.25 -6.24
N HIS A 99 12.93 -14.81 -7.43
CA HIS A 99 13.85 -15.84 -7.90
C HIS A 99 15.27 -15.32 -7.98
N GLY A 1 -17.49 33.35 5.18
CA GLY A 1 -18.39 32.25 4.90
C GLY A 1 -17.86 30.93 5.41
N SER A 2 -17.83 29.93 4.52
CA SER A 2 -17.34 28.60 4.88
C SER A 2 -18.05 28.09 6.13
N SER A 3 -19.37 28.27 6.18
CA SER A 3 -20.16 27.82 7.32
C SER A 3 -20.50 26.34 7.20
N GLY A 4 -19.51 25.54 6.82
CA GLY A 4 -19.73 24.11 6.67
C GLY A 4 -18.81 23.49 5.63
N SER A 5 -18.02 22.52 6.06
CA SER A 5 -17.09 21.84 5.17
C SER A 5 -17.84 21.02 4.11
N SER A 6 -17.52 21.27 2.85
CA SER A 6 -18.17 20.56 1.75
C SER A 6 -17.43 19.27 1.43
N GLY A 7 -18.17 18.16 1.42
CA GLY A 7 -17.57 16.87 1.13
C GLY A 7 -17.57 15.95 2.33
N MET A 8 -18.37 14.89 2.27
CA MET A 8 -18.47 13.93 3.36
C MET A 8 -17.26 13.00 3.36
N GLU A 9 -16.88 12.54 4.55
CA GLU A 9 -15.74 11.63 4.68
C GLU A 9 -16.20 10.18 4.74
N VAL A 10 -15.24 9.26 4.73
CA VAL A 10 -15.55 7.84 4.78
C VAL A 10 -14.42 7.05 5.43
N ALA A 11 -14.72 5.83 5.83
CA ALA A 11 -13.73 4.98 6.48
C ALA A 11 -12.82 4.31 5.45
N PRO A 12 -11.57 4.03 5.85
CA PRO A 12 -10.58 3.40 4.98
C PRO A 12 -10.91 1.93 4.69
N SER A 13 -10.43 1.43 3.55
CA SER A 13 -10.69 0.05 3.17
C SER A 13 -9.83 -0.33 1.95
N PHE A 14 -9.82 -1.62 1.64
CA PHE A 14 -9.06 -2.12 0.51
C PHE A 14 -9.96 -2.87 -0.48
N SER A 15 -10.12 -2.30 -1.67
CA SER A 15 -10.97 -2.90 -2.70
C SER A 15 -10.27 -4.11 -3.32
N SER A 16 -8.97 -3.95 -3.61
CA SER A 16 -8.20 -5.02 -4.23
C SER A 16 -6.87 -5.20 -3.50
N VAL A 17 -6.91 -5.88 -2.36
CA VAL A 17 -5.72 -6.13 -1.56
C VAL A 17 -4.56 -6.60 -2.44
N LEU A 18 -3.36 -6.62 -1.87
CA LEU A 18 -2.17 -7.05 -2.60
C LEU A 18 -2.23 -8.55 -2.90
N LYS A 19 -1.69 -8.94 -4.04
CA LYS A 19 -1.67 -10.34 -4.44
C LYS A 19 -0.24 -10.80 -4.72
N ASP A 20 0.02 -12.08 -4.44
CA ASP A 20 1.34 -12.66 -4.66
C ASP A 20 1.86 -12.34 -6.07
N CYS A 21 3.16 -12.15 -6.18
CA CYS A 21 3.77 -11.83 -7.47
C CYS A 21 5.18 -12.40 -7.55
N ALA A 22 5.56 -12.88 -8.74
CA ALA A 22 6.88 -13.45 -8.95
C ALA A 22 7.75 -12.52 -9.78
N VAL A 23 9.02 -12.39 -9.39
CA VAL A 23 9.96 -11.53 -10.10
C VAL A 23 11.38 -12.07 -10.02
N ILE A 24 12.18 -11.79 -11.04
CA ILE A 24 13.56 -12.26 -11.09
C ILE A 24 14.49 -11.26 -10.42
N GLU A 25 15.60 -11.76 -9.86
CA GLU A 25 16.57 -10.92 -9.19
C GLU A 25 17.08 -9.83 -10.13
N GLY A 26 17.19 -8.60 -9.62
CA GLY A 26 17.67 -7.50 -10.43
C GLY A 26 16.55 -6.77 -11.14
N GLN A 27 15.43 -7.46 -11.35
CA GLN A 27 14.28 -6.87 -12.03
C GLN A 27 13.61 -5.83 -11.13
N ASP A 28 12.67 -5.08 -11.71
CA ASP A 28 11.96 -4.05 -10.98
C ASP A 28 10.46 -4.34 -10.95
N PHE A 29 9.89 -4.37 -9.75
CA PHE A 29 8.47 -4.65 -9.59
C PHE A 29 7.77 -3.51 -8.85
N VAL A 30 6.54 -3.20 -9.25
CA VAL A 30 5.77 -2.14 -8.63
C VAL A 30 4.45 -2.66 -8.08
N LEU A 31 4.41 -2.89 -6.77
CA LEU A 31 3.21 -3.39 -6.11
C LEU A 31 2.07 -2.38 -6.23
N GLN A 32 1.02 -2.76 -6.97
CA GLN A 32 -0.14 -1.89 -7.16
C GLN A 32 -1.36 -2.45 -6.43
N CYS A 33 -2.00 -1.60 -5.64
CA CYS A 33 -3.19 -2.01 -4.89
C CYS A 33 -4.21 -0.87 -4.84
N SER A 34 -5.49 -1.24 -4.70
CA SER A 34 -6.56 -0.26 -4.64
C SER A 34 -7.05 -0.07 -3.22
N VAL A 35 -6.98 1.17 -2.73
CA VAL A 35 -7.42 1.49 -1.37
C VAL A 35 -8.37 2.67 -1.36
N ARG A 36 -9.48 2.53 -0.65
CA ARG A 36 -10.47 3.60 -0.56
C ARG A 36 -10.41 4.29 0.80
N GLY A 37 -11.28 5.27 1.01
CA GLY A 37 -11.31 5.99 2.26
C GLY A 37 -11.29 7.49 2.07
N THR A 38 -11.58 8.23 3.14
CA THR A 38 -11.61 9.68 3.08
C THR A 38 -11.58 10.30 4.47
N PRO A 39 -10.61 11.19 4.72
CA PRO A 39 -9.61 11.56 3.71
C PRO A 39 -8.64 10.43 3.39
N VAL A 40 -7.77 10.66 2.41
CA VAL A 40 -6.79 9.65 2.03
C VAL A 40 -6.01 9.14 3.23
N PRO A 41 -6.08 7.83 3.47
CA PRO A 41 -5.38 7.19 4.59
C PRO A 41 -3.87 7.17 4.41
N ARG A 42 -3.14 7.14 5.51
CA ARG A 42 -1.68 7.12 5.47
C ARG A 42 -1.18 5.82 4.87
N ILE A 43 -0.41 5.93 3.79
CA ILE A 43 0.14 4.76 3.12
C ILE A 43 1.53 4.42 3.64
N THR A 44 1.61 3.37 4.45
CA THR A 44 2.88 2.95 5.03
C THR A 44 3.11 1.45 4.81
N TRP A 45 4.18 1.12 4.09
CA TRP A 45 4.51 -0.26 3.80
C TRP A 45 5.46 -0.82 4.85
N LEU A 46 5.28 -2.09 5.20
CA LEU A 46 6.13 -2.74 6.19
C LEU A 46 6.58 -4.12 5.70
N LEU A 47 7.87 -4.40 5.84
CA LEU A 47 8.43 -5.67 5.42
C LEU A 47 9.03 -6.42 6.60
N ASN A 48 8.57 -7.65 6.81
CA ASN A 48 9.07 -8.48 7.91
C ASN A 48 8.84 -7.79 9.25
N GLY A 49 7.76 -7.01 9.33
CA GLY A 49 7.44 -6.31 10.56
C GLY A 49 8.34 -5.11 10.80
N GLN A 50 8.73 -4.45 9.71
CA GLN A 50 9.60 -3.28 9.81
C GLN A 50 9.26 -2.27 8.72
N PRO A 51 9.30 -0.97 9.08
CA PRO A 51 9.00 0.12 8.16
C PRO A 51 10.08 0.28 7.09
N ILE A 52 9.65 0.47 5.84
CA ILE A 52 10.57 0.65 4.73
C ILE A 52 10.98 2.10 4.57
N GLN A 53 12.29 2.37 4.64
CA GLN A 53 12.81 3.72 4.50
C GLN A 53 12.95 4.10 3.04
N TYR A 54 13.58 3.23 2.26
CA TYR A 54 13.79 3.48 0.84
C TYR A 54 12.56 3.06 0.03
N ALA A 55 11.38 3.38 0.55
CA ALA A 55 10.13 3.05 -0.12
C ALA A 55 9.58 4.25 -0.89
N ARG A 56 9.88 4.30 -2.18
CA ARG A 56 9.41 5.41 -3.02
C ARG A 56 7.96 5.18 -3.45
N SER A 57 7.12 4.81 -2.49
CA SER A 57 5.70 4.56 -2.76
C SER A 57 5.02 5.84 -3.26
N THR A 58 3.95 5.66 -4.02
CA THR A 58 3.20 6.79 -4.56
C THR A 58 1.70 6.48 -4.59
N CYS A 59 0.93 7.30 -3.89
CA CYS A 59 -0.53 7.12 -3.84
C CYS A 59 -1.22 8.08 -4.80
N GLU A 60 -1.87 7.51 -5.82
CA GLU A 60 -2.57 8.32 -6.82
C GLU A 60 -4.01 7.82 -7.00
N ALA A 61 -4.95 8.76 -7.00
CA ALA A 61 -6.36 8.42 -7.17
C ALA A 61 -6.71 7.15 -6.40
N GLY A 62 -6.30 7.10 -5.13
CA GLY A 62 -6.59 5.94 -4.31
C GLY A 62 -5.90 4.68 -4.82
N VAL A 63 -4.73 4.87 -5.44
CA VAL A 63 -3.97 3.74 -5.97
C VAL A 63 -2.58 3.67 -5.35
N ALA A 64 -2.44 2.89 -4.29
CA ALA A 64 -1.16 2.74 -3.61
C ALA A 64 -0.16 1.98 -4.49
N GLU A 65 1.02 2.56 -4.65
CA GLU A 65 2.06 1.95 -5.47
C GLU A 65 3.39 1.92 -4.72
N LEU A 66 4.19 0.89 -4.97
CA LEU A 66 5.49 0.75 -4.33
C LEU A 66 6.56 0.36 -5.34
N HIS A 67 7.34 1.35 -5.78
CA HIS A 67 8.41 1.12 -6.75
C HIS A 67 9.63 0.50 -6.06
N ILE A 68 9.92 -0.75 -6.40
CA ILE A 68 11.06 -1.45 -5.82
C ILE A 68 12.01 -1.94 -6.91
N GLN A 69 13.07 -1.16 -7.15
CA GLN A 69 14.06 -1.51 -8.16
C GLN A 69 15.11 -2.46 -7.59
N ASP A 70 15.75 -3.22 -8.47
CA ASP A 70 16.78 -4.17 -8.05
C ASP A 70 16.24 -5.15 -7.01
N ALA A 71 15.11 -5.77 -7.35
CA ALA A 71 14.49 -6.74 -6.45
C ALA A 71 15.43 -7.89 -6.13
N LEU A 72 16.15 -7.78 -5.01
CA LEU A 72 17.09 -8.80 -4.60
C LEU A 72 16.36 -9.97 -3.91
N PRO A 73 17.01 -11.14 -3.91
CA PRO A 73 16.44 -12.34 -3.29
C PRO A 73 16.40 -12.25 -1.77
N GLU A 74 16.95 -11.17 -1.23
CA GLU A 74 16.99 -10.96 0.21
C GLU A 74 15.73 -10.23 0.68
N ASP A 75 15.10 -9.50 -0.24
CA ASP A 75 13.89 -8.76 0.08
C ASP A 75 12.69 -9.69 0.22
N HIS A 76 12.73 -10.82 -0.49
CA HIS A 76 11.66 -11.80 -0.44
C HIS A 76 11.12 -11.95 0.98
N GLY A 77 9.96 -11.36 1.24
CA GLY A 77 9.36 -11.45 2.56
C GLY A 77 7.86 -11.23 2.53
N THR A 78 7.37 -10.42 3.46
CA THR A 78 5.95 -10.13 3.55
C THR A 78 5.69 -8.63 3.67
N TYR A 79 5.06 -8.06 2.65
CA TYR A 79 4.76 -6.63 2.63
C TYR A 79 3.42 -6.35 3.28
N THR A 80 3.30 -5.20 3.94
CA THR A 80 2.07 -4.82 4.61
C THR A 80 1.81 -3.32 4.48
N CYS A 81 0.82 -2.96 3.68
CA CYS A 81 0.48 -1.56 3.47
C CYS A 81 -0.65 -1.13 4.38
N LEU A 82 -0.32 -0.36 5.41
CA LEU A 82 -1.30 0.11 6.37
C LEU A 82 -1.97 1.40 5.88
N ALA A 83 -3.27 1.51 6.12
CA ALA A 83 -4.02 2.70 5.70
C ALA A 83 -5.09 3.06 6.72
N GLU A 84 -4.83 4.13 7.48
CA GLU A 84 -5.77 4.59 8.49
C GLU A 84 -5.99 6.10 8.40
N ASN A 85 -7.20 6.53 8.73
CA ASN A 85 -7.54 7.94 8.68
C ASN A 85 -8.31 8.36 9.93
N ALA A 86 -8.75 9.62 9.94
CA ALA A 86 -9.51 10.14 11.08
C ALA A 86 -10.83 9.38 11.25
N LEU A 87 -11.22 8.65 10.22
CA LEU A 87 -12.46 7.88 10.26
C LEU A 87 -12.22 6.49 10.84
N GLY A 88 -11.61 5.62 10.03
CA GLY A 88 -11.34 4.26 10.48
C GLY A 88 -9.88 3.89 10.30
N GLN A 89 -9.61 2.58 10.26
CA GLN A 89 -8.25 2.09 10.10
C GLN A 89 -8.25 0.65 9.56
N VAL A 90 -7.47 0.43 8.51
CA VAL A 90 -7.37 -0.91 7.91
C VAL A 90 -5.93 -1.24 7.55
N SER A 91 -5.63 -2.53 7.49
CA SER A 91 -4.29 -2.99 7.16
C SER A 91 -4.34 -4.26 6.31
N CYS A 92 -3.43 -4.35 5.33
CA CYS A 92 -3.38 -5.51 4.45
C CYS A 92 -1.94 -5.98 4.26
N SER A 93 -1.78 -7.19 3.77
CA SER A 93 -0.46 -7.76 3.54
C SER A 93 -0.44 -8.62 2.28
N ALA A 94 0.76 -9.03 1.86
CA ALA A 94 0.90 -9.86 0.68
C ALA A 94 2.18 -10.70 0.75
N TRP A 95 2.29 -11.66 -0.17
CA TRP A 95 3.47 -12.53 -0.20
C TRP A 95 4.18 -12.42 -1.54
N VAL A 96 5.33 -11.77 -1.54
CA VAL A 96 6.11 -11.60 -2.77
C VAL A 96 7.34 -12.49 -2.76
N THR A 97 7.59 -13.16 -3.89
CA THR A 97 8.73 -14.06 -4.01
C THR A 97 9.62 -13.64 -5.17
N VAL A 98 10.94 -13.73 -4.96
CA VAL A 98 11.90 -13.36 -6.00
C VAL A 98 12.65 -14.59 -6.48
N HIS A 99 12.48 -14.92 -7.77
CA HIS A 99 13.15 -16.07 -8.36
C HIS A 99 14.65 -16.05 -8.04
N GLY A 1 -18.50 22.96 4.65
CA GLY A 1 -17.98 24.09 3.89
C GLY A 1 -19.08 24.82 3.13
N SER A 2 -19.82 25.67 3.82
CA SER A 2 -20.91 26.42 3.21
C SER A 2 -21.72 25.53 2.28
N SER A 3 -22.01 24.32 2.73
CA SER A 3 -22.78 23.36 1.94
C SER A 3 -23.95 22.81 2.74
N GLY A 4 -24.95 22.29 2.04
CA GLY A 4 -26.11 21.73 2.71
C GLY A 4 -25.91 20.28 3.10
N SER A 5 -25.72 19.42 2.11
CA SER A 5 -25.53 18.00 2.36
C SER A 5 -24.13 17.56 1.92
N SER A 6 -23.14 17.81 2.76
CA SER A 6 -21.76 17.45 2.47
C SER A 6 -21.51 15.97 2.76
N GLY A 7 -21.27 15.19 1.71
CA GLY A 7 -21.01 13.77 1.87
C GLY A 7 -20.22 13.46 3.13
N MET A 8 -20.78 12.62 3.99
CA MET A 8 -20.13 12.24 5.23
C MET A 8 -18.82 11.49 4.95
N GLU A 9 -17.84 11.69 5.82
CA GLU A 9 -16.54 11.04 5.67
C GLU A 9 -16.72 9.53 5.47
N VAL A 10 -15.59 8.84 5.35
CA VAL A 10 -15.61 7.38 5.15
C VAL A 10 -14.41 6.72 5.82
N ALA A 11 -14.59 5.48 6.24
CA ALA A 11 -13.52 4.73 6.90
C ALA A 11 -12.56 4.13 5.87
N PRO A 12 -11.34 3.80 6.32
CA PRO A 12 -10.30 3.22 5.46
C PRO A 12 -10.64 1.80 5.03
N SER A 13 -10.23 1.45 3.82
CA SER A 13 -10.49 0.10 3.29
C SER A 13 -9.68 -0.14 2.03
N PHE A 14 -9.76 -1.36 1.51
CA PHE A 14 -9.03 -1.73 0.30
C PHE A 14 -9.97 -2.39 -0.72
N SER A 15 -10.20 -1.68 -1.83
CA SER A 15 -11.08 -2.18 -2.88
C SER A 15 -10.40 -3.31 -3.67
N SER A 16 -9.10 -3.18 -3.87
CA SER A 16 -8.33 -4.18 -4.60
C SER A 16 -7.07 -4.56 -3.84
N VAL A 17 -7.22 -5.41 -2.83
CA VAL A 17 -6.09 -5.86 -2.03
C VAL A 17 -4.94 -6.33 -2.90
N LEU A 18 -3.76 -6.46 -2.30
CA LEU A 18 -2.58 -6.90 -3.03
C LEU A 18 -2.69 -8.38 -3.42
N LYS A 19 -1.97 -8.76 -4.47
CA LYS A 19 -1.99 -10.14 -4.93
C LYS A 19 -0.57 -10.70 -5.03
N ASP A 20 -0.47 -12.02 -5.12
CA ASP A 20 0.83 -12.69 -5.21
C ASP A 20 1.51 -12.35 -6.54
N CYS A 21 2.84 -12.31 -6.51
CA CYS A 21 3.61 -11.99 -7.70
C CYS A 21 4.98 -12.68 -7.66
N ALA A 22 5.75 -12.52 -8.74
CA ALA A 22 7.08 -13.11 -8.81
C ALA A 22 8.03 -12.23 -9.61
N VAL A 23 9.31 -12.31 -9.29
CA VAL A 23 10.32 -11.51 -9.98
C VAL A 23 11.65 -12.25 -10.05
N ILE A 24 12.45 -11.95 -11.08
CA ILE A 24 13.75 -12.59 -11.25
C ILE A 24 14.86 -11.71 -10.68
N GLU A 25 15.92 -12.35 -10.19
CA GLU A 25 17.04 -11.64 -9.61
C GLU A 25 17.60 -10.62 -10.61
N GLY A 26 17.49 -9.34 -10.26
CA GLY A 26 17.98 -8.29 -11.13
C GLY A 26 16.85 -7.51 -11.79
N GLN A 27 15.65 -8.07 -11.74
CA GLN A 27 14.48 -7.42 -12.34
C GLN A 27 13.84 -6.45 -11.36
N ASP A 28 12.72 -5.86 -11.77
CA ASP A 28 11.99 -4.93 -10.92
C ASP A 28 10.53 -5.31 -10.81
N PHE A 29 9.88 -4.84 -9.74
CA PHE A 29 8.46 -5.15 -9.51
C PHE A 29 7.82 -4.09 -8.61
N VAL A 30 6.68 -3.57 -9.05
CA VAL A 30 5.97 -2.56 -8.28
C VAL A 30 4.57 -3.04 -7.91
N LEU A 31 4.38 -3.31 -6.63
CA LEU A 31 3.07 -3.78 -6.14
C LEU A 31 2.02 -2.70 -6.29
N GLN A 32 1.02 -2.97 -7.13
CA GLN A 32 -0.07 -2.02 -7.35
C GLN A 32 -1.36 -2.50 -6.71
N CYS A 33 -2.00 -1.61 -5.96
CA CYS A 33 -3.25 -1.95 -5.28
C CYS A 33 -4.21 -0.76 -5.28
N SER A 34 -5.41 -0.96 -4.73
CA SER A 34 -6.41 0.10 -4.67
C SER A 34 -6.87 0.31 -3.23
N VAL A 35 -6.66 1.53 -2.73
CA VAL A 35 -7.06 1.87 -1.37
C VAL A 35 -8.07 3.01 -1.36
N ARG A 36 -9.10 2.87 -0.53
CA ARG A 36 -10.14 3.89 -0.43
C ARG A 36 -10.20 4.46 0.99
N GLY A 37 -11.12 5.39 1.21
CA GLY A 37 -11.28 5.99 2.52
C GLY A 37 -11.31 7.51 2.45
N THR A 38 -12.13 8.12 3.31
CA THR A 38 -12.26 9.57 3.35
C THR A 38 -12.20 10.09 4.77
N PRO A 39 -11.24 10.99 5.05
CA PRO A 39 -10.29 11.45 4.03
C PRO A 39 -9.29 10.37 3.63
N VAL A 40 -8.56 10.62 2.56
CA VAL A 40 -7.57 9.65 2.07
C VAL A 40 -6.65 9.19 3.19
N PRO A 41 -6.64 7.88 3.44
CA PRO A 41 -5.81 7.29 4.49
C PRO A 41 -4.32 7.32 4.14
N ARG A 42 -3.48 7.35 5.17
CA ARG A 42 -2.04 7.40 4.98
C ARG A 42 -1.52 6.07 4.43
N ILE A 43 -0.50 6.15 3.58
CA ILE A 43 0.09 4.95 2.99
C ILE A 43 1.46 4.65 3.58
N THR A 44 1.56 3.52 4.27
CA THR A 44 2.82 3.12 4.89
C THR A 44 3.09 1.63 4.67
N TRP A 45 4.19 1.32 4.00
CA TRP A 45 4.57 -0.05 3.72
C TRP A 45 5.62 -0.54 4.70
N LEU A 46 5.53 -1.81 5.09
CA LEU A 46 6.48 -2.39 6.03
C LEU A 46 6.82 -3.83 5.63
N LEU A 47 8.05 -4.25 5.94
CA LEU A 47 8.49 -5.60 5.63
C LEU A 47 8.38 -6.51 6.84
N ASN A 48 7.25 -7.19 6.97
CA ASN A 48 7.02 -8.09 8.09
C ASN A 48 7.68 -7.58 9.36
N GLY A 49 7.52 -6.28 9.61
CA GLY A 49 8.11 -5.68 10.80
C GLY A 49 7.99 -4.17 10.80
N GLN A 50 9.11 -3.49 10.59
CA GLN A 50 9.14 -2.03 10.58
C GLN A 50 8.85 -1.50 9.18
N PRO A 51 8.44 -0.22 9.10
CA PRO A 51 8.13 0.43 7.82
C PRO A 51 9.37 0.68 6.98
N ILE A 52 9.29 0.34 5.70
CA ILE A 52 10.41 0.53 4.78
C ILE A 52 10.72 2.01 4.58
N GLN A 53 11.94 2.41 4.92
CA GLN A 53 12.35 3.79 4.78
C GLN A 53 12.66 4.12 3.33
N TYR A 54 13.39 3.23 2.67
CA TYR A 54 13.74 3.43 1.26
C TYR A 54 12.61 3.01 0.34
N ALA A 55 11.39 3.43 0.68
CA ALA A 55 10.22 3.09 -0.12
C ALA A 55 9.69 4.31 -0.86
N ARG A 56 9.94 4.37 -2.16
CA ARG A 56 9.48 5.49 -2.98
C ARG A 56 8.04 5.30 -3.42
N SER A 57 7.21 4.79 -2.51
CA SER A 57 5.80 4.55 -2.80
C SER A 57 5.10 5.86 -3.18
N THR A 58 4.15 5.76 -4.11
CA THR A 58 3.41 6.92 -4.56
C THR A 58 1.96 6.56 -4.86
N CYS A 59 1.03 7.17 -4.13
CA CYS A 59 -0.40 6.91 -4.32
C CYS A 59 -1.00 7.93 -5.28
N GLU A 60 -1.43 7.45 -6.44
CA GLU A 60 -2.04 8.31 -7.45
C GLU A 60 -3.54 8.08 -7.54
N ALA A 61 -4.31 9.04 -7.04
CA ALA A 61 -5.76 8.95 -7.07
C ALA A 61 -6.24 7.73 -6.28
N GLY A 62 -5.59 7.45 -5.16
CA GLY A 62 -5.96 6.30 -4.35
C GLY A 62 -5.26 5.04 -4.78
N VAL A 63 -4.43 5.13 -5.82
CA VAL A 63 -3.70 3.99 -6.32
C VAL A 63 -2.33 3.87 -5.67
N ALA A 64 -2.28 3.16 -4.54
CA ALA A 64 -1.02 2.98 -3.82
C ALA A 64 -0.10 2.02 -4.55
N GLU A 65 1.11 2.48 -4.86
CA GLU A 65 2.09 1.66 -5.57
C GLU A 65 3.46 1.75 -4.91
N LEU A 66 4.17 0.63 -4.88
CA LEU A 66 5.51 0.59 -4.28
C LEU A 66 6.54 0.08 -5.28
N HIS A 67 7.23 1.02 -5.92
CA HIS A 67 8.25 0.67 -6.91
C HIS A 67 9.45 0.01 -6.22
N ILE A 68 9.76 -1.22 -6.63
CA ILE A 68 10.88 -1.94 -6.07
C ILE A 68 11.86 -2.40 -7.15
N GLN A 69 12.89 -1.60 -7.38
CA GLN A 69 13.89 -1.92 -8.38
C GLN A 69 14.99 -2.80 -7.81
N ASP A 70 15.76 -3.43 -8.69
CA ASP A 70 16.85 -4.31 -8.27
C ASP A 70 16.37 -5.31 -7.22
N ALA A 71 15.26 -5.98 -7.51
CA ALA A 71 14.69 -6.97 -6.59
C ALA A 71 15.75 -7.97 -6.16
N LEU A 72 16.27 -7.77 -4.95
CA LEU A 72 17.29 -8.67 -4.41
C LEU A 72 16.65 -9.83 -3.65
N PRO A 73 17.38 -10.95 -3.58
CA PRO A 73 16.91 -12.16 -2.88
C PRO A 73 16.84 -11.97 -1.37
N GLU A 74 17.38 -10.84 -0.90
CA GLU A 74 17.38 -10.55 0.53
C GLU A 74 16.28 -9.55 0.89
N ASP A 75 15.45 -9.23 -0.10
CA ASP A 75 14.35 -8.28 0.11
C ASP A 75 13.02 -9.01 0.19
N HIS A 76 12.92 -10.15 -0.51
CA HIS A 76 11.70 -10.95 -0.51
C HIS A 76 11.14 -11.09 0.91
N GLY A 77 9.82 -11.04 1.02
CA GLY A 77 9.19 -11.17 2.32
C GLY A 77 7.69 -10.99 2.26
N THR A 78 7.14 -10.24 3.21
CA THR A 78 5.70 -9.99 3.26
C THR A 78 5.40 -8.50 3.42
N TYR A 79 4.99 -7.86 2.33
CA TYR A 79 4.68 -6.44 2.35
C TYR A 79 3.32 -6.19 3.01
N THR A 80 3.26 -5.18 3.87
CA THR A 80 2.03 -4.83 4.57
C THR A 80 1.65 -3.38 4.32
N CYS A 81 0.57 -3.17 3.58
CA CYS A 81 0.09 -1.83 3.27
C CYS A 81 -0.89 -1.35 4.33
N LEU A 82 -0.42 -0.48 5.22
CA LEU A 82 -1.26 0.06 6.29
C LEU A 82 -1.95 1.34 5.84
N ALA A 83 -3.23 1.47 6.16
CA ALA A 83 -4.01 2.64 5.80
C ALA A 83 -5.02 2.99 6.89
N GLU A 84 -4.77 4.10 7.59
CA GLU A 84 -5.66 4.54 8.66
C GLU A 84 -5.93 6.03 8.55
N ASN A 85 -7.15 6.44 8.89
CA ASN A 85 -7.54 7.84 8.83
C ASN A 85 -8.14 8.29 10.16
N ALA A 86 -8.63 9.53 10.20
CA ALA A 86 -9.25 10.07 11.40
C ALA A 86 -10.55 9.36 11.73
N LEU A 87 -10.94 8.43 10.87
CA LEU A 87 -12.18 7.67 11.08
C LEU A 87 -11.87 6.25 11.55
N GLY A 88 -11.43 5.40 10.62
CA GLY A 88 -11.11 4.03 10.96
C GLY A 88 -9.67 3.68 10.65
N GLN A 89 -9.39 2.38 10.53
CA GLN A 89 -8.04 1.91 10.23
C GLN A 89 -8.07 0.50 9.66
N VAL A 90 -7.27 0.26 8.63
CA VAL A 90 -7.20 -1.06 8.00
C VAL A 90 -5.78 -1.38 7.55
N SER A 91 -5.43 -2.66 7.55
CA SER A 91 -4.11 -3.09 7.14
C SER A 91 -4.18 -4.45 6.45
N CYS A 92 -3.49 -4.56 5.31
CA CYS A 92 -3.47 -5.80 4.55
C CYS A 92 -2.04 -6.34 4.41
N SER A 93 -1.93 -7.60 4.02
CA SER A 93 -0.62 -8.23 3.86
C SER A 93 -0.56 -9.02 2.55
N ALA A 94 0.66 -9.24 2.07
CA ALA A 94 0.86 -9.99 0.83
C ALA A 94 2.20 -10.72 0.84
N TRP A 95 2.30 -11.76 0.02
CA TRP A 95 3.53 -12.54 -0.06
C TRP A 95 4.19 -12.36 -1.42
N VAL A 96 5.51 -12.12 -1.41
CA VAL A 96 6.27 -11.93 -2.63
C VAL A 96 7.47 -12.86 -2.69
N THR A 97 7.77 -13.38 -3.88
CA THR A 97 8.90 -14.28 -4.05
C THR A 97 9.83 -13.77 -5.14
N VAL A 98 11.14 -13.96 -4.95
CA VAL A 98 12.13 -13.53 -5.91
C VAL A 98 12.96 -14.70 -6.41
N HIS A 99 12.76 -15.07 -7.67
CA HIS A 99 13.49 -16.18 -8.27
C HIS A 99 15.00 -15.96 -8.17
N GLY A 1 -22.87 23.90 9.79
CA GLY A 1 -24.14 23.96 9.08
C GLY A 1 -24.04 24.69 7.77
N SER A 2 -24.34 23.99 6.68
CA SER A 2 -24.28 24.58 5.34
C SER A 2 -25.52 24.24 4.53
N SER A 3 -25.85 25.10 3.57
CA SER A 3 -27.03 24.90 2.72
C SER A 3 -26.61 24.52 1.31
N GLY A 4 -27.43 23.70 0.66
CA GLY A 4 -27.13 23.28 -0.70
C GLY A 4 -26.73 21.83 -0.78
N SER A 5 -25.49 21.53 -0.43
CA SER A 5 -24.98 20.17 -0.46
C SER A 5 -24.06 19.89 0.72
N SER A 6 -23.60 18.65 0.84
CA SER A 6 -22.72 18.25 1.92
C SER A 6 -22.20 16.83 1.72
N GLY A 7 -20.95 16.61 2.11
CA GLY A 7 -20.36 15.29 1.96
C GLY A 7 -19.79 14.76 3.27
N MET A 8 -20.22 13.56 3.65
CA MET A 8 -19.75 12.94 4.88
C MET A 8 -18.53 12.06 4.61
N GLU A 9 -17.53 12.18 5.48
CA GLU A 9 -16.30 11.39 5.34
C GLU A 9 -16.62 9.90 5.30
N VAL A 10 -15.60 9.10 5.01
CA VAL A 10 -15.76 7.65 4.95
C VAL A 10 -14.60 6.93 5.60
N ALA A 11 -14.76 5.63 5.83
CA ALA A 11 -13.71 4.83 6.45
C ALA A 11 -12.77 4.24 5.41
N PRO A 12 -11.52 3.97 5.80
CA PRO A 12 -10.51 3.41 4.91
C PRO A 12 -10.81 1.96 4.54
N SER A 13 -10.53 1.61 3.28
CA SER A 13 -10.78 0.26 2.79
C SER A 13 -9.82 -0.09 1.65
N PHE A 14 -9.74 -1.37 1.32
CA PHE A 14 -8.87 -1.83 0.24
C PHE A 14 -9.68 -2.50 -0.87
N SER A 15 -10.09 -1.70 -1.85
CA SER A 15 -10.88 -2.22 -2.97
C SER A 15 -10.17 -3.39 -3.65
N SER A 16 -8.85 -3.26 -3.80
CA SER A 16 -8.05 -4.30 -4.44
C SER A 16 -6.80 -4.59 -3.62
N VAL A 17 -6.85 -5.65 -2.83
CA VAL A 17 -5.72 -6.04 -2.00
C VAL A 17 -4.55 -6.52 -2.85
N LEU A 18 -3.38 -6.63 -2.23
CA LEU A 18 -2.18 -7.08 -2.94
C LEU A 18 -2.24 -8.58 -3.21
N LYS A 19 -1.57 -9.01 -4.27
CA LYS A 19 -1.55 -10.41 -4.65
C LYS A 19 -0.12 -10.89 -4.90
N ASP A 20 0.24 -12.03 -4.33
CA ASP A 20 1.57 -12.59 -4.49
C ASP A 20 2.08 -12.36 -5.91
N CYS A 21 3.39 -12.36 -6.07
CA CYS A 21 4.01 -12.16 -7.39
C CYS A 21 5.43 -12.73 -7.41
N ALA A 22 5.82 -13.25 -8.57
CA ALA A 22 7.15 -13.83 -8.73
C ALA A 22 7.96 -13.04 -9.75
N VAL A 23 9.14 -12.59 -9.34
CA VAL A 23 10.02 -11.82 -10.20
C VAL A 23 11.39 -12.49 -10.33
N ILE A 24 12.14 -12.09 -11.35
CA ILE A 24 13.47 -12.64 -11.58
C ILE A 24 14.54 -11.82 -10.87
N GLU A 25 15.51 -12.50 -10.27
CA GLU A 25 16.60 -11.84 -9.56
C GLU A 25 17.28 -10.81 -10.46
N GLY A 26 17.28 -9.56 -10.01
CA GLY A 26 17.91 -8.50 -10.79
C GLY A 26 16.90 -7.65 -11.53
N GLN A 27 15.65 -8.12 -11.58
CA GLN A 27 14.59 -7.40 -12.26
C GLN A 27 13.89 -6.43 -11.31
N ASP A 28 12.89 -5.73 -11.83
CA ASP A 28 12.13 -4.77 -11.03
C ASP A 28 10.65 -5.14 -10.99
N PHE A 29 9.95 -4.66 -9.96
CA PHE A 29 8.54 -4.95 -9.80
C PHE A 29 7.87 -3.92 -8.89
N VAL A 30 6.74 -3.38 -9.34
CA VAL A 30 6.01 -2.39 -8.58
C VAL A 30 4.61 -2.89 -8.21
N LEU A 31 4.36 -3.02 -6.92
CA LEU A 31 3.07 -3.48 -6.44
C LEU A 31 1.98 -2.41 -6.63
N GLN A 32 0.76 -2.85 -6.91
CA GLN A 32 -0.35 -1.93 -7.11
C GLN A 32 -1.59 -2.41 -6.37
N CYS A 33 -2.19 -1.52 -5.59
CA CYS A 33 -3.39 -1.85 -4.82
C CYS A 33 -4.34 -0.67 -4.76
N SER A 34 -5.63 -0.96 -4.65
CA SER A 34 -6.65 0.10 -4.59
C SER A 34 -7.02 0.39 -3.14
N VAL A 35 -6.84 1.64 -2.72
CA VAL A 35 -7.17 2.05 -1.37
C VAL A 35 -8.18 3.19 -1.36
N ARG A 36 -9.23 3.03 -0.57
CA ARG A 36 -10.28 4.05 -0.47
C ARG A 36 -10.38 4.59 0.94
N GLY A 37 -11.07 5.72 1.09
CA GLY A 37 -11.23 6.31 2.40
C GLY A 37 -11.21 7.83 2.35
N THR A 38 -11.75 8.46 3.39
CA THR A 38 -11.80 9.92 3.46
C THR A 38 -11.76 10.40 4.91
N PRO A 39 -10.77 11.25 5.22
CA PRO A 39 -9.76 11.69 4.25
C PRO A 39 -8.81 10.58 3.84
N VAL A 40 -7.88 10.90 2.95
CA VAL A 40 -6.90 9.92 2.49
C VAL A 40 -6.14 9.29 3.65
N PRO A 41 -6.21 7.97 3.76
CA PRO A 41 -5.53 7.21 4.83
C PRO A 41 -4.02 7.22 4.66
N ARG A 42 -3.31 7.00 5.76
CA ARG A 42 -1.85 6.99 5.74
C ARG A 42 -1.33 5.71 5.09
N ILE A 43 -0.52 5.86 4.06
CA ILE A 43 0.05 4.73 3.34
C ILE A 43 1.47 4.43 3.82
N THR A 44 1.63 3.31 4.53
CA THR A 44 2.92 2.91 5.05
C THR A 44 3.22 1.45 4.72
N TRP A 45 4.38 1.21 4.12
CA TRP A 45 4.79 -0.14 3.75
C TRP A 45 5.87 -0.66 4.69
N LEU A 46 5.73 -1.91 5.12
CA LEU A 46 6.70 -2.53 6.03
C LEU A 46 6.94 -3.98 5.66
N LEU A 47 8.12 -4.48 5.99
CA LEU A 47 8.48 -5.87 5.69
C LEU A 47 8.28 -6.76 6.91
N ASN A 48 7.07 -7.30 7.04
CA ASN A 48 6.74 -8.17 8.17
C ASN A 48 7.45 -7.72 9.43
N GLY A 49 7.47 -6.42 9.67
CA GLY A 49 8.13 -5.87 10.84
C GLY A 49 8.19 -4.36 10.83
N GLN A 50 9.38 -3.83 10.56
CA GLN A 50 9.57 -2.38 10.52
C GLN A 50 9.27 -1.83 9.13
N PRO A 51 8.85 -0.56 9.07
CA PRO A 51 8.53 0.11 7.81
C PRO A 51 9.76 0.38 6.96
N ILE A 52 9.55 0.81 5.72
CA ILE A 52 10.64 1.11 4.81
C ILE A 52 10.96 2.60 4.80
N GLN A 53 12.24 2.92 4.62
CA GLN A 53 12.67 4.31 4.59
C GLN A 53 12.79 4.82 3.15
N TYR A 54 13.52 4.08 2.33
CA TYR A 54 13.71 4.45 0.93
C TYR A 54 12.56 3.96 0.07
N ALA A 55 11.36 3.90 0.68
CA ALA A 55 10.17 3.45 -0.04
C ALA A 55 9.59 4.56 -0.90
N ARG A 56 9.80 4.47 -2.21
CA ARG A 56 9.29 5.47 -3.13
C ARG A 56 7.83 5.22 -3.46
N SER A 57 7.05 4.88 -2.43
CA SER A 57 5.62 4.61 -2.61
C SER A 57 4.92 5.82 -3.22
N THR A 58 3.85 5.55 -3.97
CA THR A 58 3.09 6.61 -4.62
C THR A 58 1.60 6.27 -4.66
N CYS A 59 0.78 7.14 -4.06
CA CYS A 59 -0.66 6.93 -4.04
C CYS A 59 -1.39 8.07 -4.75
N GLU A 60 -1.87 7.79 -5.96
CA GLU A 60 -2.58 8.79 -6.74
C GLU A 60 -3.97 8.29 -7.12
N ALA A 61 -4.99 9.05 -6.75
CA ALA A 61 -6.37 8.67 -7.06
C ALA A 61 -6.78 7.41 -6.31
N GLY A 62 -6.28 7.27 -5.09
CA GLY A 62 -6.61 6.10 -4.29
C GLY A 62 -5.91 4.85 -4.77
N VAL A 63 -4.88 5.03 -5.59
CA VAL A 63 -4.13 3.90 -6.14
C VAL A 63 -2.71 3.87 -5.58
N ALA A 64 -2.54 3.20 -4.44
CA ALA A 64 -1.23 3.09 -3.81
C ALA A 64 -0.35 2.09 -4.54
N GLU A 65 0.92 2.45 -4.72
CA GLU A 65 1.86 1.57 -5.42
C GLU A 65 3.27 1.73 -4.84
N LEU A 66 4.06 0.67 -4.94
CA LEU A 66 5.43 0.70 -4.43
C LEU A 66 6.41 0.15 -5.47
N HIS A 67 7.22 1.05 -6.02
CA HIS A 67 8.22 0.65 -7.02
C HIS A 67 9.46 0.08 -6.36
N ILE A 68 9.82 -1.14 -6.75
CA ILE A 68 11.00 -1.80 -6.19
C ILE A 68 11.94 -2.26 -7.30
N GLN A 69 13.14 -1.69 -7.32
CA GLN A 69 14.14 -2.04 -8.32
C GLN A 69 15.22 -2.95 -7.73
N ASP A 70 15.95 -3.64 -8.60
CA ASP A 70 17.01 -4.53 -8.16
C ASP A 70 16.47 -5.58 -7.19
N ALA A 71 15.33 -6.16 -7.54
CA ALA A 71 14.70 -7.19 -6.70
C ALA A 71 15.74 -8.20 -6.23
N LEU A 72 16.27 -7.98 -5.04
CA LEU A 72 17.28 -8.88 -4.46
C LEU A 72 16.60 -10.05 -3.74
N PRO A 73 17.33 -11.17 -3.63
CA PRO A 73 16.82 -12.37 -2.97
C PRO A 73 16.71 -12.19 -1.46
N GLU A 74 17.17 -11.05 -0.97
CA GLU A 74 17.12 -10.75 0.47
C GLU A 74 15.89 -9.91 0.80
N ASP A 75 15.10 -9.58 -0.22
CA ASP A 75 13.91 -8.78 -0.03
C ASP A 75 12.67 -9.66 0.09
N HIS A 76 12.73 -10.84 -0.52
CA HIS A 76 11.62 -11.78 -0.47
C HIS A 76 10.99 -11.82 0.92
N GLY A 77 9.90 -11.09 1.09
CA GLY A 77 9.22 -11.05 2.37
C GLY A 77 7.73 -10.80 2.23
N THR A 78 7.15 -10.14 3.22
CA THR A 78 5.73 -9.84 3.21
C THR A 78 5.47 -8.35 3.38
N TYR A 79 5.06 -7.70 2.29
CA TYR A 79 4.79 -6.27 2.31
C TYR A 79 3.43 -5.98 2.95
N THR A 80 3.42 -5.07 3.93
CA THR A 80 2.18 -4.72 4.62
C THR A 80 1.81 -3.26 4.35
N CYS A 81 0.69 -3.06 3.68
CA CYS A 81 0.22 -1.71 3.36
C CYS A 81 -0.86 -1.27 4.35
N LEU A 82 -0.44 -0.50 5.35
CA LEU A 82 -1.37 -0.01 6.37
C LEU A 82 -2.07 1.26 5.89
N ALA A 83 -3.39 1.28 6.00
CA ALA A 83 -4.18 2.43 5.59
C ALA A 83 -5.24 2.78 6.63
N GLU A 84 -4.98 3.84 7.39
CA GLU A 84 -5.92 4.27 8.42
C GLU A 84 -6.11 5.78 8.38
N ASN A 85 -7.24 6.24 8.92
CA ASN A 85 -7.55 7.67 8.94
C ASN A 85 -8.32 8.04 10.20
N ALA A 86 -8.75 9.30 10.28
CA ALA A 86 -9.49 9.78 11.43
C ALA A 86 -10.82 9.04 11.57
N LEU A 87 -11.19 8.28 10.53
CA LEU A 87 -12.43 7.52 10.55
C LEU A 87 -12.19 6.09 11.03
N GLY A 88 -11.60 5.28 10.16
CA GLY A 88 -11.32 3.89 10.51
C GLY A 88 -9.86 3.55 10.35
N GLN A 89 -9.56 2.25 10.30
CA GLN A 89 -8.19 1.78 10.16
C GLN A 89 -8.15 0.36 9.62
N VAL A 90 -7.42 0.16 8.53
CA VAL A 90 -7.30 -1.16 7.92
C VAL A 90 -5.85 -1.45 7.52
N SER A 91 -5.56 -2.72 7.31
CA SER A 91 -4.21 -3.14 6.93
C SER A 91 -4.24 -4.43 6.12
N CYS A 92 -3.32 -4.55 5.17
CA CYS A 92 -3.25 -5.73 4.33
C CYS A 92 -1.81 -6.19 4.15
N SER A 93 -1.63 -7.46 3.81
CA SER A 93 -0.30 -8.03 3.62
C SER A 93 -0.20 -8.77 2.29
N ALA A 94 0.99 -8.79 1.71
CA ALA A 94 1.22 -9.46 0.44
C ALA A 94 2.51 -10.28 0.47
N TRP A 95 2.46 -11.47 -0.12
CA TRP A 95 3.63 -12.34 -0.16
C TRP A 95 4.32 -12.27 -1.52
N VAL A 96 5.46 -11.57 -1.55
CA VAL A 96 6.22 -11.41 -2.79
C VAL A 96 7.47 -12.29 -2.77
N THR A 97 7.61 -13.11 -3.81
CA THR A 97 8.76 -14.01 -3.92
C THR A 97 9.71 -13.55 -5.03
N VAL A 98 11.01 -13.69 -4.77
CA VAL A 98 12.01 -13.28 -5.75
C VAL A 98 12.90 -14.47 -6.15
N HIS A 99 12.84 -14.83 -7.43
CA HIS A 99 13.63 -15.95 -7.93
C HIS A 99 15.11 -15.75 -7.65
N GLY A 1 -31.16 29.61 5.29
CA GLY A 1 -29.78 29.18 5.22
C GLY A 1 -29.63 27.68 5.34
N SER A 2 -28.55 27.24 5.98
CA SER A 2 -28.30 25.81 6.16
C SER A 2 -27.88 25.16 4.85
N SER A 3 -27.19 25.94 4.01
CA SER A 3 -26.73 25.44 2.71
C SER A 3 -25.22 25.24 2.71
N GLY A 4 -24.78 24.10 3.22
CA GLY A 4 -23.36 23.80 3.27
C GLY A 4 -22.95 22.73 2.28
N SER A 5 -21.81 22.92 1.63
CA SER A 5 -21.31 21.96 0.66
C SER A 5 -21.54 20.53 1.14
N SER A 6 -21.66 19.60 0.19
CA SER A 6 -21.88 18.20 0.52
C SER A 6 -20.58 17.41 0.40
N GLY A 7 -19.86 17.29 1.51
CA GLY A 7 -18.61 16.56 1.52
C GLY A 7 -18.49 15.61 2.71
N MET A 8 -19.11 14.45 2.60
CA MET A 8 -19.07 13.47 3.69
C MET A 8 -17.78 12.64 3.62
N GLU A 9 -17.34 12.14 4.77
CA GLU A 9 -16.13 11.33 4.84
C GLU A 9 -16.47 9.84 4.89
N VAL A 10 -15.48 9.01 4.60
CA VAL A 10 -15.66 7.56 4.61
C VAL A 10 -14.52 6.87 5.33
N ALA A 11 -14.67 5.57 5.55
CA ALA A 11 -13.64 4.78 6.23
C ALA A 11 -12.69 4.14 5.22
N PRO A 12 -11.45 3.88 5.65
CA PRO A 12 -10.42 3.27 4.80
C PRO A 12 -10.72 1.80 4.50
N SER A 13 -10.49 1.40 3.26
CA SER A 13 -10.74 0.02 2.85
C SER A 13 -9.90 -0.34 1.63
N PHE A 14 -9.71 -1.64 1.40
CA PHE A 14 -8.93 -2.11 0.27
C PHE A 14 -9.81 -2.87 -0.72
N SER A 15 -10.17 -2.22 -1.81
CA SER A 15 -11.01 -2.83 -2.84
C SER A 15 -10.19 -3.74 -3.74
N SER A 16 -8.94 -3.37 -3.97
CA SER A 16 -8.05 -4.15 -4.82
C SER A 16 -6.81 -4.58 -4.06
N VAL A 17 -7.01 -5.22 -2.91
CA VAL A 17 -5.90 -5.69 -2.08
C VAL A 17 -4.79 -6.29 -2.94
N LEU A 18 -3.61 -6.43 -2.35
CA LEU A 18 -2.46 -6.99 -3.05
C LEU A 18 -2.60 -8.50 -3.19
N LYS A 19 -1.88 -9.07 -4.16
CA LYS A 19 -1.91 -10.50 -4.40
C LYS A 19 -0.50 -11.05 -4.58
N ASP A 20 -0.38 -12.37 -4.49
CA ASP A 20 0.92 -13.03 -4.64
C ASP A 20 1.57 -12.65 -5.96
N CYS A 21 2.75 -12.03 -5.89
CA CYS A 21 3.47 -11.62 -7.08
C CYS A 21 4.80 -12.35 -7.20
N ALA A 22 5.26 -12.55 -8.43
CA ALA A 22 6.52 -13.24 -8.67
C ALA A 22 7.42 -12.43 -9.59
N VAL A 23 8.70 -12.32 -9.23
CA VAL A 23 9.66 -11.57 -10.02
C VAL A 23 10.98 -12.31 -10.12
N ILE A 24 11.80 -11.93 -11.10
CA ILE A 24 13.10 -12.56 -11.31
C ILE A 24 14.20 -11.78 -10.62
N GLU A 25 15.21 -12.49 -10.12
CA GLU A 25 16.33 -11.85 -9.43
C GLU A 25 16.94 -10.75 -10.31
N GLY A 26 16.90 -9.52 -9.81
CA GLY A 26 17.45 -8.40 -10.55
C GLY A 26 16.38 -7.60 -11.27
N GLN A 27 15.29 -8.27 -11.65
CA GLN A 27 14.20 -7.60 -12.35
C GLN A 27 13.53 -6.56 -11.46
N ASP A 28 12.58 -5.82 -12.02
CA ASP A 28 11.87 -4.79 -11.28
C ASP A 28 10.42 -5.18 -11.06
N PHE A 29 9.83 -4.70 -9.98
CA PHE A 29 8.45 -4.99 -9.65
C PHE A 29 7.84 -3.91 -8.75
N VAL A 30 6.64 -3.46 -9.09
CA VAL A 30 5.95 -2.44 -8.32
C VAL A 30 4.60 -2.92 -7.84
N LEU A 31 4.47 -3.12 -6.54
CA LEU A 31 3.22 -3.59 -5.95
C LEU A 31 2.13 -2.52 -6.07
N GLN A 32 1.20 -2.72 -7.00
CA GLN A 32 0.11 -1.78 -7.22
C GLN A 32 -1.20 -2.32 -6.64
N CYS A 33 -1.91 -1.47 -5.91
CA CYS A 33 -3.17 -1.87 -5.31
C CYS A 33 -4.17 -0.72 -5.33
N SER A 34 -5.35 -0.94 -4.76
CA SER A 34 -6.39 0.08 -4.72
C SER A 34 -6.93 0.25 -3.30
N VAL A 35 -6.73 1.43 -2.74
CA VAL A 35 -7.21 1.73 -1.39
C VAL A 35 -8.15 2.92 -1.39
N ARG A 36 -9.38 2.69 -0.95
CA ARG A 36 -10.38 3.75 -0.89
C ARG A 36 -10.53 4.28 0.53
N GLY A 37 -11.07 5.50 0.65
CA GLY A 37 -11.25 6.10 1.95
C GLY A 37 -11.25 7.62 1.89
N THR A 38 -11.64 8.25 3.00
CA THR A 38 -11.69 9.70 3.07
C THR A 38 -11.75 10.18 4.51
N PRO A 39 -10.81 11.07 4.88
CA PRO A 39 -9.77 11.55 3.96
C PRO A 39 -8.76 10.47 3.61
N VAL A 40 -7.86 10.79 2.69
CA VAL A 40 -6.84 9.84 2.27
C VAL A 40 -6.10 9.24 3.46
N PRO A 41 -6.15 7.90 3.57
CA PRO A 41 -5.51 7.17 4.67
C PRO A 41 -3.99 7.20 4.57
N ARG A 42 -3.32 7.05 5.71
CA ARG A 42 -1.87 7.07 5.75
C ARG A 42 -1.29 5.81 5.08
N ILE A 43 -0.49 6.01 4.05
CA ILE A 43 0.12 4.91 3.33
C ILE A 43 1.52 4.59 3.89
N THR A 44 1.62 3.47 4.58
CA THR A 44 2.90 3.06 5.16
C THR A 44 3.19 1.59 4.85
N TRP A 45 4.29 1.35 4.14
CA TRP A 45 4.68 -0.01 3.78
C TRP A 45 5.68 -0.57 4.78
N LEU A 46 5.37 -1.74 5.33
CA LEU A 46 6.25 -2.39 6.30
C LEU A 46 6.75 -3.73 5.78
N LEU A 47 8.06 -3.89 5.75
CA LEU A 47 8.68 -5.13 5.28
C LEU A 47 9.51 -5.78 6.37
N ASN A 48 9.53 -7.11 6.38
CA ASN A 48 10.30 -7.85 7.38
C ASN A 48 9.92 -7.42 8.80
N GLY A 49 8.63 -7.19 9.02
CA GLY A 49 8.16 -6.78 10.33
C GLY A 49 8.71 -5.41 10.73
N GLN A 50 9.20 -4.66 9.74
CA GLN A 50 9.76 -3.34 10.00
C GLN A 50 9.37 -2.36 8.90
N PRO A 51 9.15 -1.10 9.28
CA PRO A 51 8.77 -0.04 8.33
C PRO A 51 9.91 0.33 7.39
N ILE A 52 9.59 0.51 6.12
CA ILE A 52 10.58 0.87 5.12
C ILE A 52 10.84 2.38 5.12
N GLN A 53 12.11 2.75 5.23
CA GLN A 53 12.50 4.16 5.23
C GLN A 53 12.73 4.68 3.82
N TYR A 54 13.22 3.80 2.95
CA TYR A 54 13.49 4.16 1.56
C TYR A 54 12.38 3.65 0.64
N ALA A 55 11.14 3.70 1.14
CA ALA A 55 9.99 3.26 0.37
C ALA A 55 9.42 4.40 -0.46
N ARG A 56 9.82 4.49 -1.72
CA ARG A 56 9.34 5.54 -2.61
C ARG A 56 7.94 5.22 -3.12
N SER A 57 7.03 4.92 -2.20
CA SER A 57 5.67 4.59 -2.55
C SER A 57 4.93 5.81 -3.10
N THR A 58 4.05 5.58 -4.07
CA THR A 58 3.29 6.66 -4.68
C THR A 58 1.80 6.34 -4.68
N CYS A 59 1.03 7.12 -3.91
CA CYS A 59 -0.41 6.92 -3.82
C CYS A 59 -1.15 8.02 -4.59
N GLU A 60 -1.84 7.63 -5.65
CA GLU A 60 -2.60 8.58 -6.46
C GLU A 60 -4.02 8.08 -6.70
N ALA A 61 -4.98 8.98 -6.53
CA ALA A 61 -6.39 8.64 -6.72
C ALA A 61 -6.74 7.33 -6.03
N GLY A 62 -6.18 7.13 -4.84
CA GLY A 62 -6.44 5.91 -4.09
C GLY A 62 -5.72 4.71 -4.66
N VAL A 63 -4.57 4.95 -5.30
CA VAL A 63 -3.79 3.88 -5.89
C VAL A 63 -2.38 3.84 -5.31
N ALA A 64 -2.21 3.06 -4.25
CA ALA A 64 -0.92 2.93 -3.59
C ALA A 64 0.00 2.00 -4.38
N GLU A 65 1.19 2.48 -4.70
CA GLU A 65 2.16 1.69 -5.44
C GLU A 65 3.56 1.81 -4.82
N LEU A 66 4.35 0.74 -4.95
CA LEU A 66 5.70 0.72 -4.40
C LEU A 66 6.69 0.21 -5.44
N HIS A 67 7.39 1.13 -6.08
CA HIS A 67 8.38 0.78 -7.10
C HIS A 67 9.65 0.24 -6.45
N ILE A 68 9.94 -1.03 -6.71
CA ILE A 68 11.14 -1.67 -6.15
C ILE A 68 11.99 -2.27 -7.25
N GLN A 69 13.07 -1.59 -7.59
CA GLN A 69 13.99 -2.06 -8.63
C GLN A 69 15.05 -2.99 -8.04
N ASP A 70 15.74 -3.71 -8.91
CA ASP A 70 16.78 -4.64 -8.48
C ASP A 70 16.25 -5.59 -7.41
N ALA A 71 15.13 -6.24 -7.72
CA ALA A 71 14.52 -7.19 -6.78
C ALA A 71 15.51 -8.28 -6.38
N LEU A 72 16.19 -8.06 -5.26
CA LEU A 72 17.17 -9.02 -4.75
C LEU A 72 16.49 -10.11 -3.93
N PRO A 73 17.15 -11.27 -3.83
CA PRO A 73 16.62 -12.41 -3.08
C PRO A 73 16.63 -12.17 -1.58
N GLU A 74 17.23 -11.05 -1.16
CA GLU A 74 17.30 -10.70 0.25
C GLU A 74 16.22 -9.69 0.61
N ASP A 75 15.58 -9.13 -0.41
CA ASP A 75 14.52 -8.14 -0.19
C ASP A 75 13.18 -8.83 0.03
N HIS A 76 12.98 -9.97 -0.62
CA HIS A 76 11.73 -10.72 -0.49
C HIS A 76 11.34 -10.85 0.98
N GLY A 77 10.05 -10.71 1.25
CA GLY A 77 9.56 -10.82 2.61
C GLY A 77 8.05 -10.73 2.69
N THR A 78 7.55 -9.91 3.62
CA THR A 78 6.12 -9.75 3.80
C THR A 78 5.74 -8.27 3.87
N TYR A 79 5.30 -7.73 2.74
CA TYR A 79 4.90 -6.32 2.66
C TYR A 79 3.53 -6.12 3.29
N THR A 80 3.35 -4.96 3.93
CA THR A 80 2.09 -4.63 4.57
C THR A 80 1.73 -3.17 4.37
N CYS A 81 0.66 -2.92 3.62
CA CYS A 81 0.21 -1.56 3.35
C CYS A 81 -0.84 -1.11 4.37
N LEU A 82 -0.39 -0.38 5.38
CA LEU A 82 -1.28 0.11 6.42
C LEU A 82 -1.98 1.39 5.98
N ALA A 83 -3.28 1.48 6.28
CA ALA A 83 -4.05 2.66 5.92
C ALA A 83 -5.08 2.98 7.00
N GLU A 84 -4.88 4.10 7.69
CA GLU A 84 -5.78 4.52 8.75
C GLU A 84 -6.03 6.03 8.69
N ASN A 85 -7.27 6.43 8.91
CA ASN A 85 -7.65 7.84 8.88
C ASN A 85 -8.40 8.24 10.14
N ALA A 86 -8.92 9.46 10.16
CA ALA A 86 -9.67 9.96 11.31
C ALA A 86 -11.01 9.24 11.44
N LEU A 87 -11.27 8.29 10.56
CA LEU A 87 -12.51 7.53 10.58
C LEU A 87 -12.27 6.08 10.97
N GLY A 88 -11.73 5.31 10.02
CA GLY A 88 -11.45 3.90 10.28
C GLY A 88 -9.99 3.55 10.06
N GLN A 89 -9.68 2.27 10.13
CA GLN A 89 -8.31 1.80 9.93
C GLN A 89 -8.29 0.37 9.38
N VAL A 90 -7.47 0.15 8.35
CA VAL A 90 -7.36 -1.16 7.74
C VAL A 90 -5.91 -1.48 7.38
N SER A 91 -5.63 -2.76 7.18
CA SER A 91 -4.28 -3.19 6.83
C SER A 91 -4.32 -4.42 5.94
N CYS A 92 -3.62 -4.36 4.81
CA CYS A 92 -3.57 -5.47 3.87
C CYS A 92 -2.16 -6.00 3.72
N SER A 93 -2.02 -7.32 3.74
CA SER A 93 -0.70 -7.95 3.61
C SER A 93 -0.63 -8.80 2.35
N ALA A 94 0.59 -9.10 1.91
CA ALA A 94 0.78 -9.91 0.71
C ALA A 94 2.11 -10.67 0.78
N TRP A 95 2.18 -11.79 0.07
CA TRP A 95 3.39 -12.60 0.04
C TRP A 95 4.10 -12.49 -1.30
N VAL A 96 5.23 -11.78 -1.31
CA VAL A 96 6.00 -11.60 -2.54
C VAL A 96 7.22 -12.52 -2.56
N THR A 97 7.49 -13.11 -3.72
CA THR A 97 8.63 -14.01 -3.87
C THR A 97 9.55 -13.53 -4.99
N VAL A 98 10.86 -13.56 -4.71
CA VAL A 98 11.85 -13.13 -5.69
C VAL A 98 12.73 -14.30 -6.12
N HIS A 99 12.63 -14.66 -7.40
CA HIS A 99 13.42 -15.77 -7.94
C HIS A 99 14.89 -15.37 -8.05
N GLY A 1 -21.44 32.09 -0.99
CA GLY A 1 -21.36 30.83 -1.71
C GLY A 1 -22.23 29.74 -1.07
N SER A 2 -21.99 28.50 -1.48
CA SER A 2 -22.77 27.37 -0.95
C SER A 2 -22.20 26.92 0.39
N SER A 3 -23.07 26.84 1.39
CA SER A 3 -22.66 26.41 2.73
C SER A 3 -23.42 25.16 3.16
N GLY A 4 -22.83 24.01 2.93
CA GLY A 4 -23.46 22.76 3.31
C GLY A 4 -23.52 21.77 2.16
N SER A 5 -24.70 21.21 1.91
CA SER A 5 -24.87 20.24 0.84
C SER A 5 -23.71 19.25 0.81
N SER A 6 -23.23 18.88 1.98
CA SER A 6 -22.12 17.94 2.09
C SER A 6 -22.61 16.55 2.53
N GLY A 7 -21.83 15.53 2.19
CA GLY A 7 -22.21 14.17 2.56
C GLY A 7 -21.63 13.76 3.89
N MET A 8 -20.93 12.63 3.91
CA MET A 8 -20.33 12.12 5.13
C MET A 8 -18.99 11.44 4.84
N GLU A 9 -18.05 11.59 5.76
CA GLU A 9 -16.73 10.99 5.60
C GLU A 9 -16.84 9.49 5.30
N VAL A 10 -15.69 8.85 5.13
CA VAL A 10 -15.66 7.42 4.84
C VAL A 10 -14.50 6.74 5.55
N ALA A 11 -14.66 5.45 5.83
CA ALA A 11 -13.63 4.68 6.52
C ALA A 11 -12.67 4.04 5.52
N PRO A 12 -11.47 3.68 6.00
CA PRO A 12 -10.44 3.06 5.17
C PRO A 12 -10.81 1.64 4.74
N SER A 13 -10.63 1.34 3.46
CA SER A 13 -10.95 0.03 2.92
C SER A 13 -10.19 -0.23 1.63
N PHE A 14 -9.72 -1.47 1.47
CA PHE A 14 -8.96 -1.85 0.28
C PHE A 14 -9.89 -2.48 -0.77
N SER A 15 -10.08 -1.77 -1.87
CA SER A 15 -10.94 -2.25 -2.95
C SER A 15 -10.29 -3.41 -3.68
N SER A 16 -8.99 -3.30 -3.92
CA SER A 16 -8.25 -4.34 -4.62
C SER A 16 -6.96 -4.69 -3.87
N VAL A 17 -7.11 -5.44 -2.78
CA VAL A 17 -5.97 -5.85 -1.98
C VAL A 17 -4.85 -6.40 -2.85
N LEU A 18 -3.62 -6.36 -2.33
CA LEU A 18 -2.47 -6.85 -3.07
C LEU A 18 -2.60 -8.35 -3.35
N LYS A 19 -1.81 -8.83 -4.30
CA LYS A 19 -1.84 -10.25 -4.66
C LYS A 19 -0.41 -10.81 -4.76
N ASP A 20 -0.30 -12.13 -4.69
CA ASP A 20 0.99 -12.79 -4.77
C ASP A 20 1.60 -12.63 -6.17
N CYS A 21 2.77 -12.01 -6.22
CA CYS A 21 3.45 -11.78 -7.49
C CYS A 21 4.88 -12.34 -7.44
N ALA A 22 5.34 -12.87 -8.59
CA ALA A 22 6.67 -13.43 -8.67
C ALA A 22 7.57 -12.58 -9.58
N VAL A 23 8.81 -12.39 -9.16
CA VAL A 23 9.76 -11.59 -9.94
C VAL A 23 11.14 -12.25 -9.96
N ILE A 24 11.91 -11.95 -10.99
CA ILE A 24 13.25 -12.52 -11.13
C ILE A 24 14.30 -11.57 -10.56
N GLU A 25 15.32 -12.14 -9.91
CA GLU A 25 16.38 -11.35 -9.32
C GLU A 25 16.87 -10.27 -10.29
N GLY A 26 17.04 -9.06 -9.78
CA GLY A 26 17.49 -7.96 -10.60
C GLY A 26 16.34 -7.17 -11.20
N GLN A 27 15.28 -7.87 -11.60
CA GLN A 27 14.12 -7.22 -12.18
C GLN A 27 13.55 -6.16 -11.25
N ASP A 28 12.48 -5.52 -11.67
CA ASP A 28 11.84 -4.47 -10.87
C ASP A 28 10.33 -4.65 -10.86
N PHE A 29 9.77 -4.88 -9.68
CA PHE A 29 8.33 -5.06 -9.53
C PHE A 29 7.70 -3.89 -8.78
N VAL A 30 6.49 -3.51 -9.18
CA VAL A 30 5.78 -2.40 -8.55
C VAL A 30 4.43 -2.85 -8.03
N LEU A 31 4.36 -3.19 -6.75
CA LEU A 31 3.11 -3.63 -6.14
C LEU A 31 2.07 -2.53 -6.18
N GLN A 32 1.10 -2.66 -7.08
CA GLN A 32 0.03 -1.68 -7.21
C GLN A 32 -1.28 -2.20 -6.62
N CYS A 33 -1.92 -1.36 -5.80
CA CYS A 33 -3.18 -1.75 -5.17
C CYS A 33 -4.13 -0.56 -5.12
N SER A 34 -5.43 -0.86 -4.97
CA SER A 34 -6.45 0.19 -4.91
C SER A 34 -6.99 0.34 -3.49
N VAL A 35 -7.17 1.59 -3.07
CA VAL A 35 -7.68 1.87 -1.74
C VAL A 35 -8.50 3.17 -1.72
N ARG A 36 -9.64 3.12 -1.05
CA ARG A 36 -10.51 4.30 -0.97
C ARG A 36 -10.75 4.69 0.49
N GLY A 37 -11.06 5.96 0.71
CA GLY A 37 -11.31 6.45 2.06
C GLY A 37 -11.24 7.95 2.15
N THR A 38 -12.05 8.53 3.03
CA THR A 38 -12.09 9.97 3.22
C THR A 38 -12.15 10.33 4.70
N PRO A 39 -11.16 11.12 5.16
CA PRO A 39 -10.09 11.61 4.31
C PRO A 39 -9.13 10.51 3.88
N VAL A 40 -8.43 10.72 2.76
CA VAL A 40 -7.49 9.74 2.25
C VAL A 40 -6.64 9.15 3.38
N PRO A 41 -6.61 7.81 3.44
CA PRO A 41 -5.84 7.09 4.47
C PRO A 41 -4.33 7.22 4.27
N ARG A 42 -3.56 6.84 5.28
CA ARG A 42 -2.12 6.92 5.21
C ARG A 42 -1.53 5.61 4.68
N ILE A 43 -0.65 5.73 3.68
CA ILE A 43 -0.02 4.56 3.08
C ILE A 43 1.38 4.35 3.63
N THR A 44 1.57 3.29 4.41
CA THR A 44 2.86 2.98 4.99
C THR A 44 3.25 1.53 4.74
N TRP A 45 4.32 1.33 3.98
CA TRP A 45 4.80 0.00 3.67
C TRP A 45 5.80 -0.48 4.70
N LEU A 46 5.58 -1.68 5.24
CA LEU A 46 6.47 -2.25 6.25
C LEU A 46 6.99 -3.61 5.81
N LEU A 47 8.30 -3.80 5.89
CA LEU A 47 8.93 -5.05 5.49
C LEU A 47 9.44 -5.81 6.71
N ASN A 48 8.69 -6.83 7.12
CA ASN A 48 9.06 -7.64 8.28
C ASN A 48 8.84 -6.87 9.57
N GLY A 49 7.77 -6.08 9.61
CA GLY A 49 7.47 -5.30 10.80
C GLY A 49 8.07 -3.91 10.75
N GLN A 50 9.29 -3.82 10.25
CA GLN A 50 9.99 -2.54 10.15
C GLN A 50 9.66 -1.83 8.84
N PRO A 51 9.55 -0.50 8.90
CA PRO A 51 9.23 0.32 7.73
C PRO A 51 10.37 0.36 6.72
N ILE A 52 10.06 0.72 5.48
CA ILE A 52 11.06 0.79 4.43
C ILE A 52 11.65 2.19 4.33
N GLN A 53 12.98 2.28 4.40
CA GLN A 53 13.66 3.56 4.32
C GLN A 53 13.69 4.08 2.89
N TYR A 54 14.15 3.23 1.96
CA TYR A 54 14.23 3.61 0.56
C TYR A 54 12.97 3.18 -0.19
N ALA A 55 11.81 3.46 0.40
CA ALA A 55 10.53 3.10 -0.21
C ALA A 55 10.00 4.25 -1.05
N ARG A 56 10.27 4.20 -2.36
CA ARG A 56 9.81 5.23 -3.27
C ARG A 56 8.38 4.98 -3.71
N SER A 57 7.51 4.70 -2.74
CA SER A 57 6.10 4.43 -3.02
C SER A 57 5.37 5.72 -3.39
N THR A 58 4.39 5.61 -4.28
CA THR A 58 3.61 6.76 -4.71
C THR A 58 2.13 6.43 -4.75
N CYS A 59 1.37 7.06 -3.87
CA CYS A 59 -0.08 6.84 -3.81
C CYS A 59 -0.84 8.02 -4.41
N GLU A 60 -1.36 7.83 -5.61
CA GLU A 60 -2.11 8.89 -6.29
C GLU A 60 -3.51 8.39 -6.68
N ALA A 61 -4.44 9.32 -6.76
CA ALA A 61 -5.82 8.99 -7.13
C ALA A 61 -6.27 7.69 -6.46
N GLY A 62 -5.93 7.54 -5.18
CA GLY A 62 -6.30 6.35 -4.45
C GLY A 62 -5.65 5.09 -5.02
N VAL A 63 -4.43 5.23 -5.52
CA VAL A 63 -3.70 4.12 -6.09
C VAL A 63 -2.32 3.99 -5.47
N ALA A 64 -2.21 3.18 -4.42
CA ALA A 64 -0.94 2.97 -3.72
C ALA A 64 -0.02 2.06 -4.55
N GLU A 65 1.23 2.47 -4.69
CA GLU A 65 2.20 1.69 -5.44
C GLU A 65 3.56 1.69 -4.74
N LEU A 66 4.27 0.57 -4.84
CA LEU A 66 5.59 0.44 -4.22
C LEU A 66 6.63 0.03 -5.25
N HIS A 67 7.36 1.02 -5.76
CA HIS A 67 8.40 0.76 -6.75
C HIS A 67 9.61 0.10 -6.11
N ILE A 68 9.87 -1.15 -6.49
CA ILE A 68 10.99 -1.90 -5.95
C ILE A 68 11.92 -2.37 -7.07
N GLN A 69 13.00 -1.62 -7.30
CA GLN A 69 13.95 -1.97 -8.33
C GLN A 69 15.06 -2.86 -7.78
N ASP A 70 15.74 -3.57 -8.66
CA ASP A 70 16.82 -4.46 -8.27
C ASP A 70 16.32 -5.49 -7.25
N ALA A 71 15.22 -6.16 -7.57
CA ALA A 71 14.65 -7.16 -6.69
C ALA A 71 15.71 -8.15 -6.22
N LEU A 72 16.15 -8.00 -4.99
CA LEU A 72 17.16 -8.89 -4.42
C LEU A 72 16.52 -10.06 -3.68
N PRO A 73 17.25 -11.18 -3.59
CA PRO A 73 16.77 -12.38 -2.91
C PRO A 73 16.68 -12.21 -1.40
N GLU A 74 17.09 -11.04 -0.92
CA GLU A 74 17.06 -10.74 0.51
C GLU A 74 15.84 -9.90 0.86
N ASP A 75 15.31 -9.19 -0.13
CA ASP A 75 14.13 -8.35 0.07
C ASP A 75 12.89 -9.20 0.27
N HIS A 76 12.89 -10.39 -0.32
CA HIS A 76 11.75 -11.30 -0.21
C HIS A 76 11.24 -11.35 1.22
N GLY A 77 10.01 -10.89 1.42
CA GLY A 77 9.42 -10.90 2.75
C GLY A 77 7.91 -10.79 2.72
N THR A 78 7.35 -9.94 3.58
CA THR A 78 5.91 -9.76 3.65
C THR A 78 5.55 -8.27 3.68
N TYR A 79 5.24 -7.72 2.52
CA TYR A 79 4.87 -6.31 2.41
C TYR A 79 3.45 -6.08 2.90
N THR A 80 3.33 -5.34 4.01
CA THR A 80 2.02 -5.06 4.58
C THR A 80 1.64 -3.59 4.35
N CYS A 81 0.55 -3.38 3.62
CA CYS A 81 0.08 -2.03 3.32
C CYS A 81 -0.99 -1.61 4.32
N LEU A 82 -0.58 -0.83 5.33
CA LEU A 82 -1.51 -0.36 6.35
C LEU A 82 -2.14 0.97 5.94
N ALA A 83 -3.44 1.10 6.18
CA ALA A 83 -4.16 2.32 5.83
C ALA A 83 -5.18 2.68 6.91
N GLU A 84 -4.94 3.78 7.61
CA GLU A 84 -5.84 4.23 8.66
C GLU A 84 -6.08 5.73 8.56
N ASN A 85 -7.30 6.14 8.88
CA ASN A 85 -7.67 7.57 8.83
C ASN A 85 -8.32 8.00 10.13
N ALA A 86 -8.80 9.24 10.16
CA ALA A 86 -9.46 9.78 11.34
C ALA A 86 -10.80 9.09 11.60
N LEU A 87 -11.16 8.17 10.71
CA LEU A 87 -12.41 7.43 10.83
C LEU A 87 -12.16 6.00 11.29
N GLY A 88 -11.69 5.16 10.36
CA GLY A 88 -11.42 3.78 10.70
C GLY A 88 -9.96 3.40 10.44
N GLN A 89 -9.70 2.10 10.34
CA GLN A 89 -8.34 1.62 10.12
C GLN A 89 -8.36 0.19 9.60
N VAL A 90 -7.58 -0.08 8.57
CA VAL A 90 -7.49 -1.41 7.97
C VAL A 90 -6.06 -1.77 7.63
N SER A 91 -5.81 -3.07 7.43
CA SER A 91 -4.48 -3.55 7.09
C SER A 91 -4.55 -4.75 6.16
N CYS A 92 -3.71 -4.74 5.13
CA CYS A 92 -3.68 -5.83 4.16
C CYS A 92 -2.25 -6.27 3.88
N SER A 93 -1.99 -7.56 4.05
CA SER A 93 -0.66 -8.12 3.82
C SER A 93 -0.62 -8.91 2.52
N ALA A 94 0.57 -8.99 1.92
CA ALA A 94 0.76 -9.73 0.68
C ALA A 94 2.03 -10.56 0.71
N TRP A 95 2.14 -11.49 -0.24
CA TRP A 95 3.32 -12.35 -0.32
C TRP A 95 4.09 -12.11 -1.61
N VAL A 96 5.37 -11.80 -1.48
CA VAL A 96 6.22 -11.55 -2.64
C VAL A 96 7.48 -12.41 -2.59
N THR A 97 7.68 -13.22 -3.63
CA THR A 97 8.85 -14.09 -3.71
C THR A 97 9.75 -13.69 -4.87
N VAL A 98 11.05 -13.65 -4.61
CA VAL A 98 12.03 -13.29 -5.64
C VAL A 98 12.79 -14.51 -6.14
N HIS A 99 12.55 -14.88 -7.40
CA HIS A 99 13.22 -16.03 -7.98
C HIS A 99 14.74 -15.86 -7.96
#